data_3GT7
# 
_entry.id   3GT7 
# 
_audit_conform.dict_name       mmcif_pdbx.dic 
_audit_conform.dict_version    5.387 
_audit_conform.dict_location   http://mmcif.pdb.org/dictionaries/ascii/mmcif_pdbx.dic 
# 
loop_
_database_2.database_id 
_database_2.database_code 
_database_2.pdbx_database_accession 
_database_2.pdbx_DOI 
PDB   3GT7         pdb_00003gt7 10.2210/pdb3gt7/pdb 
RCSB  RCSB052276   ?            ?                   
WWPDB D_1000052276 ?            ?                   
# 
loop_
_pdbx_audit_revision_history.ordinal 
_pdbx_audit_revision_history.data_content_type 
_pdbx_audit_revision_history.major_revision 
_pdbx_audit_revision_history.minor_revision 
_pdbx_audit_revision_history.revision_date 
1 'Structure model' 1 0 2009-04-14 
2 'Structure model' 1 1 2011-07-13 
3 'Structure model' 1 2 2017-11-01 
4 'Structure model' 1 3 2018-11-21 
5 'Structure model' 1 4 2021-02-10 
6 'Structure model' 1 5 2024-02-21 
# 
_pdbx_audit_revision_details.ordinal             1 
_pdbx_audit_revision_details.revision_ordinal    1 
_pdbx_audit_revision_details.data_content_type   'Structure model' 
_pdbx_audit_revision_details.provider            repository 
_pdbx_audit_revision_details.type                'Initial release' 
_pdbx_audit_revision_details.description         ? 
_pdbx_audit_revision_details.details             ? 
# 
loop_
_pdbx_audit_revision_group.ordinal 
_pdbx_audit_revision_group.revision_ordinal 
_pdbx_audit_revision_group.data_content_type 
_pdbx_audit_revision_group.group 
1 2 'Structure model' 'Version format compliance' 
2 3 'Structure model' 'Refinement description'    
3 4 'Structure model' 'Data collection'           
4 4 'Structure model' 'Structure summary'         
5 5 'Structure model' 'Database references'       
6 5 'Structure model' 'Structure summary'         
7 6 'Structure model' 'Data collection'           
8 6 'Structure model' 'Database references'       
# 
loop_
_pdbx_audit_revision_category.ordinal 
_pdbx_audit_revision_category.revision_ordinal 
_pdbx_audit_revision_category.data_content_type 
_pdbx_audit_revision_category.category 
1 3 'Structure model' software        
2 4 'Structure model' audit_author    
3 5 'Structure model' audit_author    
4 5 'Structure model' citation_author 
5 6 'Structure model' chem_comp_atom  
6 6 'Structure model' chem_comp_bond  
7 6 'Structure model' database_2      
# 
loop_
_pdbx_audit_revision_item.ordinal 
_pdbx_audit_revision_item.revision_ordinal 
_pdbx_audit_revision_item.data_content_type 
_pdbx_audit_revision_item.item 
1 3 'Structure model' '_software.classification'            
2 3 'Structure model' '_software.name'                      
3 3 'Structure model' '_software.version'                   
4 4 'Structure model' '_audit_author.identifier_ORCID'      
5 5 'Structure model' '_audit_author.identifier_ORCID'      
6 5 'Structure model' '_citation_author.identifier_ORCID'   
7 6 'Structure model' '_database_2.pdbx_DOI'                
8 6 'Structure model' '_database_2.pdbx_database_accession' 
# 
_pdbx_database_status.status_code                     REL 
_pdbx_database_status.entry_id                        3GT7 
_pdbx_database_status.recvd_initial_deposition_date   2009-03-27 
_pdbx_database_status.deposit_site                    RCSB 
_pdbx_database_status.process_site                    RCSB 
_pdbx_database_status.status_code_sf                  REL 
_pdbx_database_status.status_code_mr                  ? 
_pdbx_database_status.SG_entry                        Y 
_pdbx_database_status.pdb_format_compatible           Y 
_pdbx_database_status.status_code_cs                  ? 
_pdbx_database_status.methods_development_category    ? 
_pdbx_database_status.status_code_nmr_data            ? 
# 
_pdbx_database_related.db_name        TargetDB 
_pdbx_database_related.db_id          NYSGXRC-11024a 
_pdbx_database_related.details        . 
_pdbx_database_related.content_type   unspecified 
# 
loop_
_audit_author.name 
_audit_author.pdbx_ordinal 
_audit_author.identifier_ORCID 
'Patskovsky, Y.'                                                 1 ?                   
'Toro, R.'                                                       2 ?                   
'Morano, C.'                                                     3 ?                   
'Freeman, J.'                                                    4 ?                   
'Hu, S.'                                                         5 ?                   
'Sauder, J.M.'                                                   6 0000-0002-0254-4955 
'Burley, S.K.'                                                   7 0000-0002-2487-9713 
'Almo, S.C.'                                                     8 ?                   
'New York SGX Research Center for Structural Genomics (NYSGXRC)' 9 ?                   
# 
_citation.id                        primary 
_citation.title                     
'Crystal Structure of Signal Receiver Domain of Signal Transduction Kinase from Syntrophus Aciditrophicus' 
_citation.journal_abbrev            'To be Published' 
_citation.journal_volume            ? 
_citation.page_first                ? 
_citation.page_last                 ? 
_citation.year                      ? 
_citation.journal_id_ASTM           ? 
_citation.country                   ? 
_citation.journal_id_ISSN           ? 
_citation.journal_id_CSD            0353 
_citation.book_publisher            ? 
_citation.pdbx_database_id_PubMed   ? 
_citation.pdbx_database_id_DOI      ? 
# 
loop_
_citation_author.citation_id 
_citation_author.name 
_citation_author.ordinal 
_citation_author.identifier_ORCID 
primary 'Patskovsky, Y.' 1 ?                   
primary 'Toro, R.'       2 ?                   
primary 'Morano, C.'     3 ?                   
primary 'Freeman, J.'    4 ?                   
primary 'Hu, S.'         5 ?                   
primary 'Sauder, J.M.'   6 ?                   
primary 'Burley, S.K.'   7 0000-0002-2487-9713 
primary 'Almo, S.C.'     8 ?                   
# 
loop_
_entity.id 
_entity.type 
_entity.src_method 
_entity.pdbx_description 
_entity.formula_weight 
_entity.pdbx_number_of_molecules 
_entity.pdbx_ec 
_entity.pdbx_mutation 
_entity.pdbx_fragment 
_entity.details 
1 polymer man 'Sensor protein' 17525.021 1  2.7.13.3 ? 'RESIDUES 8-150' ? 
2 water   nat water            18.015    28 ?        ? ?                ? 
# 
_entity_poly.entity_id                      1 
_entity_poly.type                           'polypeptide(L)' 
_entity_poly.nstd_linkage                   no 
_entity_poly.nstd_monomer                   no 
_entity_poly.pdbx_seq_one_letter_code       
;MSLSNRAGEILIVEDSPTQAEHLKHILEETGYQTEHVRNGREAVRFLSLTRPDLIISDVLMPEMDGYALCRWLKGQPDLR
TIPVILLTILSDPRDVVRSLECGADDFITKPCKDVVLASHVKRLLSGVKRTEERYSRESITLAFGNEGHHHHHH
;
_entity_poly.pdbx_seq_one_letter_code_can   
;MSLSNRAGEILIVEDSPTQAEHLKHILEETGYQTEHVRNGREAVRFLSLTRPDLIISDVLMPEMDGYALCRWLKGQPDLR
TIPVILLTILSDPRDVVRSLECGADDFITKPCKDVVLASHVKRLLSGVKRTEERYSRESITLAFGNEGHHHHHH
;
_entity_poly.pdbx_strand_id                 A 
_entity_poly.pdbx_target_identifier         NYSGXRC-11024a 
# 
_pdbx_entity_nonpoly.entity_id   2 
_pdbx_entity_nonpoly.name        water 
_pdbx_entity_nonpoly.comp_id     HOH 
# 
loop_
_entity_poly_seq.entity_id 
_entity_poly_seq.num 
_entity_poly_seq.mon_id 
_entity_poly_seq.hetero 
1 1   MET n 
1 2   SER n 
1 3   LEU n 
1 4   SER n 
1 5   ASN n 
1 6   ARG n 
1 7   ALA n 
1 8   GLY n 
1 9   GLU n 
1 10  ILE n 
1 11  LEU n 
1 12  ILE n 
1 13  VAL n 
1 14  GLU n 
1 15  ASP n 
1 16  SER n 
1 17  PRO n 
1 18  THR n 
1 19  GLN n 
1 20  ALA n 
1 21  GLU n 
1 22  HIS n 
1 23  LEU n 
1 24  LYS n 
1 25  HIS n 
1 26  ILE n 
1 27  LEU n 
1 28  GLU n 
1 29  GLU n 
1 30  THR n 
1 31  GLY n 
1 32  TYR n 
1 33  GLN n 
1 34  THR n 
1 35  GLU n 
1 36  HIS n 
1 37  VAL n 
1 38  ARG n 
1 39  ASN n 
1 40  GLY n 
1 41  ARG n 
1 42  GLU n 
1 43  ALA n 
1 44  VAL n 
1 45  ARG n 
1 46  PHE n 
1 47  LEU n 
1 48  SER n 
1 49  LEU n 
1 50  THR n 
1 51  ARG n 
1 52  PRO n 
1 53  ASP n 
1 54  LEU n 
1 55  ILE n 
1 56  ILE n 
1 57  SER n 
1 58  ASP n 
1 59  VAL n 
1 60  LEU n 
1 61  MET n 
1 62  PRO n 
1 63  GLU n 
1 64  MET n 
1 65  ASP n 
1 66  GLY n 
1 67  TYR n 
1 68  ALA n 
1 69  LEU n 
1 70  CYS n 
1 71  ARG n 
1 72  TRP n 
1 73  LEU n 
1 74  LYS n 
1 75  GLY n 
1 76  GLN n 
1 77  PRO n 
1 78  ASP n 
1 79  LEU n 
1 80  ARG n 
1 81  THR n 
1 82  ILE n 
1 83  PRO n 
1 84  VAL n 
1 85  ILE n 
1 86  LEU n 
1 87  LEU n 
1 88  THR n 
1 89  ILE n 
1 90  LEU n 
1 91  SER n 
1 92  ASP n 
1 93  PRO n 
1 94  ARG n 
1 95  ASP n 
1 96  VAL n 
1 97  VAL n 
1 98  ARG n 
1 99  SER n 
1 100 LEU n 
1 101 GLU n 
1 102 CYS n 
1 103 GLY n 
1 104 ALA n 
1 105 ASP n 
1 106 ASP n 
1 107 PHE n 
1 108 ILE n 
1 109 THR n 
1 110 LYS n 
1 111 PRO n 
1 112 CYS n 
1 113 LYS n 
1 114 ASP n 
1 115 VAL n 
1 116 VAL n 
1 117 LEU n 
1 118 ALA n 
1 119 SER n 
1 120 HIS n 
1 121 VAL n 
1 122 LYS n 
1 123 ARG n 
1 124 LEU n 
1 125 LEU n 
1 126 SER n 
1 127 GLY n 
1 128 VAL n 
1 129 LYS n 
1 130 ARG n 
1 131 THR n 
1 132 GLU n 
1 133 GLU n 
1 134 ARG n 
1 135 TYR n 
1 136 SER n 
1 137 ARG n 
1 138 GLU n 
1 139 SER n 
1 140 ILE n 
1 141 THR n 
1 142 LEU n 
1 143 ALA n 
1 144 PHE n 
1 145 GLY n 
1 146 ASN n 
1 147 GLU n 
1 148 GLY n 
1 149 HIS n 
1 150 HIS n 
1 151 HIS n 
1 152 HIS n 
1 153 HIS n 
1 154 HIS n 
# 
_entity_src_gen.entity_id                          1 
_entity_src_gen.pdbx_src_id                        1 
_entity_src_gen.pdbx_alt_source_flag               sample 
_entity_src_gen.pdbx_seq_type                      ? 
_entity_src_gen.pdbx_beg_seq_num                   ? 
_entity_src_gen.pdbx_end_seq_num                   ? 
_entity_src_gen.gene_src_common_name               ? 
_entity_src_gen.gene_src_genus                     ? 
_entity_src_gen.pdbx_gene_src_gene                 'SYNAS_02120, SYN_02576' 
_entity_src_gen.gene_src_species                   ? 
_entity_src_gen.gene_src_strain                    ? 
_entity_src_gen.gene_src_tissue                    ? 
_entity_src_gen.gene_src_tissue_fraction           ? 
_entity_src_gen.gene_src_details                   ? 
_entity_src_gen.pdbx_gene_src_fragment             ? 
_entity_src_gen.pdbx_gene_src_scientific_name      'Syntrophus aciditrophicus SB' 
_entity_src_gen.pdbx_gene_src_ncbi_taxonomy_id     56780 
_entity_src_gen.pdbx_gene_src_variant              ? 
_entity_src_gen.pdbx_gene_src_cell_line            ? 
_entity_src_gen.pdbx_gene_src_atcc                 ? 
_entity_src_gen.pdbx_gene_src_organ                ? 
_entity_src_gen.pdbx_gene_src_organelle            ? 
_entity_src_gen.pdbx_gene_src_cell                 ? 
_entity_src_gen.pdbx_gene_src_cellular_location    ? 
_entity_src_gen.host_org_common_name               ? 
_entity_src_gen.pdbx_host_org_scientific_name      'Escherichia coli' 
_entity_src_gen.pdbx_host_org_ncbi_taxonomy_id     562 
_entity_src_gen.host_org_genus                     ? 
_entity_src_gen.pdbx_host_org_gene                 ? 
_entity_src_gen.pdbx_host_org_organ                ? 
_entity_src_gen.host_org_species                   ? 
_entity_src_gen.pdbx_host_org_tissue               ? 
_entity_src_gen.pdbx_host_org_tissue_fraction      ? 
_entity_src_gen.pdbx_host_org_strain               'BL21(DE3)-CODON+RIL' 
_entity_src_gen.pdbx_host_org_variant              ? 
_entity_src_gen.pdbx_host_org_cell_line            ? 
_entity_src_gen.pdbx_host_org_atcc                 ? 
_entity_src_gen.pdbx_host_org_culture_collection   ? 
_entity_src_gen.pdbx_host_org_cell                 ? 
_entity_src_gen.pdbx_host_org_organelle            ? 
_entity_src_gen.pdbx_host_org_cellular_location    ? 
_entity_src_gen.pdbx_host_org_vector_type          PLASMID 
_entity_src_gen.pdbx_host_org_vector               ? 
_entity_src_gen.host_org_details                   ? 
_entity_src_gen.expression_system_id               ? 
_entity_src_gen.plasmid_name                       'BC-PSGX3(BC)' 
_entity_src_gen.plasmid_details                    ? 
_entity_src_gen.pdbx_description                   ? 
# 
loop_
_chem_comp.id 
_chem_comp.type 
_chem_comp.mon_nstd_flag 
_chem_comp.name 
_chem_comp.pdbx_synonyms 
_chem_comp.formula 
_chem_comp.formula_weight 
ALA 'L-peptide linking' y ALANINE         ? 'C3 H7 N O2'     89.093  
ARG 'L-peptide linking' y ARGININE        ? 'C6 H15 N4 O2 1' 175.209 
ASN 'L-peptide linking' y ASPARAGINE      ? 'C4 H8 N2 O3'    132.118 
ASP 'L-peptide linking' y 'ASPARTIC ACID' ? 'C4 H7 N O4'     133.103 
CYS 'L-peptide linking' y CYSTEINE        ? 'C3 H7 N O2 S'   121.158 
GLN 'L-peptide linking' y GLUTAMINE       ? 'C5 H10 N2 O3'   146.144 
GLU 'L-peptide linking' y 'GLUTAMIC ACID' ? 'C5 H9 N O4'     147.129 
GLY 'peptide linking'   y GLYCINE         ? 'C2 H5 N O2'     75.067  
HIS 'L-peptide linking' y HISTIDINE       ? 'C6 H10 N3 O2 1' 156.162 
HOH non-polymer         . WATER           ? 'H2 O'           18.015  
ILE 'L-peptide linking' y ISOLEUCINE      ? 'C6 H13 N O2'    131.173 
LEU 'L-peptide linking' y LEUCINE         ? 'C6 H13 N O2'    131.173 
LYS 'L-peptide linking' y LYSINE          ? 'C6 H15 N2 O2 1' 147.195 
MET 'L-peptide linking' y METHIONINE      ? 'C5 H11 N O2 S'  149.211 
PHE 'L-peptide linking' y PHENYLALANINE   ? 'C9 H11 N O2'    165.189 
PRO 'L-peptide linking' y PROLINE         ? 'C5 H9 N O2'     115.130 
SER 'L-peptide linking' y SERINE          ? 'C3 H7 N O3'     105.093 
THR 'L-peptide linking' y THREONINE       ? 'C4 H9 N O3'     119.119 
TRP 'L-peptide linking' y TRYPTOPHAN      ? 'C11 H12 N2 O2'  204.225 
TYR 'L-peptide linking' y TYROSINE        ? 'C9 H11 N O3'    181.189 
VAL 'L-peptide linking' y VALINE          ? 'C5 H11 N O2'    117.146 
# 
loop_
_pdbx_poly_seq_scheme.asym_id 
_pdbx_poly_seq_scheme.entity_id 
_pdbx_poly_seq_scheme.seq_id 
_pdbx_poly_seq_scheme.mon_id 
_pdbx_poly_seq_scheme.ndb_seq_num 
_pdbx_poly_seq_scheme.pdb_seq_num 
_pdbx_poly_seq_scheme.auth_seq_num 
_pdbx_poly_seq_scheme.pdb_mon_id 
_pdbx_poly_seq_scheme.auth_mon_id 
_pdbx_poly_seq_scheme.pdb_strand_id 
_pdbx_poly_seq_scheme.pdb_ins_code 
_pdbx_poly_seq_scheme.hetero 
A 1 1   MET 1   5   ?   ?   ?   A . n 
A 1 2   SER 2   6   ?   ?   ?   A . n 
A 1 3   LEU 3   7   ?   ?   ?   A . n 
A 1 4   SER 4   8   ?   ?   ?   A . n 
A 1 5   ASN 5   9   ?   ?   ?   A . n 
A 1 6   ARG 6   10  ?   ?   ?   A . n 
A 1 7   ALA 7   11  11  ALA ALA A . n 
A 1 8   GLY 8   12  12  GLY GLY A . n 
A 1 9   GLU 9   13  13  GLU GLU A . n 
A 1 10  ILE 10  14  14  ILE ILE A . n 
A 1 11  LEU 11  15  15  LEU LEU A . n 
A 1 12  ILE 12  16  16  ILE ILE A . n 
A 1 13  VAL 13  17  17  VAL VAL A . n 
A 1 14  GLU 14  18  18  GLU GLU A . n 
A 1 15  ASP 15  19  19  ASP ASP A . n 
A 1 16  SER 16  20  20  SER SER A . n 
A 1 17  PRO 17  21  21  PRO PRO A . n 
A 1 18  THR 18  22  22  THR THR A . n 
A 1 19  GLN 19  23  23  GLN GLN A . n 
A 1 20  ALA 20  24  24  ALA ALA A . n 
A 1 21  GLU 21  25  25  GLU GLU A . n 
A 1 22  HIS 22  26  26  HIS HIS A . n 
A 1 23  LEU 23  27  27  LEU LEU A . n 
A 1 24  LYS 24  28  28  LYS LYS A . n 
A 1 25  HIS 25  29  29  HIS HIS A . n 
A 1 26  ILE 26  30  30  ILE ILE A . n 
A 1 27  LEU 27  31  31  LEU LEU A . n 
A 1 28  GLU 28  32  32  GLU GLU A . n 
A 1 29  GLU 29  33  33  GLU GLU A . n 
A 1 30  THR 30  34  34  THR THR A . n 
A 1 31  GLY 31  35  35  GLY GLY A . n 
A 1 32  TYR 32  36  36  TYR TYR A . n 
A 1 33  GLN 33  37  37  GLN GLN A . n 
A 1 34  THR 34  38  38  THR THR A . n 
A 1 35  GLU 35  39  39  GLU GLU A . n 
A 1 36  HIS 36  40  40  HIS HIS A . n 
A 1 37  VAL 37  41  41  VAL VAL A . n 
A 1 38  ARG 38  42  42  ARG ARG A . n 
A 1 39  ASN 39  43  43  ASN ASN A . n 
A 1 40  GLY 40  44  44  GLY GLY A . n 
A 1 41  ARG 41  45  45  ARG ARG A . n 
A 1 42  GLU 42  46  46  GLU GLU A . n 
A 1 43  ALA 43  47  47  ALA ALA A . n 
A 1 44  VAL 44  48  48  VAL VAL A . n 
A 1 45  ARG 45  49  49  ARG ARG A . n 
A 1 46  PHE 46  50  50  PHE PHE A . n 
A 1 47  LEU 47  51  51  LEU LEU A . n 
A 1 48  SER 48  52  52  SER SER A . n 
A 1 49  LEU 49  53  53  LEU LEU A . n 
A 1 50  THR 50  54  54  THR THR A . n 
A 1 51  ARG 51  55  55  ARG ARG A . n 
A 1 52  PRO 52  56  56  PRO PRO A . n 
A 1 53  ASP 53  57  57  ASP ASP A . n 
A 1 54  LEU 54  58  58  LEU LEU A . n 
A 1 55  ILE 55  59  59  ILE ILE A . n 
A 1 56  ILE 56  60  60  ILE ILE A . n 
A 1 57  SER 57  61  61  SER SER A . n 
A 1 58  ASP 58  62  62  ASP ASP A . n 
A 1 59  VAL 59  63  63  VAL VAL A . n 
A 1 60  LEU 60  64  64  LEU LEU A . n 
A 1 61  MET 61  65  65  MET MET A . n 
A 1 62  PRO 62  66  66  PRO PRO A . n 
A 1 63  GLU 63  67  67  GLU GLU A . n 
A 1 64  MET 64  68  68  MET MET A . n 
A 1 65  ASP 65  69  69  ASP ASP A . n 
A 1 66  GLY 66  70  70  GLY GLY A . n 
A 1 67  TYR 67  71  71  TYR TYR A . n 
A 1 68  ALA 68  72  72  ALA ALA A . n 
A 1 69  LEU 69  73  73  LEU LEU A . n 
A 1 70  CYS 70  74  74  CYS CYS A . n 
A 1 71  ARG 71  75  75  ARG ARG A . n 
A 1 72  TRP 72  76  76  TRP TRP A . n 
A 1 73  LEU 73  77  77  LEU LEU A . n 
A 1 74  LYS 74  78  78  LYS LYS A . n 
A 1 75  GLY 75  79  79  GLY GLY A . n 
A 1 76  GLN 76  80  80  GLN GLN A . n 
A 1 77  PRO 77  81  81  PRO PRO A . n 
A 1 78  ASP 78  82  82  ASP ASP A . n 
A 1 79  LEU 79  83  83  LEU LEU A . n 
A 1 80  ARG 80  84  84  ARG ARG A . n 
A 1 81  THR 81  85  85  THR THR A . n 
A 1 82  ILE 82  86  86  ILE ILE A . n 
A 1 83  PRO 83  87  87  PRO PRO A . n 
A 1 84  VAL 84  88  88  VAL VAL A . n 
A 1 85  ILE 85  89  89  ILE ILE A . n 
A 1 86  LEU 86  90  90  LEU LEU A . n 
A 1 87  LEU 87  91  91  LEU LEU A . n 
A 1 88  THR 88  92  92  THR THR A . n 
A 1 89  ILE 89  93  93  ILE ILE A . n 
A 1 90  LEU 90  94  94  LEU LEU A . n 
A 1 91  SER 91  95  95  SER SER A . n 
A 1 92  ASP 92  96  96  ASP ASP A . n 
A 1 93  PRO 93  97  97  PRO PRO A . n 
A 1 94  ARG 94  98  98  ARG ARG A . n 
A 1 95  ASP 95  99  99  ASP ASP A . n 
A 1 96  VAL 96  100 100 VAL VAL A . n 
A 1 97  VAL 97  101 101 VAL VAL A . n 
A 1 98  ARG 98  102 102 ARG ARG A . n 
A 1 99  SER 99  103 103 SER SER A . n 
A 1 100 LEU 100 104 104 LEU LEU A . n 
A 1 101 GLU 101 105 105 GLU GLU A . n 
A 1 102 CYS 102 106 106 CYS CYS A . n 
A 1 103 GLY 103 107 107 GLY GLY A . n 
A 1 104 ALA 104 108 108 ALA ALA A . n 
A 1 105 ASP 105 109 109 ASP ASP A . n 
A 1 106 ASP 106 110 110 ASP ASP A . n 
A 1 107 PHE 107 111 111 PHE PHE A . n 
A 1 108 ILE 108 112 112 ILE ILE A . n 
A 1 109 THR 109 113 113 THR THR A . n 
A 1 110 LYS 110 114 114 LYS LYS A . n 
A 1 111 PRO 111 115 115 PRO PRO A . n 
A 1 112 CYS 112 116 116 CYS CYS A . n 
A 1 113 LYS 113 117 117 LYS LYS A . n 
A 1 114 ASP 114 118 118 ASP ASP A . n 
A 1 115 VAL 115 119 119 VAL VAL A . n 
A 1 116 VAL 116 120 120 VAL VAL A . n 
A 1 117 LEU 117 121 121 LEU LEU A . n 
A 1 118 ALA 118 122 122 ALA ALA A . n 
A 1 119 SER 119 123 123 SER SER A . n 
A 1 120 HIS 120 124 124 HIS HIS A . n 
A 1 121 VAL 121 125 125 VAL VAL A . n 
A 1 122 LYS 122 126 126 LYS LYS A . n 
A 1 123 ARG 123 127 127 ARG ARG A . n 
A 1 124 LEU 124 128 128 LEU LEU A . n 
A 1 125 LEU 125 129 129 LEU LEU A . n 
A 1 126 SER 126 130 130 SER SER A . n 
A 1 127 GLY 127 131 131 GLY GLY A . n 
A 1 128 VAL 128 132 132 VAL VAL A . n 
A 1 129 LYS 129 133 133 LYS LYS A . n 
A 1 130 ARG 130 134 134 ARG ARG A . n 
A 1 131 THR 131 135 135 THR THR A . n 
A 1 132 GLU 132 136 ?   ?   ?   A . n 
A 1 133 GLU 133 137 ?   ?   ?   A . n 
A 1 134 ARG 134 138 ?   ?   ?   A . n 
A 1 135 TYR 135 139 ?   ?   ?   A . n 
A 1 136 SER 136 140 ?   ?   ?   A . n 
A 1 137 ARG 137 141 ?   ?   ?   A . n 
A 1 138 GLU 138 142 142 GLU GLU A . n 
A 1 139 SER 139 143 143 SER SER A . n 
A 1 140 ILE 140 144 144 ILE ILE A . n 
A 1 141 THR 141 145 145 THR THR A . n 
A 1 142 LEU 142 146 146 LEU LEU A . n 
A 1 143 ALA 143 147 147 ALA ALA A . n 
A 1 144 PHE 144 148 148 PHE PHE A . n 
A 1 145 GLY 145 149 ?   ?   ?   A . n 
A 1 146 ASN 146 150 ?   ?   ?   A . n 
A 1 147 GLU 147 151 ?   ?   ?   A . n 
A 1 148 GLY 148 152 ?   ?   ?   A . n 
A 1 149 HIS 149 153 ?   ?   ?   A . n 
A 1 150 HIS 150 154 ?   ?   ?   A . n 
A 1 151 HIS 151 155 ?   ?   ?   A . n 
A 1 152 HIS 152 156 ?   ?   ?   A . n 
A 1 153 HIS 153 157 ?   ?   ?   A . n 
A 1 154 HIS 154 158 ?   ?   ?   A . n 
# 
loop_
_pdbx_nonpoly_scheme.asym_id 
_pdbx_nonpoly_scheme.entity_id 
_pdbx_nonpoly_scheme.mon_id 
_pdbx_nonpoly_scheme.ndb_seq_num 
_pdbx_nonpoly_scheme.pdb_seq_num 
_pdbx_nonpoly_scheme.auth_seq_num 
_pdbx_nonpoly_scheme.pdb_mon_id 
_pdbx_nonpoly_scheme.auth_mon_id 
_pdbx_nonpoly_scheme.pdb_strand_id 
_pdbx_nonpoly_scheme.pdb_ins_code 
B 2 HOH 1  1   1  HOH HOH A . 
B 2 HOH 2  2   2  HOH HOH A . 
B 2 HOH 3  3   3  HOH HOH A . 
B 2 HOH 4  4   4  HOH HOH A . 
B 2 HOH 5  159 5  HOH HOH A . 
B 2 HOH 6  160 6  HOH HOH A . 
B 2 HOH 7  161 7  HOH HOH A . 
B 2 HOH 8  162 8  HOH HOH A . 
B 2 HOH 9  163 9  HOH HOH A . 
B 2 HOH 10 164 10 HOH HOH A . 
B 2 HOH 11 165 11 HOH HOH A . 
B 2 HOH 12 166 12 HOH HOH A . 
B 2 HOH 13 167 13 HOH HOH A . 
B 2 HOH 14 168 14 HOH HOH A . 
B 2 HOH 15 169 15 HOH HOH A . 
B 2 HOH 16 170 16 HOH HOH A . 
B 2 HOH 17 171 17 HOH HOH A . 
B 2 HOH 18 172 18 HOH HOH A . 
B 2 HOH 19 173 19 HOH HOH A . 
B 2 HOH 20 174 20 HOH HOH A . 
B 2 HOH 21 175 21 HOH HOH A . 
B 2 HOH 22 176 22 HOH HOH A . 
B 2 HOH 23 177 23 HOH HOH A . 
B 2 HOH 24 178 24 HOH HOH A . 
B 2 HOH 25 179 25 HOH HOH A . 
B 2 HOH 26 180 26 HOH HOH A . 
B 2 HOH 27 181 27 HOH HOH A . 
B 2 HOH 28 182 28 HOH HOH A . 
# 
loop_
_software.name 
_software.classification 
_software.version 
_software.citation_id 
_software.pdbx_ordinal 
SHELXCD  phasing          .        ? 1 
SHELXE   'model building' .        ? 2 
REFMAC   refinement       5.3.0034 ? 3 
HKL-2000 'data reduction' .        ? 4 
HKL-2000 'data scaling'   .        ? 5 
# 
_cell.entry_id           3GT7 
_cell.length_a           82.434 
_cell.length_b           82.434 
_cell.length_c           76.445 
_cell.angle_alpha        90.00 
_cell.angle_beta         90.00 
_cell.angle_gamma        120.00 
_cell.Z_PDB              12 
_cell.pdbx_unique_axis   ? 
_cell.length_a_esd       ? 
_cell.length_b_esd       ? 
_cell.length_c_esd       ? 
_cell.angle_alpha_esd    ? 
_cell.angle_beta_esd     ? 
_cell.angle_gamma_esd    ? 
# 
_symmetry.entry_id                         3GT7 
_symmetry.space_group_name_H-M             'P 65 2 2' 
_symmetry.pdbx_full_space_group_name_H-M   ? 
_symmetry.cell_setting                     ? 
_symmetry.Int_Tables_number                179 
_symmetry.space_group_name_Hall            ? 
# 
_exptl.entry_id          3GT7 
_exptl.method            'X-RAY DIFFRACTION' 
_exptl.crystals_number   1 
# 
_exptl_crystal.id                    1 
_exptl_crystal.density_meas          ? 
_exptl_crystal.density_Matthews      2.16 
_exptl_crystal.density_percent_sol   43.06 
_exptl_crystal.description           ? 
_exptl_crystal.F_000                 ? 
_exptl_crystal.preparation           ? 
# 
_exptl_crystal_grow.crystal_id      1 
_exptl_crystal_grow.method          'VAPOR DIFFUSION' 
_exptl_crystal_grow.temp            294 
_exptl_crystal_grow.temp_details    ? 
_exptl_crystal_grow.pH              5.5 
_exptl_crystal_grow.pdbx_details    
'100MM BIS-TRIS, PH 5.5, 25% PEG3350, 200MM AMMONIUM ACETATE, 10% GLYCEROL, VAPOR DIFFUSION, TEMPERATURE 294K' 
_exptl_crystal_grow.pdbx_pH_range   ? 
# 
_diffrn.id                     1 
_diffrn.ambient_temp           100 
_diffrn.ambient_temp_details   ? 
_diffrn.crystal_id             1 
# 
_diffrn_detector.diffrn_id              1 
_diffrn_detector.detector               CCD 
_diffrn_detector.type                   'ADSC QUANTUM 315' 
_diffrn_detector.pdbx_collection_date   2009-03-19 
_diffrn_detector.details                ? 
# 
_diffrn_radiation.diffrn_id                        1 
_diffrn_radiation.wavelength_id                    1 
_diffrn_radiation.pdbx_monochromatic_or_laue_m_l   M 
_diffrn_radiation.monochromator                    MIRRORS 
_diffrn_radiation.pdbx_diffrn_protocol             'SINGLE WAVELENGTH' 
_diffrn_radiation.pdbx_scattering_type             x-ray 
# 
_diffrn_radiation_wavelength.id           1 
_diffrn_radiation_wavelength.wavelength   0.9791 
_diffrn_radiation_wavelength.wt           1.0 
# 
_diffrn_source.diffrn_id                   1 
_diffrn_source.source                      SYNCHROTRON 
_diffrn_source.type                        'NSLS BEAMLINE X29A' 
_diffrn_source.pdbx_synchrotron_site       NSLS 
_diffrn_source.pdbx_synchrotron_beamline   X29A 
_diffrn_source.pdbx_wavelength             0.9791 
_diffrn_source.pdbx_wavelength_list        ? 
# 
_reflns.entry_id                     3GT7 
_reflns.observed_criterion_sigma_I   -0.500 
_reflns.observed_criterion_sigma_F   ? 
_reflns.d_resolution_low             40.000 
_reflns.d_resolution_high            2.04 
_reflns.number_obs                   10208 
_reflns.number_all                   ? 
_reflns.percent_possible_obs         94.9 
_reflns.pdbx_Rmerge_I_obs            0.06800 
_reflns.pdbx_Rsym_value              ? 
_reflns.pdbx_netI_over_sigmaI        11.9000 
_reflns.B_iso_Wilson_estimate        ? 
_reflns.pdbx_redundancy              7.400 
_reflns.R_free_details               ? 
_reflns.limit_h_max                  ? 
_reflns.limit_h_min                  ? 
_reflns.limit_k_max                  ? 
_reflns.limit_k_min                  ? 
_reflns.limit_l_max                  ? 
_reflns.limit_l_min                  ? 
_reflns.observed_criterion_F_max     ? 
_reflns.observed_criterion_F_min     ? 
_reflns.pdbx_chi_squared             ? 
_reflns.pdbx_scaling_rejects         ? 
_reflns.pdbx_diffrn_id               1 
_reflns.pdbx_ordinal                 1 
# 
_reflns_shell.d_res_high             2.04 
_reflns_shell.d_res_low              2.11 
_reflns_shell.percent_possible_all   99.7 
_reflns_shell.Rmerge_I_obs           0.5500 
_reflns_shell.pdbx_Rsym_value        ? 
_reflns_shell.meanI_over_sigI_obs    2.000 
_reflns_shell.pdbx_redundancy        5.80 
_reflns_shell.percent_possible_obs   ? 
_reflns_shell.number_unique_all      ? 
_reflns_shell.number_measured_all    ? 
_reflns_shell.number_measured_obs    ? 
_reflns_shell.number_unique_obs      ? 
_reflns_shell.pdbx_chi_squared       ? 
_reflns_shell.pdbx_diffrn_id         ? 
_reflns_shell.pdbx_ordinal           1 
# 
_refine.entry_id                                 3GT7 
_refine.ls_number_reflns_obs                     6928 
_refine.ls_number_reflns_all                     ? 
_refine.pdbx_ls_sigma_I                          ? 
_refine.pdbx_ls_sigma_F                          ? 
_refine.pdbx_data_cutoff_high_absF               ? 
_refine.pdbx_data_cutoff_low_absF                ? 
_refine.pdbx_data_cutoff_high_rms_absF           ? 
_refine.ls_d_res_low                             20.00 
_refine.ls_d_res_high                            2.30 
_refine.ls_percent_reflns_obs                    98.86 
_refine.ls_R_factor_obs                          0.22156 
_refine.ls_R_factor_all                          ? 
_refine.ls_R_factor_R_work                       0.22102 
_refine.ls_R_factor_R_free                       0.23814 
_refine.ls_R_factor_R_free_error                 ? 
_refine.ls_R_factor_R_free_error_details         ? 
_refine.ls_percent_reflns_R_free                 2.9 
_refine.ls_number_reflns_R_free                  208 
_refine.ls_number_parameters                     ? 
_refine.ls_number_restraints                     ? 
_refine.occupancy_min                            ? 
_refine.occupancy_max                            ? 
_refine.correlation_coeff_Fo_to_Fc               0.947 
_refine.correlation_coeff_Fo_to_Fc_free          0.955 
_refine.B_iso_mean                               53.684 
_refine.aniso_B[1][1]                            -2.40 
_refine.aniso_B[2][2]                            -2.40 
_refine.aniso_B[3][3]                            3.60 
_refine.aniso_B[1][2]                            -1.20 
_refine.aniso_B[1][3]                            0.00 
_refine.aniso_B[2][3]                            0.00 
_refine.solvent_model_details                    MASK 
_refine.solvent_model_param_ksol                 ? 
_refine.solvent_model_param_bsol                 ? 
_refine.pdbx_solvent_vdw_probe_radii             1.20 
_refine.pdbx_solvent_ion_probe_radii             0.80 
_refine.pdbx_solvent_shrinkage_radii             0.80 
_refine.pdbx_ls_cross_valid_method               THROUGHOUT 
_refine.details                                  'HYDROGENS HAVE BEEN ADDED IN THE RIDING POSITIONS' 
_refine.pdbx_starting_model                      ? 
_refine.pdbx_method_to_determine_struct          SAD 
_refine.pdbx_isotropic_thermal_model             ? 
_refine.pdbx_stereochemistry_target_values       'MAXIMUM LIKELIHOOD' 
_refine.pdbx_stereochem_target_val_spec_case     ? 
_refine.pdbx_R_Free_selection_details            RANDOM 
_refine.pdbx_overall_ESU_R                       0.329 
_refine.pdbx_overall_ESU_R_Free                  0.219 
_refine.overall_SU_ML                            0.214 
_refine.overall_SU_B                             10.113 
_refine.ls_redundancy_reflns_obs                 ? 
_refine.B_iso_min                                ? 
_refine.B_iso_max                                ? 
_refine.overall_SU_R_Cruickshank_DPI             ? 
_refine.overall_SU_R_free                        ? 
_refine.ls_wR_factor_R_free                      ? 
_refine.ls_wR_factor_R_work                      ? 
_refine.overall_FOM_free_R_set                   ? 
_refine.overall_FOM_work_R_set                   ? 
_refine.pdbx_overall_phase_error                 ? 
_refine.pdbx_refine_id                           'X-RAY DIFFRACTION' 
_refine.pdbx_diffrn_id                           1 
_refine.pdbx_TLS_residual_ADP_flag               ? 
_refine.pdbx_overall_SU_R_free_Cruickshank_DPI   ? 
_refine.pdbx_overall_SU_R_Blow_DPI               ? 
_refine.pdbx_overall_SU_R_free_Blow_DPI          ? 
# 
_refine_hist.pdbx_refine_id                   'X-RAY DIFFRACTION' 
_refine_hist.cycle_id                         LAST 
_refine_hist.pdbx_number_atoms_protein        1046 
_refine_hist.pdbx_number_atoms_nucleic_acid   0 
_refine_hist.pdbx_number_atoms_ligand         0 
_refine_hist.number_atoms_solvent             28 
_refine_hist.number_atoms_total               1074 
_refine_hist.d_res_high                       2.30 
_refine_hist.d_res_low                        20.00 
# 
loop_
_refine_ls_restr.type 
_refine_ls_restr.dev_ideal 
_refine_ls_restr.dev_ideal_target 
_refine_ls_restr.weight 
_refine_ls_restr.number 
_refine_ls_restr.pdbx_refine_id 
_refine_ls_restr.pdbx_restraint_function 
r_bond_refined_d             0.009  0.022  ? 1063 'X-RAY DIFFRACTION' ? 
r_bond_other_d               ?      ?      ? ?    'X-RAY DIFFRACTION' ? 
r_angle_refined_deg          1.191  1.993  ? 1441 'X-RAY DIFFRACTION' ? 
r_angle_other_deg            ?      ?      ? ?    'X-RAY DIFFRACTION' ? 
r_dihedral_angle_1_deg       8.964  5.000  ? 132  'X-RAY DIFFRACTION' ? 
r_dihedral_angle_2_deg       39.656 22.889 ? 45   'X-RAY DIFFRACTION' ? 
r_dihedral_angle_3_deg       18.893 15.000 ? 197  'X-RAY DIFFRACTION' ? 
r_dihedral_angle_4_deg       16.560 15.000 ? 11   'X-RAY DIFFRACTION' ? 
r_chiral_restr               0.075  0.200  ? 174  'X-RAY DIFFRACTION' ? 
r_gen_planes_refined         0.006  0.020  ? 774  'X-RAY DIFFRACTION' ? 
r_gen_planes_other           ?      ?      ? ?    'X-RAY DIFFRACTION' ? 
r_nbd_refined                0.142  0.300  ? 419  'X-RAY DIFFRACTION' ? 
r_nbd_other                  ?      ?      ? ?    'X-RAY DIFFRACTION' ? 
r_nbtor_refined              0.296  0.500  ? 733  'X-RAY DIFFRACTION' ? 
r_nbtor_other                ?      ?      ? ?    'X-RAY DIFFRACTION' ? 
r_xyhbond_nbd_refined        0.160  0.500  ? 73   'X-RAY DIFFRACTION' ? 
r_xyhbond_nbd_other          ?      ?      ? ?    'X-RAY DIFFRACTION' ? 
r_metal_ion_refined          ?      ?      ? ?    'X-RAY DIFFRACTION' ? 
r_metal_ion_other            ?      ?      ? ?    'X-RAY DIFFRACTION' ? 
r_symmetry_vdw_refined       0.112  0.300  ? 33   'X-RAY DIFFRACTION' ? 
r_symmetry_vdw_other         ?      ?      ? ?    'X-RAY DIFFRACTION' ? 
r_symmetry_hbond_refined     0.137  0.500  ? 7    'X-RAY DIFFRACTION' ? 
r_symmetry_hbond_other       ?      ?      ? ?    'X-RAY DIFFRACTION' ? 
r_symmetry_metal_ion_refined ?      ?      ? ?    'X-RAY DIFFRACTION' ? 
r_symmetry_metal_ion_other   ?      ?      ? ?    'X-RAY DIFFRACTION' ? 
r_mcbond_it                  3.002  2.000  ? 676  'X-RAY DIFFRACTION' ? 
r_mcbond_other               ?      ?      ? ?    'X-RAY DIFFRACTION' ? 
r_mcangle_it                 5.069  3.000  ? 1079 'X-RAY DIFFRACTION' ? 
r_scbond_it                  5.682  3.000  ? 419  'X-RAY DIFFRACTION' ? 
r_scangle_it                 9.244  5.000  ? 361  'X-RAY DIFFRACTION' ? 
r_rigid_bond_restr           ?      ?      ? ?    'X-RAY DIFFRACTION' ? 
r_sphericity_free            ?      ?      ? ?    'X-RAY DIFFRACTION' ? 
r_sphericity_bonded          ?      ?      ? ?    'X-RAY DIFFRACTION' ? 
# 
_refine_ls_shell.pdbx_total_number_of_bins_used   20 
_refine_ls_shell.d_res_high                       2.300 
_refine_ls_shell.d_res_low                        2.359 
_refine_ls_shell.number_reflns_R_work             497 
_refine_ls_shell.R_factor_R_work                  0.313 
_refine_ls_shell.percent_reflns_obs               100.00 
_refine_ls_shell.R_factor_R_free                  0.308 
_refine_ls_shell.R_factor_R_free_error            ? 
_refine_ls_shell.percent_reflns_R_free            ? 
_refine_ls_shell.number_reflns_R_free             17 
_refine_ls_shell.number_reflns_all                ? 
_refine_ls_shell.R_factor_all                     ? 
_refine_ls_shell.number_reflns_obs                ? 
_refine_ls_shell.redundancy_reflns_obs            ? 
_refine_ls_shell.pdbx_refine_id                   'X-RAY DIFFRACTION' 
# 
_struct.entry_id                  3GT7 
_struct.title                     
'CRYSTAL STRUCTURE OF SIGNAL RECEIVER DOMAIN OF SIGNAL TRANSDUCTION HISTIDINE KINASE FROM Syntrophus aciditrophicus' 
_struct.pdbx_model_details        ? 
_struct.pdbx_CASP_flag            ? 
_struct.pdbx_model_type_details   ? 
# 
_struct_keywords.entry_id        3GT7 
_struct_keywords.pdbx_keywords   HYDROLASE 
_struct_keywords.text            
;STRUCTURAL GENOMICS, SIGNAL RECEIVER DOMAIN, KINASE, PSI-2, PROTEIN STRUCTURE INITIATIVE, NEW YORK SGX RESEARCH CENTER FOR STRUCTURAL GENOMICS, NYSGXRC, Phosphoprotein, Transferase, Two-component regulatory system, HYDROLASE
;
# 
loop_
_struct_asym.id 
_struct_asym.pdbx_blank_PDB_chainid_flag 
_struct_asym.pdbx_modified 
_struct_asym.entity_id 
_struct_asym.details 
A N N 1 ? 
B N N 2 ? 
# 
_struct_ref.id                         1 
_struct_ref.db_name                    UNP 
_struct_ref.db_code                    Q2LQE8_SYNAS 
_struct_ref.pdbx_db_accession          Q2LQE8 
_struct_ref.entity_id                  1 
_struct_ref.pdbx_seq_one_letter_code   
;SNRAGEILIVEDSPTQAEHLKHILEETGYQTEHVRNGREAVRFLSLTRPDLIISDVLMPEMDGYALCRWLKGQPDLRTIP
VILLTILSDPRDVVRSLECGADDFITKPCKDVVLASHVKRLLSGVKRTEERYSRESITLAFGN
;
_struct_ref.pdbx_align_begin           8 
_struct_ref.pdbx_db_isoform            ? 
# 
_struct_ref_seq.align_id                      1 
_struct_ref_seq.ref_id                        1 
_struct_ref_seq.pdbx_PDB_id_code              3GT7 
_struct_ref_seq.pdbx_strand_id                A 
_struct_ref_seq.seq_align_beg                 4 
_struct_ref_seq.pdbx_seq_align_beg_ins_code   ? 
_struct_ref_seq.seq_align_end                 146 
_struct_ref_seq.pdbx_seq_align_end_ins_code   ? 
_struct_ref_seq.pdbx_db_accession             Q2LQE8 
_struct_ref_seq.db_align_beg                  8 
_struct_ref_seq.pdbx_db_align_beg_ins_code    ? 
_struct_ref_seq.db_align_end                  150 
_struct_ref_seq.pdbx_db_align_end_ins_code    ? 
_struct_ref_seq.pdbx_auth_seq_align_beg       8 
_struct_ref_seq.pdbx_auth_seq_align_end       150 
# 
loop_
_struct_ref_seq_dif.align_id 
_struct_ref_seq_dif.pdbx_pdb_id_code 
_struct_ref_seq_dif.mon_id 
_struct_ref_seq_dif.pdbx_pdb_strand_id 
_struct_ref_seq_dif.seq_num 
_struct_ref_seq_dif.pdbx_pdb_ins_code 
_struct_ref_seq_dif.pdbx_seq_db_name 
_struct_ref_seq_dif.pdbx_seq_db_accession_code 
_struct_ref_seq_dif.db_mon_id 
_struct_ref_seq_dif.pdbx_seq_db_seq_num 
_struct_ref_seq_dif.details 
_struct_ref_seq_dif.pdbx_auth_seq_num 
_struct_ref_seq_dif.pdbx_ordinal 
1 3GT7 MET A 1   ? UNP Q2LQE8 ? ? 'expression tag' 5   1  
1 3GT7 SER A 2   ? UNP Q2LQE8 ? ? 'expression tag' 6   2  
1 3GT7 LEU A 3   ? UNP Q2LQE8 ? ? 'expression tag' 7   3  
1 3GT7 GLU A 147 ? UNP Q2LQE8 ? ? 'expression tag' 151 4  
1 3GT7 GLY A 148 ? UNP Q2LQE8 ? ? 'expression tag' 152 5  
1 3GT7 HIS A 149 ? UNP Q2LQE8 ? ? 'expression tag' 153 6  
1 3GT7 HIS A 150 ? UNP Q2LQE8 ? ? 'expression tag' 154 7  
1 3GT7 HIS A 151 ? UNP Q2LQE8 ? ? 'expression tag' 155 8  
1 3GT7 HIS A 152 ? UNP Q2LQE8 ? ? 'expression tag' 156 9  
1 3GT7 HIS A 153 ? UNP Q2LQE8 ? ? 'expression tag' 157 10 
1 3GT7 HIS A 154 ? UNP Q2LQE8 ? ? 'expression tag' 158 11 
# 
_pdbx_struct_assembly.id                   1 
_pdbx_struct_assembly.details              software_defined_assembly 
_pdbx_struct_assembly.method_details       PISA 
_pdbx_struct_assembly.oligomeric_details   monomeric 
_pdbx_struct_assembly.oligomeric_count     1 
# 
_pdbx_struct_assembly_gen.assembly_id       1 
_pdbx_struct_assembly_gen.oper_expression   1 
_pdbx_struct_assembly_gen.asym_id_list      A,B 
# 
_pdbx_struct_oper_list.id                   1 
_pdbx_struct_oper_list.type                 'identity operation' 
_pdbx_struct_oper_list.name                 1_555 
_pdbx_struct_oper_list.symmetry_operation   x,y,z 
_pdbx_struct_oper_list.matrix[1][1]         1.0000000000 
_pdbx_struct_oper_list.matrix[1][2]         0.0000000000 
_pdbx_struct_oper_list.matrix[1][3]         0.0000000000 
_pdbx_struct_oper_list.vector[1]            0.0000000000 
_pdbx_struct_oper_list.matrix[2][1]         0.0000000000 
_pdbx_struct_oper_list.matrix[2][2]         1.0000000000 
_pdbx_struct_oper_list.matrix[2][3]         0.0000000000 
_pdbx_struct_oper_list.vector[2]            0.0000000000 
_pdbx_struct_oper_list.matrix[3][1]         0.0000000000 
_pdbx_struct_oper_list.matrix[3][2]         0.0000000000 
_pdbx_struct_oper_list.matrix[3][3]         1.0000000000 
_pdbx_struct_oper_list.vector[3]            0.0000000000 
# 
_struct_biol.id        1 
_struct_biol.details   homodimer 
# 
loop_
_struct_conf.conf_type_id 
_struct_conf.id 
_struct_conf.pdbx_PDB_helix_id 
_struct_conf.beg_label_comp_id 
_struct_conf.beg_label_asym_id 
_struct_conf.beg_label_seq_id 
_struct_conf.pdbx_beg_PDB_ins_code 
_struct_conf.end_label_comp_id 
_struct_conf.end_label_asym_id 
_struct_conf.end_label_seq_id 
_struct_conf.pdbx_end_PDB_ins_code 
_struct_conf.beg_auth_comp_id 
_struct_conf.beg_auth_asym_id 
_struct_conf.beg_auth_seq_id 
_struct_conf.end_auth_comp_id 
_struct_conf.end_auth_asym_id 
_struct_conf.end_auth_seq_id 
_struct_conf.pdbx_PDB_helix_class 
_struct_conf.details 
_struct_conf.pdbx_PDB_helix_length 
HELX_P HELX_P1 1 SER A 16  ? GLU A 29  ? SER A 20  GLU A 33  1 ? 14 
HELX_P HELX_P2 2 ASN A 39  ? SER A 48  ? ASN A 43  SER A 52  1 ? 10 
HELX_P HELX_P3 3 ASP A 65  ? GLN A 76  ? ASP A 69  GLN A 80  1 ? 12 
HELX_P HELX_P4 4 ASP A 92  ? GLY A 103 ? ASP A 96  GLY A 107 1 ? 12 
HELX_P HELX_P5 5 LYS A 113 ? VAL A 128 ? LYS A 117 VAL A 132 1 ? 16 
# 
_struct_conf_type.id          HELX_P 
_struct_conf_type.criteria    ? 
_struct_conf_type.reference   ? 
# 
_struct_sheet.id               A 
_struct_sheet.type             ? 
_struct_sheet.number_strands   5 
_struct_sheet.details          ? 
# 
loop_
_struct_sheet_order.sheet_id 
_struct_sheet_order.range_id_1 
_struct_sheet_order.range_id_2 
_struct_sheet_order.offset 
_struct_sheet_order.sense 
A 1 2 ? parallel 
A 2 3 ? parallel 
A 3 4 ? parallel 
A 4 5 ? parallel 
# 
loop_
_struct_sheet_range.sheet_id 
_struct_sheet_range.id 
_struct_sheet_range.beg_label_comp_id 
_struct_sheet_range.beg_label_asym_id 
_struct_sheet_range.beg_label_seq_id 
_struct_sheet_range.pdbx_beg_PDB_ins_code 
_struct_sheet_range.end_label_comp_id 
_struct_sheet_range.end_label_asym_id 
_struct_sheet_range.end_label_seq_id 
_struct_sheet_range.pdbx_end_PDB_ins_code 
_struct_sheet_range.beg_auth_comp_id 
_struct_sheet_range.beg_auth_asym_id 
_struct_sheet_range.beg_auth_seq_id 
_struct_sheet_range.end_auth_comp_id 
_struct_sheet_range.end_auth_asym_id 
_struct_sheet_range.end_auth_seq_id 
A 1 GLN A 33  ? VAL A 37  ? GLN A 37  VAL A 41  
A 2 GLU A 9   ? VAL A 13  ? GLU A 13  VAL A 17  
A 3 LEU A 54  ? ASP A 58  ? LEU A 58  ASP A 62  
A 4 VAL A 84  ? THR A 88  ? VAL A 88  THR A 92  
A 5 ASP A 106 ? THR A 109 ? ASP A 110 THR A 113 
# 
loop_
_pdbx_struct_sheet_hbond.sheet_id 
_pdbx_struct_sheet_hbond.range_id_1 
_pdbx_struct_sheet_hbond.range_id_2 
_pdbx_struct_sheet_hbond.range_1_label_atom_id 
_pdbx_struct_sheet_hbond.range_1_label_comp_id 
_pdbx_struct_sheet_hbond.range_1_label_asym_id 
_pdbx_struct_sheet_hbond.range_1_label_seq_id 
_pdbx_struct_sheet_hbond.range_1_PDB_ins_code 
_pdbx_struct_sheet_hbond.range_1_auth_atom_id 
_pdbx_struct_sheet_hbond.range_1_auth_comp_id 
_pdbx_struct_sheet_hbond.range_1_auth_asym_id 
_pdbx_struct_sheet_hbond.range_1_auth_seq_id 
_pdbx_struct_sheet_hbond.range_2_label_atom_id 
_pdbx_struct_sheet_hbond.range_2_label_comp_id 
_pdbx_struct_sheet_hbond.range_2_label_asym_id 
_pdbx_struct_sheet_hbond.range_2_label_seq_id 
_pdbx_struct_sheet_hbond.range_2_PDB_ins_code 
_pdbx_struct_sheet_hbond.range_2_auth_atom_id 
_pdbx_struct_sheet_hbond.range_2_auth_comp_id 
_pdbx_struct_sheet_hbond.range_2_auth_asym_id 
_pdbx_struct_sheet_hbond.range_2_auth_seq_id 
A 1 2 O GLU A 35 ? O GLU A 39 N ILE A 12  ? N ILE A 16  
A 2 3 N VAL A 13 ? N VAL A 17 O ILE A 56  ? O ILE A 60  
A 3 4 N SER A 57 ? N SER A 61 O LEU A 87  ? O LEU A 91  
A 4 5 N LEU A 86 ? N LEU A 90 O ASP A 106 ? O ASP A 110 
# 
_pdbx_validate_rmsd_angle.id                         1 
_pdbx_validate_rmsd_angle.PDB_model_num              1 
_pdbx_validate_rmsd_angle.auth_atom_id_1             C 
_pdbx_validate_rmsd_angle.auth_asym_id_1             A 
_pdbx_validate_rmsd_angle.auth_comp_id_1             LYS 
_pdbx_validate_rmsd_angle.auth_seq_id_1              114 
_pdbx_validate_rmsd_angle.PDB_ins_code_1             ? 
_pdbx_validate_rmsd_angle.label_alt_id_1             ? 
_pdbx_validate_rmsd_angle.auth_atom_id_2             N 
_pdbx_validate_rmsd_angle.auth_asym_id_2             A 
_pdbx_validate_rmsd_angle.auth_comp_id_2             PRO 
_pdbx_validate_rmsd_angle.auth_seq_id_2              115 
_pdbx_validate_rmsd_angle.PDB_ins_code_2             ? 
_pdbx_validate_rmsd_angle.label_alt_id_2             ? 
_pdbx_validate_rmsd_angle.auth_atom_id_3             CA 
_pdbx_validate_rmsd_angle.auth_asym_id_3             A 
_pdbx_validate_rmsd_angle.auth_comp_id_3             PRO 
_pdbx_validate_rmsd_angle.auth_seq_id_3              115 
_pdbx_validate_rmsd_angle.PDB_ins_code_3             ? 
_pdbx_validate_rmsd_angle.label_alt_id_3             ? 
_pdbx_validate_rmsd_angle.angle_value                129.98 
_pdbx_validate_rmsd_angle.angle_target_value         119.30 
_pdbx_validate_rmsd_angle.angle_deviation            10.68 
_pdbx_validate_rmsd_angle.angle_standard_deviation   1.50 
_pdbx_validate_rmsd_angle.linker_flag                Y 
# 
loop_
_pdbx_validate_torsion.id 
_pdbx_validate_torsion.PDB_model_num 
_pdbx_validate_torsion.auth_comp_id 
_pdbx_validate_torsion.auth_asym_id 
_pdbx_validate_torsion.auth_seq_id 
_pdbx_validate_torsion.PDB_ins_code 
_pdbx_validate_torsion.label_alt_id 
_pdbx_validate_torsion.phi 
_pdbx_validate_torsion.psi 
1 1 GLU A 67  ? ? 75.98   -71.82 
2 1 PRO A 115 ? ? 9.73    114.62 
3 1 VAL A 132 ? ? -95.86  33.65  
4 1 ALA A 147 ? ? -102.25 42.86  
# 
_pdbx_validate_peptide_omega.id               1 
_pdbx_validate_peptide_omega.PDB_model_num    1 
_pdbx_validate_peptide_omega.auth_comp_id_1   LYS 
_pdbx_validate_peptide_omega.auth_asym_id_1   A 
_pdbx_validate_peptide_omega.auth_seq_id_1    114 
_pdbx_validate_peptide_omega.PDB_ins_code_1   ? 
_pdbx_validate_peptide_omega.label_alt_id_1   ? 
_pdbx_validate_peptide_omega.auth_comp_id_2   PRO 
_pdbx_validate_peptide_omega.auth_asym_id_2   A 
_pdbx_validate_peptide_omega.auth_seq_id_2    115 
_pdbx_validate_peptide_omega.PDB_ins_code_2   ? 
_pdbx_validate_peptide_omega.label_alt_id_2   ? 
_pdbx_validate_peptide_omega.omega            -102.37 
# 
_pdbx_SG_project.id                    1 
_pdbx_SG_project.project_name          'PSI, Protein Structure Initiative' 
_pdbx_SG_project.full_name_of_center   'New York SGX Research Center for Structural Genomics' 
_pdbx_SG_project.initial_of_center     NYSGXRC 
# 
loop_
_pdbx_unobs_or_zero_occ_residues.id 
_pdbx_unobs_or_zero_occ_residues.PDB_model_num 
_pdbx_unobs_or_zero_occ_residues.polymer_flag 
_pdbx_unobs_or_zero_occ_residues.occupancy_flag 
_pdbx_unobs_or_zero_occ_residues.auth_asym_id 
_pdbx_unobs_or_zero_occ_residues.auth_comp_id 
_pdbx_unobs_or_zero_occ_residues.auth_seq_id 
_pdbx_unobs_or_zero_occ_residues.PDB_ins_code 
_pdbx_unobs_or_zero_occ_residues.label_asym_id 
_pdbx_unobs_or_zero_occ_residues.label_comp_id 
_pdbx_unobs_or_zero_occ_residues.label_seq_id 
1  1 Y 1 A MET 5   ? A MET 1   
2  1 Y 1 A SER 6   ? A SER 2   
3  1 Y 1 A LEU 7   ? A LEU 3   
4  1 Y 1 A SER 8   ? A SER 4   
5  1 Y 1 A ASN 9   ? A ASN 5   
6  1 Y 1 A ARG 10  ? A ARG 6   
7  1 Y 1 A GLU 136 ? A GLU 132 
8  1 Y 1 A GLU 137 ? A GLU 133 
9  1 Y 1 A ARG 138 ? A ARG 134 
10 1 Y 1 A TYR 139 ? A TYR 135 
11 1 Y 1 A SER 140 ? A SER 136 
12 1 Y 1 A ARG 141 ? A ARG 137 
13 1 Y 1 A GLY 149 ? A GLY 145 
14 1 Y 1 A ASN 150 ? A ASN 146 
15 1 Y 1 A GLU 151 ? A GLU 147 
16 1 Y 1 A GLY 152 ? A GLY 148 
17 1 Y 1 A HIS 153 ? A HIS 149 
18 1 Y 1 A HIS 154 ? A HIS 150 
19 1 Y 1 A HIS 155 ? A HIS 151 
20 1 Y 1 A HIS 156 ? A HIS 152 
21 1 Y 1 A HIS 157 ? A HIS 153 
22 1 Y 1 A HIS 158 ? A HIS 154 
# 
loop_
_chem_comp_atom.comp_id 
_chem_comp_atom.atom_id 
_chem_comp_atom.type_symbol 
_chem_comp_atom.pdbx_aromatic_flag 
_chem_comp_atom.pdbx_stereo_config 
_chem_comp_atom.pdbx_ordinal 
ALA N    N N N 1   
ALA CA   C N S 2   
ALA C    C N N 3   
ALA O    O N N 4   
ALA CB   C N N 5   
ALA OXT  O N N 6   
ALA H    H N N 7   
ALA H2   H N N 8   
ALA HA   H N N 9   
ALA HB1  H N N 10  
ALA HB2  H N N 11  
ALA HB3  H N N 12  
ALA HXT  H N N 13  
ARG N    N N N 14  
ARG CA   C N S 15  
ARG C    C N N 16  
ARG O    O N N 17  
ARG CB   C N N 18  
ARG CG   C N N 19  
ARG CD   C N N 20  
ARG NE   N N N 21  
ARG CZ   C N N 22  
ARG NH1  N N N 23  
ARG NH2  N N N 24  
ARG OXT  O N N 25  
ARG H    H N N 26  
ARG H2   H N N 27  
ARG HA   H N N 28  
ARG HB2  H N N 29  
ARG HB3  H N N 30  
ARG HG2  H N N 31  
ARG HG3  H N N 32  
ARG HD2  H N N 33  
ARG HD3  H N N 34  
ARG HE   H N N 35  
ARG HH11 H N N 36  
ARG HH12 H N N 37  
ARG HH21 H N N 38  
ARG HH22 H N N 39  
ARG HXT  H N N 40  
ASN N    N N N 41  
ASN CA   C N S 42  
ASN C    C N N 43  
ASN O    O N N 44  
ASN CB   C N N 45  
ASN CG   C N N 46  
ASN OD1  O N N 47  
ASN ND2  N N N 48  
ASN OXT  O N N 49  
ASN H    H N N 50  
ASN H2   H N N 51  
ASN HA   H N N 52  
ASN HB2  H N N 53  
ASN HB3  H N N 54  
ASN HD21 H N N 55  
ASN HD22 H N N 56  
ASN HXT  H N N 57  
ASP N    N N N 58  
ASP CA   C N S 59  
ASP C    C N N 60  
ASP O    O N N 61  
ASP CB   C N N 62  
ASP CG   C N N 63  
ASP OD1  O N N 64  
ASP OD2  O N N 65  
ASP OXT  O N N 66  
ASP H    H N N 67  
ASP H2   H N N 68  
ASP HA   H N N 69  
ASP HB2  H N N 70  
ASP HB3  H N N 71  
ASP HD2  H N N 72  
ASP HXT  H N N 73  
CYS N    N N N 74  
CYS CA   C N R 75  
CYS C    C N N 76  
CYS O    O N N 77  
CYS CB   C N N 78  
CYS SG   S N N 79  
CYS OXT  O N N 80  
CYS H    H N N 81  
CYS H2   H N N 82  
CYS HA   H N N 83  
CYS HB2  H N N 84  
CYS HB3  H N N 85  
CYS HG   H N N 86  
CYS HXT  H N N 87  
GLN N    N N N 88  
GLN CA   C N S 89  
GLN C    C N N 90  
GLN O    O N N 91  
GLN CB   C N N 92  
GLN CG   C N N 93  
GLN CD   C N N 94  
GLN OE1  O N N 95  
GLN NE2  N N N 96  
GLN OXT  O N N 97  
GLN H    H N N 98  
GLN H2   H N N 99  
GLN HA   H N N 100 
GLN HB2  H N N 101 
GLN HB3  H N N 102 
GLN HG2  H N N 103 
GLN HG3  H N N 104 
GLN HE21 H N N 105 
GLN HE22 H N N 106 
GLN HXT  H N N 107 
GLU N    N N N 108 
GLU CA   C N S 109 
GLU C    C N N 110 
GLU O    O N N 111 
GLU CB   C N N 112 
GLU CG   C N N 113 
GLU CD   C N N 114 
GLU OE1  O N N 115 
GLU OE2  O N N 116 
GLU OXT  O N N 117 
GLU H    H N N 118 
GLU H2   H N N 119 
GLU HA   H N N 120 
GLU HB2  H N N 121 
GLU HB3  H N N 122 
GLU HG2  H N N 123 
GLU HG3  H N N 124 
GLU HE2  H N N 125 
GLU HXT  H N N 126 
GLY N    N N N 127 
GLY CA   C N N 128 
GLY C    C N N 129 
GLY O    O N N 130 
GLY OXT  O N N 131 
GLY H    H N N 132 
GLY H2   H N N 133 
GLY HA2  H N N 134 
GLY HA3  H N N 135 
GLY HXT  H N N 136 
HIS N    N N N 137 
HIS CA   C N S 138 
HIS C    C N N 139 
HIS O    O N N 140 
HIS CB   C N N 141 
HIS CG   C Y N 142 
HIS ND1  N Y N 143 
HIS CD2  C Y N 144 
HIS CE1  C Y N 145 
HIS NE2  N Y N 146 
HIS OXT  O N N 147 
HIS H    H N N 148 
HIS H2   H N N 149 
HIS HA   H N N 150 
HIS HB2  H N N 151 
HIS HB3  H N N 152 
HIS HD1  H N N 153 
HIS HD2  H N N 154 
HIS HE1  H N N 155 
HIS HE2  H N N 156 
HIS HXT  H N N 157 
HOH O    O N N 158 
HOH H1   H N N 159 
HOH H2   H N N 160 
ILE N    N N N 161 
ILE CA   C N S 162 
ILE C    C N N 163 
ILE O    O N N 164 
ILE CB   C N S 165 
ILE CG1  C N N 166 
ILE CG2  C N N 167 
ILE CD1  C N N 168 
ILE OXT  O N N 169 
ILE H    H N N 170 
ILE H2   H N N 171 
ILE HA   H N N 172 
ILE HB   H N N 173 
ILE HG12 H N N 174 
ILE HG13 H N N 175 
ILE HG21 H N N 176 
ILE HG22 H N N 177 
ILE HG23 H N N 178 
ILE HD11 H N N 179 
ILE HD12 H N N 180 
ILE HD13 H N N 181 
ILE HXT  H N N 182 
LEU N    N N N 183 
LEU CA   C N S 184 
LEU C    C N N 185 
LEU O    O N N 186 
LEU CB   C N N 187 
LEU CG   C N N 188 
LEU CD1  C N N 189 
LEU CD2  C N N 190 
LEU OXT  O N N 191 
LEU H    H N N 192 
LEU H2   H N N 193 
LEU HA   H N N 194 
LEU HB2  H N N 195 
LEU HB3  H N N 196 
LEU HG   H N N 197 
LEU HD11 H N N 198 
LEU HD12 H N N 199 
LEU HD13 H N N 200 
LEU HD21 H N N 201 
LEU HD22 H N N 202 
LEU HD23 H N N 203 
LEU HXT  H N N 204 
LYS N    N N N 205 
LYS CA   C N S 206 
LYS C    C N N 207 
LYS O    O N N 208 
LYS CB   C N N 209 
LYS CG   C N N 210 
LYS CD   C N N 211 
LYS CE   C N N 212 
LYS NZ   N N N 213 
LYS OXT  O N N 214 
LYS H    H N N 215 
LYS H2   H N N 216 
LYS HA   H N N 217 
LYS HB2  H N N 218 
LYS HB3  H N N 219 
LYS HG2  H N N 220 
LYS HG3  H N N 221 
LYS HD2  H N N 222 
LYS HD3  H N N 223 
LYS HE2  H N N 224 
LYS HE3  H N N 225 
LYS HZ1  H N N 226 
LYS HZ2  H N N 227 
LYS HZ3  H N N 228 
LYS HXT  H N N 229 
MET N    N N N 230 
MET CA   C N S 231 
MET C    C N N 232 
MET O    O N N 233 
MET CB   C N N 234 
MET CG   C N N 235 
MET SD   S N N 236 
MET CE   C N N 237 
MET OXT  O N N 238 
MET H    H N N 239 
MET H2   H N N 240 
MET HA   H N N 241 
MET HB2  H N N 242 
MET HB3  H N N 243 
MET HG2  H N N 244 
MET HG3  H N N 245 
MET HE1  H N N 246 
MET HE2  H N N 247 
MET HE3  H N N 248 
MET HXT  H N N 249 
PHE N    N N N 250 
PHE CA   C N S 251 
PHE C    C N N 252 
PHE O    O N N 253 
PHE CB   C N N 254 
PHE CG   C Y N 255 
PHE CD1  C Y N 256 
PHE CD2  C Y N 257 
PHE CE1  C Y N 258 
PHE CE2  C Y N 259 
PHE CZ   C Y N 260 
PHE OXT  O N N 261 
PHE H    H N N 262 
PHE H2   H N N 263 
PHE HA   H N N 264 
PHE HB2  H N N 265 
PHE HB3  H N N 266 
PHE HD1  H N N 267 
PHE HD2  H N N 268 
PHE HE1  H N N 269 
PHE HE2  H N N 270 
PHE HZ   H N N 271 
PHE HXT  H N N 272 
PRO N    N N N 273 
PRO CA   C N S 274 
PRO C    C N N 275 
PRO O    O N N 276 
PRO CB   C N N 277 
PRO CG   C N N 278 
PRO CD   C N N 279 
PRO OXT  O N N 280 
PRO H    H N N 281 
PRO HA   H N N 282 
PRO HB2  H N N 283 
PRO HB3  H N N 284 
PRO HG2  H N N 285 
PRO HG3  H N N 286 
PRO HD2  H N N 287 
PRO HD3  H N N 288 
PRO HXT  H N N 289 
SER N    N N N 290 
SER CA   C N S 291 
SER C    C N N 292 
SER O    O N N 293 
SER CB   C N N 294 
SER OG   O N N 295 
SER OXT  O N N 296 
SER H    H N N 297 
SER H2   H N N 298 
SER HA   H N N 299 
SER HB2  H N N 300 
SER HB3  H N N 301 
SER HG   H N N 302 
SER HXT  H N N 303 
THR N    N N N 304 
THR CA   C N S 305 
THR C    C N N 306 
THR O    O N N 307 
THR CB   C N R 308 
THR OG1  O N N 309 
THR CG2  C N N 310 
THR OXT  O N N 311 
THR H    H N N 312 
THR H2   H N N 313 
THR HA   H N N 314 
THR HB   H N N 315 
THR HG1  H N N 316 
THR HG21 H N N 317 
THR HG22 H N N 318 
THR HG23 H N N 319 
THR HXT  H N N 320 
TRP N    N N N 321 
TRP CA   C N S 322 
TRP C    C N N 323 
TRP O    O N N 324 
TRP CB   C N N 325 
TRP CG   C Y N 326 
TRP CD1  C Y N 327 
TRP CD2  C Y N 328 
TRP NE1  N Y N 329 
TRP CE2  C Y N 330 
TRP CE3  C Y N 331 
TRP CZ2  C Y N 332 
TRP CZ3  C Y N 333 
TRP CH2  C Y N 334 
TRP OXT  O N N 335 
TRP H    H N N 336 
TRP H2   H N N 337 
TRP HA   H N N 338 
TRP HB2  H N N 339 
TRP HB3  H N N 340 
TRP HD1  H N N 341 
TRP HE1  H N N 342 
TRP HE3  H N N 343 
TRP HZ2  H N N 344 
TRP HZ3  H N N 345 
TRP HH2  H N N 346 
TRP HXT  H N N 347 
TYR N    N N N 348 
TYR CA   C N S 349 
TYR C    C N N 350 
TYR O    O N N 351 
TYR CB   C N N 352 
TYR CG   C Y N 353 
TYR CD1  C Y N 354 
TYR CD2  C Y N 355 
TYR CE1  C Y N 356 
TYR CE2  C Y N 357 
TYR CZ   C Y N 358 
TYR OH   O N N 359 
TYR OXT  O N N 360 
TYR H    H N N 361 
TYR H2   H N N 362 
TYR HA   H N N 363 
TYR HB2  H N N 364 
TYR HB3  H N N 365 
TYR HD1  H N N 366 
TYR HD2  H N N 367 
TYR HE1  H N N 368 
TYR HE2  H N N 369 
TYR HH   H N N 370 
TYR HXT  H N N 371 
VAL N    N N N 372 
VAL CA   C N S 373 
VAL C    C N N 374 
VAL O    O N N 375 
VAL CB   C N N 376 
VAL CG1  C N N 377 
VAL CG2  C N N 378 
VAL OXT  O N N 379 
VAL H    H N N 380 
VAL H2   H N N 381 
VAL HA   H N N 382 
VAL HB   H N N 383 
VAL HG11 H N N 384 
VAL HG12 H N N 385 
VAL HG13 H N N 386 
VAL HG21 H N N 387 
VAL HG22 H N N 388 
VAL HG23 H N N 389 
VAL HXT  H N N 390 
# 
loop_
_chem_comp_bond.comp_id 
_chem_comp_bond.atom_id_1 
_chem_comp_bond.atom_id_2 
_chem_comp_bond.value_order 
_chem_comp_bond.pdbx_aromatic_flag 
_chem_comp_bond.pdbx_stereo_config 
_chem_comp_bond.pdbx_ordinal 
ALA N   CA   sing N N 1   
ALA N   H    sing N N 2   
ALA N   H2   sing N N 3   
ALA CA  C    sing N N 4   
ALA CA  CB   sing N N 5   
ALA CA  HA   sing N N 6   
ALA C   O    doub N N 7   
ALA C   OXT  sing N N 8   
ALA CB  HB1  sing N N 9   
ALA CB  HB2  sing N N 10  
ALA CB  HB3  sing N N 11  
ALA OXT HXT  sing N N 12  
ARG N   CA   sing N N 13  
ARG N   H    sing N N 14  
ARG N   H2   sing N N 15  
ARG CA  C    sing N N 16  
ARG CA  CB   sing N N 17  
ARG CA  HA   sing N N 18  
ARG C   O    doub N N 19  
ARG C   OXT  sing N N 20  
ARG CB  CG   sing N N 21  
ARG CB  HB2  sing N N 22  
ARG CB  HB3  sing N N 23  
ARG CG  CD   sing N N 24  
ARG CG  HG2  sing N N 25  
ARG CG  HG3  sing N N 26  
ARG CD  NE   sing N N 27  
ARG CD  HD2  sing N N 28  
ARG CD  HD3  sing N N 29  
ARG NE  CZ   sing N N 30  
ARG NE  HE   sing N N 31  
ARG CZ  NH1  sing N N 32  
ARG CZ  NH2  doub N N 33  
ARG NH1 HH11 sing N N 34  
ARG NH1 HH12 sing N N 35  
ARG NH2 HH21 sing N N 36  
ARG NH2 HH22 sing N N 37  
ARG OXT HXT  sing N N 38  
ASN N   CA   sing N N 39  
ASN N   H    sing N N 40  
ASN N   H2   sing N N 41  
ASN CA  C    sing N N 42  
ASN CA  CB   sing N N 43  
ASN CA  HA   sing N N 44  
ASN C   O    doub N N 45  
ASN C   OXT  sing N N 46  
ASN CB  CG   sing N N 47  
ASN CB  HB2  sing N N 48  
ASN CB  HB3  sing N N 49  
ASN CG  OD1  doub N N 50  
ASN CG  ND2  sing N N 51  
ASN ND2 HD21 sing N N 52  
ASN ND2 HD22 sing N N 53  
ASN OXT HXT  sing N N 54  
ASP N   CA   sing N N 55  
ASP N   H    sing N N 56  
ASP N   H2   sing N N 57  
ASP CA  C    sing N N 58  
ASP CA  CB   sing N N 59  
ASP CA  HA   sing N N 60  
ASP C   O    doub N N 61  
ASP C   OXT  sing N N 62  
ASP CB  CG   sing N N 63  
ASP CB  HB2  sing N N 64  
ASP CB  HB3  sing N N 65  
ASP CG  OD1  doub N N 66  
ASP CG  OD2  sing N N 67  
ASP OD2 HD2  sing N N 68  
ASP OXT HXT  sing N N 69  
CYS N   CA   sing N N 70  
CYS N   H    sing N N 71  
CYS N   H2   sing N N 72  
CYS CA  C    sing N N 73  
CYS CA  CB   sing N N 74  
CYS CA  HA   sing N N 75  
CYS C   O    doub N N 76  
CYS C   OXT  sing N N 77  
CYS CB  SG   sing N N 78  
CYS CB  HB2  sing N N 79  
CYS CB  HB3  sing N N 80  
CYS SG  HG   sing N N 81  
CYS OXT HXT  sing N N 82  
GLN N   CA   sing N N 83  
GLN N   H    sing N N 84  
GLN N   H2   sing N N 85  
GLN CA  C    sing N N 86  
GLN CA  CB   sing N N 87  
GLN CA  HA   sing N N 88  
GLN C   O    doub N N 89  
GLN C   OXT  sing N N 90  
GLN CB  CG   sing N N 91  
GLN CB  HB2  sing N N 92  
GLN CB  HB3  sing N N 93  
GLN CG  CD   sing N N 94  
GLN CG  HG2  sing N N 95  
GLN CG  HG3  sing N N 96  
GLN CD  OE1  doub N N 97  
GLN CD  NE2  sing N N 98  
GLN NE2 HE21 sing N N 99  
GLN NE2 HE22 sing N N 100 
GLN OXT HXT  sing N N 101 
GLU N   CA   sing N N 102 
GLU N   H    sing N N 103 
GLU N   H2   sing N N 104 
GLU CA  C    sing N N 105 
GLU CA  CB   sing N N 106 
GLU CA  HA   sing N N 107 
GLU C   O    doub N N 108 
GLU C   OXT  sing N N 109 
GLU CB  CG   sing N N 110 
GLU CB  HB2  sing N N 111 
GLU CB  HB3  sing N N 112 
GLU CG  CD   sing N N 113 
GLU CG  HG2  sing N N 114 
GLU CG  HG3  sing N N 115 
GLU CD  OE1  doub N N 116 
GLU CD  OE2  sing N N 117 
GLU OE2 HE2  sing N N 118 
GLU OXT HXT  sing N N 119 
GLY N   CA   sing N N 120 
GLY N   H    sing N N 121 
GLY N   H2   sing N N 122 
GLY CA  C    sing N N 123 
GLY CA  HA2  sing N N 124 
GLY CA  HA3  sing N N 125 
GLY C   O    doub N N 126 
GLY C   OXT  sing N N 127 
GLY OXT HXT  sing N N 128 
HIS N   CA   sing N N 129 
HIS N   H    sing N N 130 
HIS N   H2   sing N N 131 
HIS CA  C    sing N N 132 
HIS CA  CB   sing N N 133 
HIS CA  HA   sing N N 134 
HIS C   O    doub N N 135 
HIS C   OXT  sing N N 136 
HIS CB  CG   sing N N 137 
HIS CB  HB2  sing N N 138 
HIS CB  HB3  sing N N 139 
HIS CG  ND1  sing Y N 140 
HIS CG  CD2  doub Y N 141 
HIS ND1 CE1  doub Y N 142 
HIS ND1 HD1  sing N N 143 
HIS CD2 NE2  sing Y N 144 
HIS CD2 HD2  sing N N 145 
HIS CE1 NE2  sing Y N 146 
HIS CE1 HE1  sing N N 147 
HIS NE2 HE2  sing N N 148 
HIS OXT HXT  sing N N 149 
HOH O   H1   sing N N 150 
HOH O   H2   sing N N 151 
ILE N   CA   sing N N 152 
ILE N   H    sing N N 153 
ILE N   H2   sing N N 154 
ILE CA  C    sing N N 155 
ILE CA  CB   sing N N 156 
ILE CA  HA   sing N N 157 
ILE C   O    doub N N 158 
ILE C   OXT  sing N N 159 
ILE CB  CG1  sing N N 160 
ILE CB  CG2  sing N N 161 
ILE CB  HB   sing N N 162 
ILE CG1 CD1  sing N N 163 
ILE CG1 HG12 sing N N 164 
ILE CG1 HG13 sing N N 165 
ILE CG2 HG21 sing N N 166 
ILE CG2 HG22 sing N N 167 
ILE CG2 HG23 sing N N 168 
ILE CD1 HD11 sing N N 169 
ILE CD1 HD12 sing N N 170 
ILE CD1 HD13 sing N N 171 
ILE OXT HXT  sing N N 172 
LEU N   CA   sing N N 173 
LEU N   H    sing N N 174 
LEU N   H2   sing N N 175 
LEU CA  C    sing N N 176 
LEU CA  CB   sing N N 177 
LEU CA  HA   sing N N 178 
LEU C   O    doub N N 179 
LEU C   OXT  sing N N 180 
LEU CB  CG   sing N N 181 
LEU CB  HB2  sing N N 182 
LEU CB  HB3  sing N N 183 
LEU CG  CD1  sing N N 184 
LEU CG  CD2  sing N N 185 
LEU CG  HG   sing N N 186 
LEU CD1 HD11 sing N N 187 
LEU CD1 HD12 sing N N 188 
LEU CD1 HD13 sing N N 189 
LEU CD2 HD21 sing N N 190 
LEU CD2 HD22 sing N N 191 
LEU CD2 HD23 sing N N 192 
LEU OXT HXT  sing N N 193 
LYS N   CA   sing N N 194 
LYS N   H    sing N N 195 
LYS N   H2   sing N N 196 
LYS CA  C    sing N N 197 
LYS CA  CB   sing N N 198 
LYS CA  HA   sing N N 199 
LYS C   O    doub N N 200 
LYS C   OXT  sing N N 201 
LYS CB  CG   sing N N 202 
LYS CB  HB2  sing N N 203 
LYS CB  HB3  sing N N 204 
LYS CG  CD   sing N N 205 
LYS CG  HG2  sing N N 206 
LYS CG  HG3  sing N N 207 
LYS CD  CE   sing N N 208 
LYS CD  HD2  sing N N 209 
LYS CD  HD3  sing N N 210 
LYS CE  NZ   sing N N 211 
LYS CE  HE2  sing N N 212 
LYS CE  HE3  sing N N 213 
LYS NZ  HZ1  sing N N 214 
LYS NZ  HZ2  sing N N 215 
LYS NZ  HZ3  sing N N 216 
LYS OXT HXT  sing N N 217 
MET N   CA   sing N N 218 
MET N   H    sing N N 219 
MET N   H2   sing N N 220 
MET CA  C    sing N N 221 
MET CA  CB   sing N N 222 
MET CA  HA   sing N N 223 
MET C   O    doub N N 224 
MET C   OXT  sing N N 225 
MET CB  CG   sing N N 226 
MET CB  HB2  sing N N 227 
MET CB  HB3  sing N N 228 
MET CG  SD   sing N N 229 
MET CG  HG2  sing N N 230 
MET CG  HG3  sing N N 231 
MET SD  CE   sing N N 232 
MET CE  HE1  sing N N 233 
MET CE  HE2  sing N N 234 
MET CE  HE3  sing N N 235 
MET OXT HXT  sing N N 236 
PHE N   CA   sing N N 237 
PHE N   H    sing N N 238 
PHE N   H2   sing N N 239 
PHE CA  C    sing N N 240 
PHE CA  CB   sing N N 241 
PHE CA  HA   sing N N 242 
PHE C   O    doub N N 243 
PHE C   OXT  sing N N 244 
PHE CB  CG   sing N N 245 
PHE CB  HB2  sing N N 246 
PHE CB  HB3  sing N N 247 
PHE CG  CD1  doub Y N 248 
PHE CG  CD2  sing Y N 249 
PHE CD1 CE1  sing Y N 250 
PHE CD1 HD1  sing N N 251 
PHE CD2 CE2  doub Y N 252 
PHE CD2 HD2  sing N N 253 
PHE CE1 CZ   doub Y N 254 
PHE CE1 HE1  sing N N 255 
PHE CE2 CZ   sing Y N 256 
PHE CE2 HE2  sing N N 257 
PHE CZ  HZ   sing N N 258 
PHE OXT HXT  sing N N 259 
PRO N   CA   sing N N 260 
PRO N   CD   sing N N 261 
PRO N   H    sing N N 262 
PRO CA  C    sing N N 263 
PRO CA  CB   sing N N 264 
PRO CA  HA   sing N N 265 
PRO C   O    doub N N 266 
PRO C   OXT  sing N N 267 
PRO CB  CG   sing N N 268 
PRO CB  HB2  sing N N 269 
PRO CB  HB3  sing N N 270 
PRO CG  CD   sing N N 271 
PRO CG  HG2  sing N N 272 
PRO CG  HG3  sing N N 273 
PRO CD  HD2  sing N N 274 
PRO CD  HD3  sing N N 275 
PRO OXT HXT  sing N N 276 
SER N   CA   sing N N 277 
SER N   H    sing N N 278 
SER N   H2   sing N N 279 
SER CA  C    sing N N 280 
SER CA  CB   sing N N 281 
SER CA  HA   sing N N 282 
SER C   O    doub N N 283 
SER C   OXT  sing N N 284 
SER CB  OG   sing N N 285 
SER CB  HB2  sing N N 286 
SER CB  HB3  sing N N 287 
SER OG  HG   sing N N 288 
SER OXT HXT  sing N N 289 
THR N   CA   sing N N 290 
THR N   H    sing N N 291 
THR N   H2   sing N N 292 
THR CA  C    sing N N 293 
THR CA  CB   sing N N 294 
THR CA  HA   sing N N 295 
THR C   O    doub N N 296 
THR C   OXT  sing N N 297 
THR CB  OG1  sing N N 298 
THR CB  CG2  sing N N 299 
THR CB  HB   sing N N 300 
THR OG1 HG1  sing N N 301 
THR CG2 HG21 sing N N 302 
THR CG2 HG22 sing N N 303 
THR CG2 HG23 sing N N 304 
THR OXT HXT  sing N N 305 
TRP N   CA   sing N N 306 
TRP N   H    sing N N 307 
TRP N   H2   sing N N 308 
TRP CA  C    sing N N 309 
TRP CA  CB   sing N N 310 
TRP CA  HA   sing N N 311 
TRP C   O    doub N N 312 
TRP C   OXT  sing N N 313 
TRP CB  CG   sing N N 314 
TRP CB  HB2  sing N N 315 
TRP CB  HB3  sing N N 316 
TRP CG  CD1  doub Y N 317 
TRP CG  CD2  sing Y N 318 
TRP CD1 NE1  sing Y N 319 
TRP CD1 HD1  sing N N 320 
TRP CD2 CE2  doub Y N 321 
TRP CD2 CE3  sing Y N 322 
TRP NE1 CE2  sing Y N 323 
TRP NE1 HE1  sing N N 324 
TRP CE2 CZ2  sing Y N 325 
TRP CE3 CZ3  doub Y N 326 
TRP CE3 HE3  sing N N 327 
TRP CZ2 CH2  doub Y N 328 
TRP CZ2 HZ2  sing N N 329 
TRP CZ3 CH2  sing Y N 330 
TRP CZ3 HZ3  sing N N 331 
TRP CH2 HH2  sing N N 332 
TRP OXT HXT  sing N N 333 
TYR N   CA   sing N N 334 
TYR N   H    sing N N 335 
TYR N   H2   sing N N 336 
TYR CA  C    sing N N 337 
TYR CA  CB   sing N N 338 
TYR CA  HA   sing N N 339 
TYR C   O    doub N N 340 
TYR C   OXT  sing N N 341 
TYR CB  CG   sing N N 342 
TYR CB  HB2  sing N N 343 
TYR CB  HB3  sing N N 344 
TYR CG  CD1  doub Y N 345 
TYR CG  CD2  sing Y N 346 
TYR CD1 CE1  sing Y N 347 
TYR CD1 HD1  sing N N 348 
TYR CD2 CE2  doub Y N 349 
TYR CD2 HD2  sing N N 350 
TYR CE1 CZ   doub Y N 351 
TYR CE1 HE1  sing N N 352 
TYR CE2 CZ   sing Y N 353 
TYR CE2 HE2  sing N N 354 
TYR CZ  OH   sing N N 355 
TYR OH  HH   sing N N 356 
TYR OXT HXT  sing N N 357 
VAL N   CA   sing N N 358 
VAL N   H    sing N N 359 
VAL N   H2   sing N N 360 
VAL CA  C    sing N N 361 
VAL CA  CB   sing N N 362 
VAL CA  HA   sing N N 363 
VAL C   O    doub N N 364 
VAL C   OXT  sing N N 365 
VAL CB  CG1  sing N N 366 
VAL CB  CG2  sing N N 367 
VAL CB  HB   sing N N 368 
VAL CG1 HG11 sing N N 369 
VAL CG1 HG12 sing N N 370 
VAL CG1 HG13 sing N N 371 
VAL CG2 HG21 sing N N 372 
VAL CG2 HG22 sing N N 373 
VAL CG2 HG23 sing N N 374 
VAL OXT HXT  sing N N 375 
# 
_atom_sites.entry_id                    3GT7 
_atom_sites.fract_transf_matrix[1][1]   0.00523582 
_atom_sites.fract_transf_matrix[1][2]   -0.00288089 
_atom_sites.fract_transf_matrix[1][3]   -0.01266901 
_atom_sites.fract_transf_matrix[2][1]   0.00410406 
_atom_sites.fract_transf_matrix[2][2]   -0.01303331 
_atom_sites.fract_transf_matrix[2][3]   -0.00308441 
_atom_sites.fract_transf_matrix[3][1]   -0.01202657 
_atom_sites.fract_transf_matrix[3][2]   -0.00275928 
_atom_sites.fract_transf_matrix[3][3]   -0.00434287 
_atom_sites.fract_transf_vector[1]      0.016113 
_atom_sites.fract_transf_vector[2]      -0.332556 
_atom_sites.fract_transf_vector[3]      -0.058842 
# 
loop_
_atom_type.symbol 
C 
N 
O 
S 
# 
loop_
_atom_site.group_PDB 
_atom_site.id 
_atom_site.type_symbol 
_atom_site.label_atom_id 
_atom_site.label_alt_id 
_atom_site.label_comp_id 
_atom_site.label_asym_id 
_atom_site.label_entity_id 
_atom_site.label_seq_id 
_atom_site.pdbx_PDB_ins_code 
_atom_site.Cartn_x 
_atom_site.Cartn_y 
_atom_site.Cartn_z 
_atom_site.occupancy 
_atom_site.B_iso_or_equiv 
_atom_site.pdbx_formal_charge 
_atom_site.auth_seq_id 
_atom_site.auth_comp_id 
_atom_site.auth_asym_id 
_atom_site.auth_atom_id 
_atom_site.pdbx_PDB_model_num 
ATOM   1    N N   . ALA A 1 7   ? 6.492   -4.071  15.906  1.00 72.46  ? 11  ALA A N   1 
ATOM   2    C CA  . ALA A 1 7   ? 5.724   -2.827  15.593  1.00 76.26  ? 11  ALA A CA  1 
ATOM   3    C C   . ALA A 1 7   ? 5.908   -2.359  14.137  1.00 75.93  ? 11  ALA A C   1 
ATOM   4    O O   . ALA A 1 7   ? 7.038   -2.184  13.647  1.00 74.51  ? 11  ALA A O   1 
ATOM   5    C CB  . ALA A 1 7   ? 6.067   -1.707  16.581  1.00 77.24  ? 11  ALA A CB  1 
ATOM   6    N N   . GLY A 1 8   ? 4.772   -2.151  13.469  1.00 72.21  ? 12  GLY A N   1 
ATOM   7    C CA  . GLY A 1 8   ? 4.712   -1.918  12.030  1.00 62.47  ? 12  GLY A CA  1 
ATOM   8    C C   . GLY A 1 8   ? 3.801   -2.937  11.354  1.00 59.19  ? 12  GLY A C   1 
ATOM   9    O O   . GLY A 1 8   ? 4.258   -3.996  10.920  1.00 57.91  ? 12  GLY A O   1 
ATOM   10   N N   . GLU A 1 9   ? 2.510   -2.614  11.275  1.00 54.95  ? 13  GLU A N   1 
ATOM   11   C CA  . GLU A 1 9   ? 1.518   -3.471  10.624  1.00 53.26  ? 13  GLU A CA  1 
ATOM   12   C C   . GLU A 1 9   ? 1.251   -3.012  9.172   1.00 49.62  ? 13  GLU A C   1 
ATOM   13   O O   . GLU A 1 9   ? 0.704   -1.936  8.944   1.00 51.35  ? 13  GLU A O   1 
ATOM   14   C CB  . GLU A 1 9   ? 0.229   -3.490  11.452  1.00 56.02  ? 13  GLU A CB  1 
ATOM   15   C CG  . GLU A 1 9   ? -0.318  -4.889  11.774  1.00 72.57  ? 13  GLU A CG  1 
ATOM   16   C CD  . GLU A 1 9   ? -1.256  -5.456  10.694  1.00 87.53  ? 13  GLU A CD  1 
ATOM   17   O OE1 . GLU A 1 9   ? -2.449  -5.692  11.007  1.00 91.29  ? 13  GLU A OE1 1 
ATOM   18   O OE2 . GLU A 1 9   ? -0.808  -5.672  9.541   1.00 86.26  ? 13  GLU A OE2 1 
ATOM   19   N N   . ILE A 1 10  ? 1.637   -3.836  8.198   1.00 45.39  ? 14  ILE A N   1 
ATOM   20   C CA  . ILE A 1 10  ? 1.613   -3.453  6.777   1.00 41.23  ? 14  ILE A CA  1 
ATOM   21   C C   . ILE A 1 10  ? 0.671   -4.315  5.931   1.00 37.06  ? 14  ILE A C   1 
ATOM   22   O O   . ILE A 1 10  ? 0.747   -5.535  5.973   1.00 42.02  ? 14  ILE A O   1 
ATOM   23   C CB  . ILE A 1 10  ? 3.060   -3.478  6.195   1.00 41.92  ? 14  ILE A CB  1 
ATOM   24   C CG1 . ILE A 1 10  ? 3.886   -2.350  6.825   1.00 40.31  ? 14  ILE A CG1 1 
ATOM   25   C CG2 . ILE A 1 10  ? 3.073   -3.368  4.665   1.00 37.64  ? 14  ILE A CG2 1 
ATOM   26   C CD1 . ILE A 1 10  ? 5.344   -2.478  6.600   1.00 41.81  ? 14  ILE A CD1 1 
ATOM   27   N N   . LEU A 1 11  ? -0.209  -3.684  5.160   1.00 35.04  ? 15  LEU A N   1 
ATOM   28   C CA  . LEU A 1 11  ? -1.105  -4.429  4.258   1.00 33.55  ? 15  LEU A CA  1 
ATOM   29   C C   . LEU A 1 11  ? -0.555  -4.519  2.840   1.00 35.05  ? 15  LEU A C   1 
ATOM   30   O O   . LEU A 1 11  ? -0.409  -3.505  2.163   1.00 43.14  ? 15  LEU A O   1 
ATOM   31   C CB  . LEU A 1 11  ? -2.508  -3.805  4.229   1.00 29.69  ? 15  LEU A CB  1 
ATOM   32   C CG  . LEU A 1 11  ? -3.524  -4.383  3.233   1.00 30.01  ? 15  LEU A CG  1 
ATOM   33   C CD1 . LEU A 1 11  ? -3.910  -5.807  3.604   1.00 30.94  ? 15  LEU A CD1 1 
ATOM   34   C CD2 . LEU A 1 11  ? -4.755  -3.513  3.139   1.00 26.10  ? 15  LEU A CD2 1 
ATOM   35   N N   . ILE A 1 12  ? -0.268  -5.735  2.388   1.00 38.24  ? 16  ILE A N   1 
ATOM   36   C CA  . ILE A 1 12  ? 0.210   -5.963  1.028   1.00 35.49  ? 16  ILE A CA  1 
ATOM   37   C C   . ILE A 1 12  ? -0.954  -6.316  0.100   1.00 38.83  ? 16  ILE A C   1 
ATOM   38   O O   . ILE A 1 12  ? -1.703  -7.266  0.358   1.00 36.20  ? 16  ILE A O   1 
ATOM   39   C CB  . ILE A 1 12  ? 1.277   -7.087  0.971   1.00 38.89  ? 16  ILE A CB  1 
ATOM   40   C CG1 . ILE A 1 12  ? 2.447   -6.793  1.915   1.00 36.58  ? 16  ILE A CG1 1 
ATOM   41   C CG2 . ILE A 1 12  ? 1.786   -7.288  -0.465  1.00 33.38  ? 16  ILE A CG2 1 
ATOM   42   C CD1 . ILE A 1 12  ? 3.256   -8.034  2.270   1.00 36.99  ? 16  ILE A CD1 1 
ATOM   43   N N   . VAL A 1 13  ? -1.095  -5.545  -0.978  1.00 36.63  ? 17  VAL A N   1 
ATOM   44   C CA  . VAL A 1 13  ? -2.121  -5.794  -1.993  1.00 35.05  ? 17  VAL A CA  1 
ATOM   45   C C   . VAL A 1 13  ? -1.468  -6.288  -3.301  1.00 38.37  ? 17  VAL A C   1 
ATOM   46   O O   . VAL A 1 13  ? -0.896  -5.513  -4.069  1.00 36.60  ? 17  VAL A O   1 
ATOM   47   C CB  . VAL A 1 13  ? -3.019  -4.551  -2.226  1.00 32.84  ? 17  VAL A CB  1 
ATOM   48   C CG1 . VAL A 1 13  ? -4.183  -4.898  -3.130  1.00 32.03  ? 17  VAL A CG1 1 
ATOM   49   C CG2 . VAL A 1 13  ? -3.534  -3.998  -0.898  1.00 27.82  ? 17  VAL A CG2 1 
ATOM   50   N N   . GLU A 1 14  ? -1.562  -7.596  -3.537  1.00 40.79  ? 18  GLU A N   1 
ATOM   51   C CA  . GLU A 1 14  ? -0.780  -8.261  -4.576  1.00 43.43  ? 18  GLU A CA  1 
ATOM   52   C C   . GLU A 1 14  ? -1.475  -9.523  -5.090  1.00 43.72  ? 18  GLU A C   1 
ATOM   53   O O   . GLU A 1 14  ? -1.776  -10.432 -4.323  1.00 44.43  ? 18  GLU A O   1 
ATOM   54   C CB  . GLU A 1 14  ? 0.617   -8.596  -4.034  1.00 41.78  ? 18  GLU A CB  1 
ATOM   55   C CG  . GLU A 1 14  ? 1.497   -9.393  -4.974  1.00 42.17  ? 18  GLU A CG  1 
ATOM   56   C CD  . GLU A 1 14  ? 1.880   -8.625  -6.198  1.00 43.37  ? 18  GLU A CD  1 
ATOM   57   O OE1 . GLU A 1 14  ? 1.250   -8.849  -7.250  1.00 48.82  ? 18  GLU A OE1 1 
ATOM   58   O OE2 . GLU A 1 14  ? 2.803   -7.791  -6.099  1.00 42.79  ? 18  GLU A OE2 1 
ATOM   59   N N   . ASP A 1 15  ? -1.711  -9.578  -6.391  1.00 46.51  ? 19  ASP A N   1 
ATOM   60   C CA  . ASP A 1 15  ? -2.438  -10.690 -6.985  1.00 51.47  ? 19  ASP A CA  1 
ATOM   61   C C   . ASP A 1 15  ? -1.559  -11.934 -7.176  1.00 54.37  ? 19  ASP A C   1 
ATOM   62   O O   . ASP A 1 15  ? -2.049  -13.061 -7.049  1.00 59.14  ? 19  ASP A O   1 
ATOM   63   C CB  . ASP A 1 15  ? -3.079  -10.250 -8.302  1.00 54.02  ? 19  ASP A CB  1 
ATOM   64   C CG  . ASP A 1 15  ? -4.039  -11.279 -8.866  1.00 64.92  ? 19  ASP A CG  1 
ATOM   65   O OD1 . ASP A 1 15  ? -4.940  -11.744 -8.129  1.00 67.63  ? 19  ASP A OD1 1 
ATOM   66   O OD2 . ASP A 1 15  ? -3.895  -11.613 -10.061 1.00 67.09  ? 19  ASP A OD2 1 
ATOM   67   N N   . SER A 1 16  ? -0.274  -11.727 -7.473  1.00 51.93  ? 20  SER A N   1 
ATOM   68   C CA  . SER A 1 16  ? 0.689   -12.828 -7.601  1.00 48.66  ? 20  SER A CA  1 
ATOM   69   C C   . SER A 1 16  ? 1.100   -13.389 -6.239  1.00 48.09  ? 20  SER A C   1 
ATOM   70   O O   . SER A 1 16  ? 1.721   -12.681 -5.443  1.00 47.05  ? 20  SER A O   1 
ATOM   71   C CB  . SER A 1 16  ? 1.929   -12.371 -8.363  1.00 50.47  ? 20  SER A CB  1 
ATOM   72   O OG  . SER A 1 16  ? 3.013   -13.255 -8.132  1.00 55.64  ? 20  SER A OG  1 
ATOM   73   N N   . PRO A 1 17  ? 0.775   -14.672 -5.972  1.00 47.56  ? 21  PRO A N   1 
ATOM   74   C CA  . PRO A 1 17  ? 0.998   -15.280 -4.659  1.00 46.78  ? 21  PRO A CA  1 
ATOM   75   C C   . PRO A 1 17  ? 2.471   -15.370 -4.272  1.00 51.63  ? 21  PRO A C   1 
ATOM   76   O O   . PRO A 1 17  ? 2.810   -15.235 -3.091  1.00 53.90  ? 21  PRO A O   1 
ATOM   77   C CB  . PRO A 1 17  ? 0.398   -16.683 -4.821  1.00 47.01  ? 21  PRO A CB  1 
ATOM   78   C CG  . PRO A 1 17  ? -0.546  -16.570 -5.987  1.00 45.54  ? 21  PRO A CG  1 
ATOM   79   C CD  . PRO A 1 17  ? 0.157   -15.631 -6.905  1.00 48.94  ? 21  PRO A CD  1 
ATOM   80   N N   . THR A 1 18  ? 3.331   -15.572 -5.266  1.00 52.23  ? 22  THR A N   1 
ATOM   81   C CA  . THR A 1 18  ? 4.766   -15.719 -5.038  1.00 52.27  ? 22  THR A CA  1 
ATOM   82   C C   . THR A 1 18  ? 5.452   -14.377 -4.787  1.00 49.15  ? 22  THR A C   1 
ATOM   83   O O   . THR A 1 18  ? 6.342   -14.267 -3.945  1.00 49.86  ? 22  THR A O   1 
ATOM   84   C CB  . THR A 1 18  ? 5.448   -16.472 -6.210  1.00 55.89  ? 22  THR A CB  1 
ATOM   85   O OG1 . THR A 1 18  ? 5.065   -15.877 -7.458  1.00 59.50  ? 22  THR A OG1 1 
ATOM   86   C CG2 . THR A 1 18  ? 5.039   -17.951 -6.205  1.00 51.97  ? 22  THR A CG2 1 
ATOM   87   N N   . GLN A 1 19  ? 5.027   -13.357 -5.522  1.00 51.21  ? 23  GLN A N   1 
ATOM   88   C CA  . GLN A 1 19  ? 5.522   -11.998 -5.325  1.00 52.01  ? 23  GLN A CA  1 
ATOM   89   C C   . GLN A 1 19  ? 5.075   -11.454 -3.971  1.00 50.41  ? 23  GLN A C   1 
ATOM   90   O O   . GLN A 1 19  ? 5.847   -10.787 -3.275  1.00 49.99  ? 23  GLN A O   1 
ATOM   91   C CB  . GLN A 1 19  ? 5.038   -11.084 -6.453  1.00 54.01  ? 23  GLN A CB  1 
ATOM   92   C CG  . GLN A 1 19  ? 5.708   -11.332 -7.794  1.00 55.97  ? 23  GLN A CG  1 
ATOM   93   C CD  . GLN A 1 19  ? 5.161   -10.439 -8.891  1.00 55.20  ? 23  GLN A CD  1 
ATOM   94   O OE1 . GLN A 1 19  ? 5.026   -9.228  -8.715  1.00 50.50  ? 23  GLN A OE1 1 
ATOM   95   N NE2 . GLN A 1 19  ? 4.853   -11.034 -10.037 1.00 60.62  ? 23  GLN A NE2 1 
ATOM   96   N N   . ALA A 1 20  ? 3.831   -11.761 -3.604  1.00 47.84  ? 24  ALA A N   1 
ATOM   97   C CA  . ALA A 1 20  ? 3.285   -11.441 -2.285  1.00 47.43  ? 24  ALA A CA  1 
ATOM   98   C C   . ALA A 1 20  ? 4.127   -12.059 -1.175  1.00 47.29  ? 24  ALA A C   1 
ATOM   99   O O   . ALA A 1 20  ? 4.430   -11.403 -0.172  1.00 44.23  ? 24  ALA A O   1 
ATOM   100  C CB  . ALA A 1 20  ? 1.860   -11.922 -2.189  1.00 44.44  ? 24  ALA A CB  1 
ATOM   101  N N   . GLU A 1 21  ? 4.515   -13.317 -1.386  1.00 50.33  ? 25  GLU A N   1 
ATOM   102  C CA  . GLU A 1 21  ? 5.368   -14.045 -0.461  1.00 50.95  ? 25  GLU A CA  1 
ATOM   103  C C   . GLU A 1 21  ? 6.746   -13.396 -0.321  1.00 50.17  ? 25  GLU A C   1 
ATOM   104  O O   . GLU A 1 21  ? 7.248   -13.275 0.792   1.00 54.86  ? 25  GLU A O   1 
ATOM   105  C CB  . GLU A 1 21  ? 5.483   -15.514 -0.875  1.00 53.97  ? 25  GLU A CB  1 
ATOM   106  C CG  . GLU A 1 21  ? 6.092   -16.427 0.186   1.00 60.78  ? 25  GLU A CG  1 
ATOM   107  C CD  . GLU A 1 21  ? 5.303   -16.447 1.487   1.00 68.88  ? 25  GLU A CD  1 
ATOM   108  O OE1 . GLU A 1 21  ? 5.926   -16.317 2.565   1.00 74.13  ? 25  GLU A OE1 1 
ATOM   109  O OE2 . GLU A 1 21  ? 4.063   -16.587 1.431   1.00 71.38  ? 25  GLU A OE2 1 
ATOM   110  N N   . HIS A 1 22  ? 7.341   -12.963 -1.436  1.00 48.09  ? 26  HIS A N   1 
ATOM   111  C CA  . HIS A 1 22  ? 8.631   -12.260 -1.396  1.00 46.77  ? 26  HIS A CA  1 
ATOM   112  C C   . HIS A 1 22  ? 8.557   -10.973 -0.573  1.00 47.76  ? 26  HIS A C   1 
ATOM   113  O O   . HIS A 1 22  ? 9.465   -10.647 0.198   1.00 48.68  ? 26  HIS A O   1 
ATOM   114  C CB  . HIS A 1 22  ? 9.145   -11.952 -2.805  1.00 46.13  ? 26  HIS A CB  1 
ATOM   115  C CG  . HIS A 1 22  ? 10.444  -11.206 -2.812  1.00 48.25  ? 26  HIS A CG  1 
ATOM   116  N ND1 . HIS A 1 22  ? 11.652  -11.815 -2.544  1.00 50.48  ? 26  HIS A ND1 1 
ATOM   117  C CD2 . HIS A 1 22  ? 10.720  -9.896  -3.015  1.00 49.34  ? 26  HIS A CD2 1 
ATOM   118  C CE1 . HIS A 1 22  ? 12.617  -10.915 -2.597  1.00 50.05  ? 26  HIS A CE1 1 
ATOM   119  N NE2 . HIS A 1 22  ? 12.079  -9.742  -2.882  1.00 48.81  ? 26  HIS A NE2 1 
ATOM   120  N N   . LEU A 1 23  ? 7.456   -10.254 -0.739  1.00 49.51  ? 27  LEU A N   1 
ATOM   121  C CA  . LEU A 1 23  ? 7.194   -9.060  0.037   1.00 47.38  ? 27  LEU A CA  1 
ATOM   122  C C   . LEU A 1 23  ? 6.990   -9.411  1.507   1.00 50.37  ? 27  LEU A C   1 
ATOM   123  O O   . LEU A 1 23  ? 7.445   -8.677  2.381   1.00 53.48  ? 27  LEU A O   1 
ATOM   124  C CB  . LEU A 1 23  ? 5.974   -8.328  -0.520  1.00 46.91  ? 27  LEU A CB  1 
ATOM   125  C CG  . LEU A 1 23  ? 6.132   -7.708  -1.910  1.00 45.60  ? 27  LEU A CG  1 
ATOM   126  C CD1 . LEU A 1 23  ? 4.787   -7.569  -2.578  1.00 46.10  ? 27  LEU A CD1 1 
ATOM   127  C CD2 . LEU A 1 23  ? 6.835   -6.369  -1.853  1.00 40.77  ? 27  LEU A CD2 1 
ATOM   128  N N   . LYS A 1 24  ? 6.325   -10.534 1.771   1.00 51.70  ? 28  LYS A N   1 
ATOM   129  C CA  . LYS A 1 24  ? 6.141   -11.023 3.137   1.00 50.99  ? 28  LYS A CA  1 
ATOM   130  C C   . LYS A 1 24  ? 7.486   -11.327 3.784   1.00 52.01  ? 28  LYS A C   1 
ATOM   131  O O   . LYS A 1 24  ? 7.732   -10.907 4.920   1.00 52.66  ? 28  LYS A O   1 
ATOM   132  C CB  . LYS A 1 24  ? 5.256   -12.270 3.159   1.00 51.81  ? 28  LYS A CB  1 
ATOM   133  C CG  . LYS A 1 24  ? 4.719   -12.639 4.529   1.00 51.41  ? 28  LYS A CG  1 
ATOM   134  C CD  . LYS A 1 24  ? 4.246   -14.081 4.554   1.00 59.28  ? 28  LYS A CD  1 
ATOM   135  C CE  . LYS A 1 24  ? 3.238   -14.326 5.673   1.00 67.04  ? 28  LYS A CE  1 
ATOM   136  N NZ  . LYS A 1 24  ? 1.859   -13.880 5.301   1.00 70.39  ? 28  LYS A NZ  1 
ATOM   137  N N   . HIS A 1 25  ? 8.355   -12.029 3.054   1.00 51.52  ? 29  HIS A N   1 
ATOM   138  C CA  . HIS A 1 25  ? 9.660   -12.428 3.580   1.00 56.37  ? 29  HIS A CA  1 
ATOM   139  C C   . HIS A 1 25  ? 10.495  -11.237 4.002   1.00 55.95  ? 29  HIS A C   1 
ATOM   140  O O   . HIS A 1 25  ? 10.864  -11.138 5.168   1.00 60.64  ? 29  HIS A O   1 
ATOM   141  C CB  . HIS A 1 25  ? 10.445  -13.296 2.587   1.00 63.33  ? 29  HIS A CB  1 
ATOM   142  C CG  . HIS A 1 25  ? 9.894   -14.680 2.419   1.00 79.69  ? 29  HIS A CG  1 
ATOM   143  N ND1 . HIS A 1 25  ? 9.566   -15.488 3.489   1.00 89.37  ? 29  HIS A ND1 1 
ATOM   144  C CD2 . HIS A 1 25  ? 9.624   -15.404 1.305   1.00 84.72  ? 29  HIS A CD2 1 
ATOM   145  C CE1 . HIS A 1 25  ? 9.107   -16.644 3.040   1.00 93.29  ? 29  HIS A CE1 1 
ATOM   146  N NE2 . HIS A 1 25  ? 9.135   -16.619 1.719   1.00 88.62  ? 29  HIS A NE2 1 
ATOM   147  N N   . ILE A 1 26  ? 10.744  -10.316 3.074   1.00 55.75  ? 30  ILE A N   1 
ATOM   148  C CA  . ILE A 1 26  ? 11.694  -9.217  3.303   1.00 55.37  ? 30  ILE A CA  1 
ATOM   149  C C   . ILE A 1 26  ? 11.213  -8.151  4.290   1.00 55.68  ? 30  ILE A C   1 
ATOM   150  O O   . ILE A 1 26  ? 12.032  -7.452  4.899   1.00 57.06  ? 30  ILE A O   1 
ATOM   151  C CB  . ILE A 1 26  ? 12.213  -8.572  1.971   1.00 57.40  ? 30  ILE A CB  1 
ATOM   152  C CG1 . ILE A 1 26  ? 11.149  -7.700  1.304   1.00 60.39  ? 30  ILE A CG1 1 
ATOM   153  C CG2 . ILE A 1 26  ? 12.713  -9.644  1.002   1.00 57.09  ? 30  ILE A CG2 1 
ATOM   154  C CD1 . ILE A 1 26  ? 11.730  -6.480  0.607   1.00 67.18  ? 30  ILE A CD1 1 
ATOM   155  N N   . LEU A 1 27  ? 9.897   -8.033  4.457   1.00 54.67  ? 31  LEU A N   1 
ATOM   156  C CA  . LEU A 1 27  ? 9.335   -7.068  5.403   1.00 54.93  ? 31  LEU A CA  1 
ATOM   157  C C   . LEU A 1 27  ? 9.263   -7.602  6.832   1.00 60.62  ? 31  LEU A C   1 
ATOM   158  O O   . LEU A 1 27  ? 9.457   -6.845  7.792   1.00 61.86  ? 31  LEU A O   1 
ATOM   159  C CB  . LEU A 1 27  ? 7.960   -6.585  4.946   1.00 50.47  ? 31  LEU A CB  1 
ATOM   160  C CG  . LEU A 1 27  ? 7.919   -5.656  3.730   1.00 47.60  ? 31  LEU A CG  1 
ATOM   161  C CD1 . LEU A 1 27  ? 6.485   -5.483  3.291   1.00 45.09  ? 31  LEU A CD1 1 
ATOM   162  C CD2 . LEU A 1 27  ? 8.567   -4.305  4.006   1.00 41.18  ? 31  LEU A CD2 1 
ATOM   163  N N   . GLU A 1 28  ? 8.981   -8.897  6.974   1.00 64.10  ? 32  GLU A N   1 
ATOM   164  C CA  . GLU A 1 28  ? 8.971   -9.537  8.287   1.00 68.22  ? 32  GLU A CA  1 
ATOM   165  C C   . GLU A 1 28  ? 10.385  -9.707  8.828   1.00 69.58  ? 32  GLU A C   1 
ATOM   166  O O   . GLU A 1 28  ? 10.602  -9.614  10.031  1.00 71.29  ? 32  GLU A O   1 
ATOM   167  C CB  . GLU A 1 28  ? 8.219   -10.868 8.251   1.00 67.46  ? 32  GLU A CB  1 
ATOM   168  C CG  . GLU A 1 28  ? 6.704   -10.689 8.138   1.00 72.74  ? 32  GLU A CG  1 
ATOM   169  C CD  . GLU A 1 28  ? 5.932   -11.972 7.863   1.00 73.41  ? 32  GLU A CD  1 
ATOM   170  O OE1 . GLU A 1 28  ? 6.543   -13.002 7.503   1.00 81.49  ? 32  GLU A OE1 1 
ATOM   171  O OE2 . GLU A 1 28  ? 4.690   -11.941 7.994   1.00 77.06  ? 32  GLU A OE2 1 
ATOM   172  N N   . GLU A 1 29  ? 11.342  -9.921  7.927   1.00 72.51  ? 33  GLU A N   1 
ATOM   173  C CA  . GLU A 1 29  ? 12.753  -10.049 8.283   1.00 78.41  ? 33  GLU A CA  1 
ATOM   174  C C   . GLU A 1 29  ? 13.331  -8.760  8.846   1.00 81.15  ? 33  GLU A C   1 
ATOM   175  O O   . GLU A 1 29  ? 14.276  -8.795  9.634   1.00 85.39  ? 33  GLU A O   1 
ATOM   176  C CB  . GLU A 1 29  ? 13.579  -10.497 7.076   1.00 81.32  ? 33  GLU A CB  1 
ATOM   177  C CG  . GLU A 1 29  ? 13.582  -12.004 6.843   1.00 92.08  ? 33  GLU A CG  1 
ATOM   178  C CD  . GLU A 1 29  ? 13.927  -12.383 5.409   1.00 101.68 ? 33  GLU A CD  1 
ATOM   179  O OE1 . GLU A 1 29  ? 14.831  -11.745 4.822   1.00 107.57 ? 33  GLU A OE1 1 
ATOM   180  O OE2 . GLU A 1 29  ? 13.295  -13.322 4.870   1.00 103.54 ? 33  GLU A OE2 1 
ATOM   181  N N   . THR A 1 30  ? 12.770  -7.625  8.435   1.00 81.71  ? 34  THR A N   1 
ATOM   182  C CA  . THR A 1 30  ? 13.181  -6.327  8.970   1.00 79.74  ? 34  THR A CA  1 
ATOM   183  C C   . THR A 1 30  ? 12.313  -5.930  10.159  1.00 77.19  ? 34  THR A C   1 
ATOM   184  O O   . THR A 1 30  ? 12.565  -4.911  10.805  1.00 78.46  ? 34  THR A O   1 
ATOM   185  C CB  . THR A 1 30  ? 13.192  -5.223  7.892   1.00 79.26  ? 34  THR A CB  1 
ATOM   186  O OG1 . THR A 1 30  ? 12.097  -5.423  6.992   1.00 83.08  ? 34  THR A OG1 1 
ATOM   187  C CG2 . THR A 1 30  ? 14.495  -5.262  7.101   1.00 80.90  ? 34  THR A CG2 1 
ATOM   188  N N   . GLY A 1 31  ? 11.291  -6.737  10.440  1.00 73.98  ? 35  GLY A N   1 
ATOM   189  C CA  . GLY A 1 31  ? 10.544  -6.625  11.696  1.00 71.31  ? 35  GLY A CA  1 
ATOM   190  C C   . GLY A 1 31  ? 9.078   -6.227  11.656  1.00 66.89  ? 35  GLY A C   1 
ATOM   191  O O   . GLY A 1 31  ? 8.450   -6.063  12.703  1.00 66.21  ? 35  GLY A O   1 
ATOM   192  N N   . TYR A 1 32  ? 8.522   -6.070  10.463  1.00 62.75  ? 36  TYR A N   1 
ATOM   193  C CA  . TYR A 1 32  ? 7.124   -5.685  10.344  1.00 60.47  ? 36  TYR A CA  1 
ATOM   194  C C   . TYR A 1 32  ? 6.210   -6.900  10.418  1.00 60.93  ? 36  TYR A C   1 
ATOM   195  O O   . TYR A 1 32  ? 6.625   -8.022  10.118  1.00 57.24  ? 36  TYR A O   1 
ATOM   196  C CB  . TYR A 1 32  ? 6.887   -4.907  9.048   1.00 58.44  ? 36  TYR A CB  1 
ATOM   197  C CG  . TYR A 1 32  ? 7.763   -3.682  8.923   1.00 55.54  ? 36  TYR A CG  1 
ATOM   198  C CD1 . TYR A 1 32  ? 7.591   -2.588  9.773   1.00 54.01  ? 36  TYR A CD1 1 
ATOM   199  C CD2 . TYR A 1 32  ? 8.768   -3.618  7.960   1.00 56.03  ? 36  TYR A CD2 1 
ATOM   200  C CE1 . TYR A 1 32  ? 8.400   -1.463  9.671   1.00 50.17  ? 36  TYR A CE1 1 
ATOM   201  C CE2 . TYR A 1 32  ? 9.589   -2.496  7.848   1.00 56.05  ? 36  TYR A CE2 1 
ATOM   202  C CZ  . TYR A 1 32  ? 9.393   -1.420  8.704   1.00 57.28  ? 36  TYR A CZ  1 
ATOM   203  O OH  . TYR A 1 32  ? 10.192  -0.301  8.594   1.00 61.42  ? 36  TYR A OH  1 
ATOM   204  N N   . GLN A 1 33  ? 4.976   -6.677  10.853  1.00 59.33  ? 37  GLN A N   1 
ATOM   205  C CA  . GLN A 1 33  ? 3.941   -7.687  10.746  1.00 58.96  ? 37  GLN A CA  1 
ATOM   206  C C   . GLN A 1 33  ? 3.198   -7.324  9.479   1.00 54.54  ? 37  GLN A C   1 
ATOM   207  O O   . GLN A 1 33  ? 2.999   -6.148  9.197   1.00 56.55  ? 37  GLN A O   1 
ATOM   208  C CB  . GLN A 1 33  ? 3.022   -7.643  11.966  1.00 64.12  ? 37  GLN A CB  1 
ATOM   209  C CG  . GLN A 1 33  ? 2.444   -9.003  12.379  1.00 81.70  ? 37  GLN A CG  1 
ATOM   210  C CD  . GLN A 1 33  ? 1.006   -9.234  11.889  1.00 93.38  ? 37  GLN A CD  1 
ATOM   211  O OE1 . GLN A 1 33  ? 0.152   -8.341  11.971  1.00 96.69  ? 37  GLN A OE1 1 
ATOM   212  N NE2 . GLN A 1 33  ? 0.734   -10.445 11.393  1.00 94.66  ? 37  GLN A NE2 1 
ATOM   213  N N   . THR A 1 34  ? 2.837   -8.321  8.678   1.00 50.82  ? 38  THR A N   1 
ATOM   214  C CA  . THR A 1 34  ? 2.203   -8.054  7.394   1.00 47.08  ? 38  THR A CA  1 
ATOM   215  C C   . THR A 1 34  ? 0.907   -8.838  7.204   1.00 47.52  ? 38  THR A C   1 
ATOM   216  O O   . THR A 1 34  ? 0.708   -9.879  7.819   1.00 53.06  ? 38  THR A O   1 
ATOM   217  C CB  . THR A 1 34  ? 3.153   -8.341  6.203   1.00 47.37  ? 38  THR A CB  1 
ATOM   218  O OG1 . THR A 1 34  ? 3.273   -9.752  6.002   1.00 48.95  ? 38  THR A OG1 1 
ATOM   219  C CG2 . THR A 1 34  ? 4.541   -7.728  6.416   1.00 44.92  ? 38  THR A CG2 1 
ATOM   220  N N   . GLU A 1 35  ? 0.020   -8.316  6.365   1.00 45.21  ? 39  GLU A N   1 
ATOM   221  C CA  . GLU A 1 35  ? -1.175  -9.038  5.941   1.00 47.60  ? 39  GLU A CA  1 
ATOM   222  C C   . GLU A 1 35  ? -1.260  -8.974  4.423   1.00 47.31  ? 39  GLU A C   1 
ATOM   223  O O   . GLU A 1 35  ? -0.743  -8.047  3.805   1.00 46.34  ? 39  GLU A O   1 
ATOM   224  C CB  . GLU A 1 35  ? -2.444  -8.447  6.559   1.00 51.65  ? 39  GLU A CB  1 
ATOM   225  C CG  . GLU A 1 35  ? -2.480  -8.411  8.101   1.00 67.17  ? 39  GLU A CG  1 
ATOM   226  C CD  . GLU A 1 35  ? -2.759  -9.763  8.767   1.00 73.70  ? 39  GLU A CD  1 
ATOM   227  O OE1 . GLU A 1 35  ? -2.476  -9.886  9.979   1.00 75.91  ? 39  GLU A OE1 1 
ATOM   228  O OE2 . GLU A 1 35  ? -3.267  -10.691 8.096   1.00 78.08  ? 39  GLU A OE2 1 
ATOM   229  N N   . HIS A 1 36  ? -1.913  -9.961  3.822   1.00 46.26  ? 40  HIS A N   1 
ATOM   230  C CA  . HIS A 1 36  ? -1.946  -10.072 2.373   1.00 45.38  ? 40  HIS A CA  1 
ATOM   231  C C   . HIS A 1 36  ? -3.367  -10.089 1.862   1.00 44.63  ? 40  HIS A C   1 
ATOM   232  O O   . HIS A 1 36  ? -4.240  -10.701 2.454   1.00 51.31  ? 40  HIS A O   1 
ATOM   233  C CB  . HIS A 1 36  ? -1.191  -11.328 1.918   1.00 49.08  ? 40  HIS A CB  1 
ATOM   234  C CG  . HIS A 1 36  ? -1.410  -11.686 0.480   1.00 49.95  ? 40  HIS A CG  1 
ATOM   235  N ND1 . HIS A 1 36  ? -1.892  -12.916 0.086   1.00 58.52  ? 40  HIS A ND1 1 
ATOM   236  C CD2 . HIS A 1 36  ? -1.228  -10.973 -0.657  1.00 54.08  ? 40  HIS A CD2 1 
ATOM   237  C CE1 . HIS A 1 36  ? -1.991  -12.948 -1.231  1.00 61.35  ? 40  HIS A CE1 1 
ATOM   238  N NE2 . HIS A 1 36  ? -1.601  -11.778 -1.707  1.00 58.47  ? 40  HIS A NE2 1 
ATOM   239  N N   . VAL A 1 37  ? -3.579  -9.405  0.749   1.00 41.59  ? 41  VAL A N   1 
ATOM   240  C CA  . VAL A 1 37  ? -4.865  -9.335  0.089   1.00 41.94  ? 41  VAL A CA  1 
ATOM   241  C C   . VAL A 1 37  ? -4.598  -9.395  -1.431  1.00 43.78  ? 41  VAL A C   1 
ATOM   242  O O   . VAL A 1 37  ? -3.506  -9.054  -1.875  1.00 46.86  ? 41  VAL A O   1 
ATOM   243  C CB  . VAL A 1 37  ? -5.614  -8.075  0.594   1.00 42.84  ? 41  VAL A CB  1 
ATOM   244  C CG1 . VAL A 1 37  ? -6.027  -7.159  -0.519  1.00 42.18  ? 41  VAL A CG1 1 
ATOM   245  C CG2 . VAL A 1 37  ? -6.779  -8.466  1.487   1.00 39.52  ? 41  VAL A CG2 1 
ATOM   246  N N   . ARG A 1 38  ? -5.556  -9.861  -2.224  1.00 42.33  ? 42  ARG A N   1 
ATOM   247  C CA  . ARG A 1 38  ? -5.283  -10.148 -3.638  1.00 46.99  ? 42  ARG A CA  1 
ATOM   248  C C   . ARG A 1 38  ? -5.601  -9.037  -4.643  1.00 48.22  ? 42  ARG A C   1 
ATOM   249  O O   . ARG A 1 38  ? -4.990  -8.972  -5.711  1.00 52.47  ? 42  ARG A O   1 
ATOM   250  C CB  . ARG A 1 38  ? -5.936  -11.471 -4.058  1.00 49.07  ? 42  ARG A CB  1 
ATOM   251  C CG  . ARG A 1 38  ? -5.078  -12.683 -3.701  1.00 66.12  ? 42  ARG A CG  1 
ATOM   252  C CD  . ARG A 1 38  ? -5.866  -13.993 -3.591  1.00 85.27  ? 42  ARG A CD  1 
ATOM   253  N NE  . ARG A 1 38  ? -6.665  -14.301 -4.779  1.00 96.89  ? 42  ARG A NE  1 
ATOM   254  C CZ  . ARG A 1 38  ? -6.195  -14.844 -5.899  1.00 102.87 ? 42  ARG A CZ  1 
ATOM   255  N NH1 . ARG A 1 38  ? -7.025  -15.083 -6.909  1.00 106.22 ? 42  ARG A NH1 1 
ATOM   256  N NH2 . ARG A 1 38  ? -4.903  -15.145 -6.019  1.00 104.69 ? 42  ARG A NH2 1 
ATOM   257  N N   . ASN A 1 39  ? -6.558  -8.177  -4.308  1.00 44.78  ? 43  ASN A N   1 
ATOM   258  C CA  . ASN A 1 39  ? -6.919  -7.054  -5.161  1.00 39.87  ? 43  ASN A CA  1 
ATOM   259  C C   . ASN A 1 39  ? -7.430  -5.896  -4.327  1.00 41.20  ? 43  ASN A C   1 
ATOM   260  O O   . ASN A 1 39  ? -7.505  -6.011  -3.107  1.00 45.26  ? 43  ASN A O   1 
ATOM   261  C CB  . ASN A 1 39  ? -7.930  -7.470  -6.248  1.00 41.55  ? 43  ASN A CB  1 
ATOM   262  C CG  . ASN A 1 39  ? -9.241  -8.007  -5.689  1.00 42.98  ? 43  ASN A CG  1 
ATOM   263  O OD1 . ASN A 1 39  ? -9.893  -7.375  -4.864  1.00 50.35  ? 43  ASN A OD1 1 
ATOM   264  N ND2 . ASN A 1 39  ? -9.652  -9.170  -6.174  1.00 45.51  ? 43  ASN A ND2 1 
ATOM   265  N N   . GLY A 1 40  ? -7.801  -4.797  -4.981  1.00 39.21  ? 44  GLY A N   1 
ATOM   266  C CA  . GLY A 1 40  ? -8.232  -3.586  -4.288  1.00 40.53  ? 44  GLY A CA  1 
ATOM   267  C C   . GLY A 1 40  ? -9.532  -3.764  -3.530  1.00 44.86  ? 44  GLY A C   1 
ATOM   268  O O   . GLY A 1 40  ? -9.693  -3.231  -2.431  1.00 44.78  ? 44  GLY A O   1 
ATOM   269  N N   . ARG A 1 41  ? -10.446 -4.535  -4.113  1.00 44.97  ? 45  ARG A N   1 
ATOM   270  C CA  . ARG A 1 41  ? -11.759 -4.783  -3.525  1.00 44.30  ? 45  ARG A CA  1 
ATOM   271  C C   . ARG A 1 41  ? -11.664 -5.579  -2.229  1.00 45.79  ? 45  ARG A C   1 
ATOM   272  O O   . ARG A 1 41  ? -12.441 -5.361  -1.303  1.00 53.34  ? 45  ARG A O   1 
ATOM   273  C CB  . ARG A 1 41  ? -12.667 -5.483  -4.539  1.00 45.17  ? 45  ARG A CB  1 
ATOM   274  C CG  . ARG A 1 41  ? -14.132 -5.581  -4.136  1.00 50.47  ? 45  ARG A CG  1 
ATOM   275  C CD  . ARG A 1 41  ? -14.713 -4.229  -3.781  1.00 55.26  ? 45  ARG A CD  1 
ATOM   276  N NE  . ARG A 1 41  ? -14.545 -3.241  -4.845  1.00 51.92  ? 45  ARG A NE  1 
ATOM   277  C CZ  . ARG A 1 41  ? -14.764 -1.940  -4.690  1.00 54.54  ? 45  ARG A CZ  1 
ATOM   278  N NH1 . ARG A 1 41  ? -14.589 -1.115  -5.712  1.00 59.72  ? 45  ARG A NH1 1 
ATOM   279  N NH2 . ARG A 1 41  ? -15.159 -1.463  -3.514  1.00 48.55  ? 45  ARG A NH2 1 
ATOM   280  N N   . GLU A 1 42  ? -10.691 -6.478  -2.158  1.00 44.88  ? 46  GLU A N   1 
ATOM   281  C CA  . GLU A 1 42  ? -10.414 -7.203  -0.930  1.00 48.11  ? 46  GLU A CA  1 
ATOM   282  C C   . GLU A 1 42  ? -9.774  -6.291  0.118   1.00 48.78  ? 46  GLU A C   1 
ATOM   283  O O   . GLU A 1 42  ? -10.041 -6.432  1.322   1.00 47.74  ? 46  GLU A O   1 
ATOM   284  C CB  . GLU A 1 42  ? -9.527  -8.414  -1.213  1.00 48.16  ? 46  GLU A CB  1 
ATOM   285  C CG  . GLU A 1 42  ? -10.191 -9.450  -2.106  1.00 49.15  ? 46  GLU A CG  1 
ATOM   286  C CD  . GLU A 1 42  ? -9.389  -10.731 -2.235  1.00 58.09  ? 46  GLU A CD  1 
ATOM   287  O OE1 . GLU A 1 42  ? -9.789  -11.588 -3.052  1.00 64.52  ? 46  GLU A OE1 1 
ATOM   288  O OE2 . GLU A 1 42  ? -8.368  -10.890 -1.524  1.00 59.60  ? 46  GLU A OE2 1 
ATOM   289  N N   . ALA A 1 43  ? -8.943  -5.355  -0.352  1.00 47.69  ? 47  ALA A N   1 
ATOM   290  C CA  . ALA A 1 43  ? -8.311  -4.349  0.510   1.00 40.87  ? 47  ALA A CA  1 
ATOM   291  C C   . ALA A 1 43  ? -9.364  -3.458  1.158   1.00 39.00  ? 47  ALA A C   1 
ATOM   292  O O   . ALA A 1 43  ? -9.285  -3.198  2.347   1.00 44.38  ? 47  ALA A O   1 
ATOM   293  C CB  . ALA A 1 43  ? -7.301  -3.524  -0.266  1.00 33.06  ? 47  ALA A CB  1 
ATOM   294  N N   . VAL A 1 44  ? -10.362 -3.036  0.384   1.00 36.36  ? 48  VAL A N   1 
ATOM   295  C CA  . VAL A 1 44  ? -11.519 -2.325  0.927   1.00 38.86  ? 48  VAL A CA  1 
ATOM   296  C C   . VAL A 1 44  ? -12.161 -3.112  2.080   1.00 41.52  ? 48  VAL A C   1 
ATOM   297  O O   . VAL A 1 44  ? -12.343 -2.570  3.169   1.00 42.00  ? 48  VAL A O   1 
ATOM   298  C CB  . VAL A 1 44  ? -12.570 -1.993  -0.176  1.00 41.40  ? 48  VAL A CB  1 
ATOM   299  C CG1 . VAL A 1 44  ? -13.780 -1.279  0.414   1.00 46.80  ? 48  VAL A CG1 1 
ATOM   300  C CG2 . VAL A 1 44  ? -11.961 -1.120  -1.250  1.00 37.86  ? 48  VAL A CG2 1 
ATOM   301  N N   . ARG A 1 45  ? -12.456 -4.392  1.849   1.00 46.96  ? 49  ARG A N   1 
ATOM   302  C CA  . ARG A 1 45  ? -13.044 -5.272  2.873   1.00 49.68  ? 49  ARG A CA  1 
ATOM   303  C C   . ARG A 1 45  ? -12.161 -5.447  4.104   1.00 46.55  ? 49  ARG A C   1 
ATOM   304  O O   . ARG A 1 45  ? -12.664 -5.559  5.221   1.00 49.06  ? 49  ARG A O   1 
ATOM   305  C CB  . ARG A 1 45  ? -13.321 -6.660  2.310   1.00 54.11  ? 49  ARG A CB  1 
ATOM   306  C CG  . ARG A 1 45  ? -14.540 -6.777  1.443   1.00 60.05  ? 49  ARG A CG  1 
ATOM   307  C CD  . ARG A 1 45  ? -15.081 -8.212  1.456   1.00 64.26  ? 49  ARG A CD  1 
ATOM   308  N NE  . ARG A 1 45  ? -14.084 -9.265  1.235   1.00 58.41  ? 49  ARG A NE  1 
ATOM   309  C CZ  . ARG A 1 45  ? -13.643 -9.669  0.044   1.00 61.05  ? 49  ARG A CZ  1 
ATOM   310  N NH1 . ARG A 1 45  ? -12.748 -10.647 -0.028  1.00 55.74  ? 49  ARG A NH1 1 
ATOM   311  N NH2 . ARG A 1 45  ? -14.076 -9.093  -1.072  1.00 63.56  ? 49  ARG A NH2 1 
ATOM   312  N N   . PHE A 1 46  ? -10.852 -5.504  3.886   1.00 42.25  ? 50  PHE A N   1 
ATOM   313  C CA  . PHE A 1 46  ? -9.899  -5.551  4.984   1.00 39.19  ? 50  PHE A CA  1 
ATOM   314  C C   . PHE A 1 46  ? -9.967  -4.266  5.817   1.00 41.56  ? 50  PHE A C   1 
ATOM   315  O O   . PHE A 1 46  ? -9.948  -4.314  7.048   1.00 48.68  ? 50  PHE A O   1 
ATOM   316  C CB  . PHE A 1 46  ? -8.478  -5.766  4.456   1.00 32.13  ? 50  PHE A CB  1 
ATOM   317  C CG  . PHE A 1 46  ? -7.435  -5.886  5.539   1.00 27.66  ? 50  PHE A CG  1 
ATOM   318  C CD1 . PHE A 1 46  ? -6.786  -4.759  6.033   1.00 28.17  ? 50  PHE A CD1 1 
ATOM   319  C CD2 . PHE A 1 46  ? -7.099  -7.129  6.062   1.00 28.75  ? 50  PHE A CD2 1 
ATOM   320  C CE1 . PHE A 1 46  ? -5.820  -4.864  7.029   1.00 29.67  ? 50  PHE A CE1 1 
ATOM   321  C CE2 . PHE A 1 46  ? -6.136  -7.246  7.054   1.00 36.90  ? 50  PHE A CE2 1 
ATOM   322  C CZ  . PHE A 1 46  ? -5.494  -6.105  7.540   1.00 31.35  ? 50  PHE A CZ  1 
ATOM   323  N N   . LEU A 1 47  ? -10.054 -3.126  5.141   1.00 40.29  ? 51  LEU A N   1 
ATOM   324  C CA  . LEU A 1 47  ? -9.935  -1.836  5.799   1.00 39.38  ? 51  LEU A CA  1 
ATOM   325  C C   . LEU A 1 47  ? -11.223 -1.404  6.509   1.00 43.35  ? 51  LEU A C   1 
ATOM   326  O O   . LEU A 1 47  ? -11.226 -0.415  7.239   1.00 46.40  ? 51  LEU A O   1 
ATOM   327  C CB  . LEU A 1 47  ? -9.484  -0.771  4.794   1.00 40.01  ? 51  LEU A CB  1 
ATOM   328  C CG  . LEU A 1 47  ? -8.132  -0.941  4.100   1.00 35.46  ? 51  LEU A CG  1 
ATOM   329  C CD1 . LEU A 1 47  ? -8.041  -0.025  2.897   1.00 37.74  ? 51  LEU A CD1 1 
ATOM   330  C CD2 . LEU A 1 47  ? -6.978  -0.724  5.036   1.00 32.14  ? 51  LEU A CD2 1 
ATOM   331  N N   . SER A 1 48  ? -12.307 -2.142  6.280   1.00 42.33  ? 52  SER A N   1 
ATOM   332  C CA  . SER A 1 48  ? -13.537 -1.992  7.049   1.00 41.65  ? 52  SER A CA  1 
ATOM   333  C C   . SER A 1 48  ? -13.375 -2.423  8.503   1.00 41.24  ? 52  SER A C   1 
ATOM   334  O O   . SER A 1 48  ? -14.017 -1.863  9.381   1.00 45.63  ? 52  SER A O   1 
ATOM   335  C CB  . SER A 1 48  ? -14.672 -2.799  6.413   1.00 44.62  ? 52  SER A CB  1 
ATOM   336  O OG  . SER A 1 48  ? -15.127 -2.171  5.231   1.00 53.39  ? 52  SER A OG  1 
ATOM   337  N N   . LEU A 1 49  ? -12.548 -3.432  8.756   1.00 36.88  ? 53  LEU A N   1 
ATOM   338  C CA  . LEU A 1 49  ? -12.300 -3.881  10.122  1.00 36.32  ? 53  LEU A CA  1 
ATOM   339  C C   . LEU A 1 49  ? -10.936 -3.429  10.671  1.00 37.89  ? 53  LEU A C   1 
ATOM   340  O O   . LEU A 1 49  ? -10.829 -3.035  11.832  1.00 40.55  ? 53  LEU A O   1 
ATOM   341  C CB  . LEU A 1 49  ? -12.469 -5.406  10.225  1.00 36.63  ? 53  LEU A CB  1 
ATOM   342  C CG  . LEU A 1 49  ? -12.081 -6.133  11.524  1.00 38.48  ? 53  LEU A CG  1 
ATOM   343  C CD1 . LEU A 1 49  ? -13.011 -5.786  12.705  1.00 37.29  ? 53  LEU A CD1 1 
ATOM   344  C CD2 . LEU A 1 49  ? -12.062 -7.619  11.290  1.00 32.06  ? 53  LEU A CD2 1 
ATOM   345  N N   . THR A 1 50  ? -9.904  -3.454  9.832   1.00 38.12  ? 54  THR A N   1 
ATOM   346  C CA  . THR A 1 50  ? -8.544  -3.269  10.320  1.00 39.47  ? 54  THR A CA  1 
ATOM   347  C C   . THR A 1 50  ? -7.811  -2.064  9.721   1.00 42.24  ? 54  THR A C   1 
ATOM   348  O O   . THR A 1 50  ? -7.927  -1.781  8.530   1.00 42.75  ? 54  THR A O   1 
ATOM   349  C CB  . THR A 1 50  ? -7.729  -4.553  10.097  1.00 39.00  ? 54  THR A CB  1 
ATOM   350  O OG1 . THR A 1 50  ? -8.557  -5.683  10.374  1.00 46.54  ? 54  THR A OG1 1 
ATOM   351  C CG2 . THR A 1 50  ? -6.497  -4.613  10.999  1.00 38.87  ? 54  THR A CG2 1 
ATOM   352  N N   . ARG A 1 51  ? -7.041  -1.359  10.533  1.00 43.42  ? 55  ARG A N   1 
ATOM   353  C CA  A ARG A 1 51  ? -6.216  -0.252  10.207  0.50 44.14  ? 55  ARG A CA  1 
ATOM   354  C CA  B ARG A 1 51  ? -6.230  -0.249  10.084  0.50 44.05  ? 55  ARG A CA  1 
ATOM   355  C C   . ARG A 1 51  ? -4.772  -0.681  10.169  1.00 46.98  ? 55  ARG A C   1 
ATOM   356  O O   . ARG A 1 51  ? -4.276  -0.906  11.248  1.00 47.40  ? 55  ARG A O   1 
ATOM   357  C CB  A ARG A 1 51  ? -6.432  0.875   11.224  0.50 44.72  ? 55  ARG A CB  1 
ATOM   358  C CB  B ARG A 1 51  ? -6.486  0.991   10.956  0.50 43.57  ? 55  ARG A CB  1 
ATOM   359  C CG  A ARG A 1 51  ? -6.070  2.272   10.760  0.50 48.24  ? 55  ARG A CG  1 
ATOM   360  C CG  B ARG A 1 51  ? -5.958  2.318   10.411  0.50 46.34  ? 55  ARG A CG  1 
ATOM   361  C CD  A ARG A 1 51  ? -7.181  2.855   9.916   0.50 50.40  ? 55  ARG A CD  1 
ATOM   362  C CD  B ARG A 1 51  ? -6.579  3.585   11.073  0.50 45.82  ? 55  ARG A CD  1 
ATOM   363  N NE  A ARG A 1 51  ? -7.342  4.299   10.082  0.50 50.62  ? 55  ARG A NE  1 
ATOM   364  N NE  B ARG A 1 51  ? -6.193  4.862   10.455  0.50 40.08  ? 55  ARG A NE  1 
ATOM   365  C CZ  A ARG A 1 51  ? -8.140  4.869   10.980  0.50 51.42  ? 55  ARG A CZ  1 
ATOM   366  C CZ  B ARG A 1 51  ? -4.960  5.360   10.447  0.50 34.82  ? 55  ARG A CZ  1 
ATOM   367  N NH1 A ARG A 1 51  ? -8.849  4.129   11.825  0.50 50.11  ? 55  ARG A NH1 1 
ATOM   368  N NH1 B ARG A 1 51  ? -4.695  6.512   9.863   0.50 25.01  ? 55  ARG A NH1 1 
ATOM   369  N NH2 A ARG A 1 51  ? -8.223  6.189   11.036  0.50 52.64  ? 55  ARG A NH2 1 
ATOM   370  N NH2 B ARG A 1 51  ? -3.975  4.693   11.011  0.50 35.61  ? 55  ARG A NH2 1 
ATOM   371  N N   . PRO A 1 52  ? -4.097  -0.782  9.031   1.00 44.25  ? 56  PRO A N   1 
ATOM   372  C CA  . PRO A 1 52  ? -2.650  -0.998  9.003   1.00 41.23  ? 56  PRO A CA  1 
ATOM   373  C C   . PRO A 1 52  ? -1.892  0.329   9.151   1.00 42.76  ? 56  PRO A C   1 
ATOM   374  O O   . PRO A 1 52  ? -2.492  1.401   9.062   1.00 45.22  ? 56  PRO A O   1 
ATOM   375  C CB  . PRO A 1 52  ? -2.420  -1.584  7.616   1.00 39.56  ? 56  PRO A CB  1 
ATOM   376  C CG  . PRO A 1 52  ? -3.488  -0.988  6.782   1.00 39.55  ? 56  PRO A CG  1 
ATOM   377  C CD  . PRO A 1 52  ? -4.669  -0.746  7.673   1.00 40.71  ? 56  PRO A CD  1 
ATOM   378  N N   . ASP A 1 53  ? -0.588  0.254   9.386   1.00 41.90  ? 57  ASP A N   1 
ATOM   379  C CA  . ASP A 1 53  ? 0.252   1.440   9.453   1.00 37.22  ? 57  ASP A CA  1 
ATOM   380  C C   . ASP A 1 53  ? 0.649   1.911   8.075   1.00 39.53  ? 57  ASP A C   1 
ATOM   381  O O   . ASP A 1 53  ? 0.826   3.104   7.862   1.00 46.49  ? 57  ASP A O   1 
ATOM   382  C CB  . ASP A 1 53  ? 1.502   1.146   10.261  1.00 38.93  ? 57  ASP A CB  1 
ATOM   383  C CG  . ASP A 1 53  ? 1.206   0.951   11.725  1.00 46.91  ? 57  ASP A CG  1 
ATOM   384  O OD1 . ASP A 1 53  ? 0.618   1.867   12.343  1.00 50.03  ? 57  ASP A OD1 1 
ATOM   385  O OD2 . ASP A 1 53  ? 1.562   -0.121  12.255  1.00 54.15  ? 57  ASP A OD2 1 
ATOM   386  N N   . LEU A 1 54  ? 0.797   0.968   7.144   1.00 39.03  ? 58  LEU A N   1 
ATOM   387  C CA  . LEU A 1 54  ? 1.204   1.269   5.772   1.00 35.84  ? 58  LEU A CA  1 
ATOM   388  C C   . LEU A 1 54  ? 0.538   0.296   4.800   1.00 36.57  ? 58  LEU A C   1 
ATOM   389  O O   . LEU A 1 54  ? 0.214   -0.835  5.160   1.00 38.69  ? 58  LEU A O   1 
ATOM   390  C CB  . LEU A 1 54  ? 2.736   1.219   5.657   1.00 36.54  ? 58  LEU A CB  1 
ATOM   391  C CG  . LEU A 1 54  ? 3.469   1.713   4.402   1.00 38.60  ? 58  LEU A CG  1 
ATOM   392  C CD1 . LEU A 1 54  ? 4.726   2.460   4.771   1.00 38.44  ? 58  LEU A CD1 1 
ATOM   393  C CD2 . LEU A 1 54  ? 3.808   0.572   3.476   1.00 33.53  ? 58  LEU A CD2 1 
ATOM   394  N N   . ILE A 1 55  ? 0.318   0.745   3.570   1.00 36.05  ? 59  ILE A N   1 
ATOM   395  C CA  . ILE A 1 55  ? -0.201  -0.123  2.519   1.00 34.27  ? 59  ILE A CA  1 
ATOM   396  C C   . ILE A 1 55  ? 0.788   -0.156  1.359   1.00 36.90  ? 59  ILE A C   1 
ATOM   397  O O   . ILE A 1 55  ? 1.327   0.876   0.965   1.00 33.94  ? 59  ILE A O   1 
ATOM   398  C CB  . ILE A 1 55  ? -1.603  0.338   2.024   1.00 33.51  ? 59  ILE A CB  1 
ATOM   399  C CG1 . ILE A 1 55  ? -2.617  0.282   3.167   1.00 29.72  ? 59  ILE A CG1 1 
ATOM   400  C CG2 . ILE A 1 55  ? -2.092  -0.510  0.845   1.00 25.78  ? 59  ILE A CG2 1 
ATOM   401  C CD1 . ILE A 1 55  ? -3.853  1.150   2.936   1.00 28.43  ? 59  ILE A CD1 1 
ATOM   402  N N   . ILE A 1 56  ? 1.050   -1.355  0.846   1.00 38.63  ? 60  ILE A N   1 
ATOM   403  C CA  . ILE A 1 56  ? 1.788   -1.515  -0.402  1.00 38.24  ? 60  ILE A CA  1 
ATOM   404  C C   . ILE A 1 56  ? 0.852   -2.162  -1.401  1.00 36.90  ? 60  ILE A C   1 
ATOM   405  O O   . ILE A 1 56  ? 0.292   -3.226  -1.133  1.00 37.73  ? 60  ILE A O   1 
ATOM   406  C CB  . ILE A 1 56  ? 3.055   -2.386  -0.248  1.00 35.02  ? 60  ILE A CB  1 
ATOM   407  C CG1 . ILE A 1 56  ? 3.748   -2.093  1.083   1.00 40.30  ? 60  ILE A CG1 1 
ATOM   408  C CG2 . ILE A 1 56  ? 3.992   -2.153  -1.421  1.00 30.99  ? 60  ILE A CG2 1 
ATOM   409  C CD1 . ILE A 1 56  ? 5.136   -2.653  1.221   1.00 46.22  ? 60  ILE A CD1 1 
ATOM   410  N N   . SER A 1 57  ? 0.664   -1.505  -2.540  1.00 37.95  ? 61  SER A N   1 
ATOM   411  C CA  . SER A 1 57  ? -0.188  -2.058  -3.580  1.00 37.62  ? 61  SER A CA  1 
ATOM   412  C C   . SER A 1 57  ? 0.505   -2.118  -4.914  1.00 36.61  ? 61  SER A C   1 
ATOM   413  O O   . SER A 1 57  ? 1.224   -1.201  -5.303  1.00 37.99  ? 61  SER A O   1 
ATOM   414  C CB  . SER A 1 57  ? -1.482  -1.270  -3.737  1.00 36.68  ? 61  SER A CB  1 
ATOM   415  O OG  . SER A 1 57  ? -2.304  -1.896  -4.714  1.00 37.01  ? 61  SER A OG  1 
ATOM   416  N N   . ASP A 1 58  ? 0.257   -3.214  -5.618  1.00 38.57  ? 62  ASP A N   1 
ATOM   417  C CA  . ASP A 1 58  ? 0.634   -3.334  -7.009  1.00 40.12  ? 62  ASP A CA  1 
ATOM   418  C C   . ASP A 1 58  ? -0.448  -2.669  -7.836  1.00 41.22  ? 62  ASP A C   1 
ATOM   419  O O   . ASP A 1 58  ? -1.461  -2.228  -7.306  1.00 43.14  ? 62  ASP A O   1 
ATOM   420  C CB  . ASP A 1 58  ? 0.756   -4.800  -7.394  1.00 38.74  ? 62  ASP A CB  1 
ATOM   421  C CG  . ASP A 1 58  ? 1.744   -5.025  -8.508  1.00 41.66  ? 62  ASP A CG  1 
ATOM   422  O OD1 . ASP A 1 58  ? 1.670   -4.330  -9.539  1.00 46.58  ? 62  ASP A OD1 1 
ATOM   423  O OD2 . ASP A 1 58  ? 2.599   -5.906  -8.348  1.00 48.76  ? 62  ASP A OD2 1 
ATOM   424  N N   . VAL A 1 59  ? -0.237  -2.609  -9.140  1.00 43.61  ? 63  VAL A N   1 
ATOM   425  C CA  . VAL A 1 59  ? -1.176  -1.948  -10.019 1.00 49.40  ? 63  VAL A CA  1 
ATOM   426  C C   . VAL A 1 59  ? -2.174  -2.934  -10.616 1.00 51.43  ? 63  VAL A C   1 
ATOM   427  O O   . VAL A 1 59  ? -3.375  -2.791  -10.410 1.00 51.92  ? 63  VAL A O   1 
ATOM   428  C CB  . VAL A 1 59  ? -0.430  -1.110  -11.098 1.00 51.66  ? 63  VAL A CB  1 
ATOM   429  C CG1 . VAL A 1 59  ? -1.295  -0.864  -12.336 1.00 50.84  ? 63  VAL A CG1 1 
ATOM   430  C CG2 . VAL A 1 59  ? 0.043   0.204   -10.493 1.00 51.34  ? 63  VAL A CG2 1 
ATOM   431  N N   . LEU A 1 60  ? -1.672  -3.944  -11.325 1.00 56.57  ? 64  LEU A N   1 
ATOM   432  C CA  . LEU A 1 60  ? -2.525  -4.842  -12.098 1.00 59.18  ? 64  LEU A CA  1 
ATOM   433  C C   . LEU A 1 60  ? -3.162  -5.901  -11.207 1.00 57.40  ? 64  LEU A C   1 
ATOM   434  O O   . LEU A 1 60  ? -2.468  -6.663  -10.539 1.00 59.54  ? 64  LEU A O   1 
ATOM   435  C CB  . LEU A 1 60  ? -1.740  -5.470  -13.260 1.00 64.48  ? 64  LEU A CB  1 
ATOM   436  C CG  . LEU A 1 60  ? -1.571  -4.593  -14.508 1.00 70.39  ? 64  LEU A CG  1 
ATOM   437  C CD1 . LEU A 1 60  ? -0.319  -4.966  -15.309 1.00 73.60  ? 64  LEU A CD1 1 
ATOM   438  C CD2 . LEU A 1 60  ? -2.825  -4.639  -15.386 1.00 72.30  ? 64  LEU A CD2 1 
ATOM   439  N N   . MET A 1 61  ? -4.482  -5.939  -11.199 1.00 56.10  ? 65  MET A N   1 
ATOM   440  C CA  . MET A 1 61  ? -5.265  -6.671  -10.233 1.00 52.85  ? 65  MET A CA  1 
ATOM   441  C C   . MET A 1 61  ? -6.666  -6.693  -10.783 1.00 53.00  ? 65  MET A C   1 
ATOM   442  O O   . MET A 1 61  ? -7.064  -5.785  -11.439 1.00 53.59  ? 65  MET A O   1 
ATOM   443  C CB  . MET A 1 61  ? -5.285  -5.935  -8.901  1.00 53.27  ? 65  MET A CB  1 
ATOM   444  C CG  . MET A 1 61  ? -4.014  -6.007  -8.085  1.00 55.41  ? 65  MET A CG  1 
ATOM   445  S SD  . MET A 1 61  ? -4.153  -4.913  -6.750  1.00 47.47  ? 65  MET A SD  1 
ATOM   446  C CE  . MET A 1 61  ? -5.345  -3.929  -7.394  1.00 15.66  ? 65  MET A CE  1 
ATOM   447  N N   . PRO A 1 62  ? -7.424  -7.721  -10.479 1.00 53.02  ? 66  PRO A N   1 
ATOM   448  C CA  . PRO A 1 62  ? -8.819  -7.795  -10.853 1.00 53.07  ? 66  PRO A CA  1 
ATOM   449  C C   . PRO A 1 62  ? -9.702  -6.948  -9.980  1.00 56.49  ? 66  PRO A C   1 
ATOM   450  O O   . PRO A 1 62  ? -9.337  -6.626  -8.881  1.00 57.32  ? 66  PRO A O   1 
ATOM   451  C CB  . PRO A 1 62  ? -9.157  -9.251  -10.597 1.00 53.36  ? 66  PRO A CB  1 
ATOM   452  C CG  . PRO A 1 62  ? -7.930  -9.915  -10.367 1.00 52.90  ? 66  PRO A CG  1 
ATOM   453  C CD  . PRO A 1 62  ? -6.984  -8.959  -9.850  1.00 54.23  ? 66  PRO A CD  1 
ATOM   454  N N   . GLU A 1 63  ? -10.878 -6.610  -10.474 1.00 56.82  ? 67  GLU A N   1 
ATOM   455  C CA  . GLU A 1 63  ? -11.872 -5.922  -9.691  1.00 55.95  ? 67  GLU A CA  1 
ATOM   456  C C   . GLU A 1 63  ? -11.537 -4.468  -9.522  1.00 55.08  ? 67  GLU A C   1 
ATOM   457  O O   . GLU A 1 63  ? -12.157 -3.614  -10.104 1.00 59.34  ? 67  GLU A O   1 
ATOM   458  C CB  . GLU A 1 63  ? -12.047 -6.589  -8.345  1.00 56.51  ? 67  GLU A CB  1 
ATOM   459  C CG  . GLU A 1 63  ? -12.669 -7.927  -8.434  1.00 55.83  ? 67  GLU A CG  1 
ATOM   460  C CD  . GLU A 1 63  ? -13.435 -8.306  -7.220  1.00 59.68  ? 67  GLU A CD  1 
ATOM   461  O OE1 . GLU A 1 63  ? -13.092 -9.319  -6.644  1.00 65.48  ? 67  GLU A OE1 1 
ATOM   462  O OE2 . GLU A 1 63  ? -14.384 -7.633  -6.836  1.00 58.64  ? 67  GLU A OE2 1 
ATOM   463  N N   . MET A 1 64  ? -10.531 -4.196  -8.721  1.00 50.60  ? 68  MET A N   1 
ATOM   464  C CA  . MET A 1 64  ? -10.155 -2.850  -8.413  1.00 44.14  ? 68  MET A CA  1 
ATOM   465  C C   . MET A 1 64  ? -8.654  -2.788  -8.460  1.00 45.12  ? 68  MET A C   1 
ATOM   466  O O   . MET A 1 64  ? -7.998  -3.429  -7.702  1.00 44.44  ? 68  MET A O   1 
ATOM   467  C CB  . MET A 1 64  ? -10.686 -2.497  -7.038  1.00 43.69  ? 68  MET A CB  1 
ATOM   468  C CG  . MET A 1 64  ? -10.634 -1.062  -6.697  1.00 41.74  ? 68  MET A CG  1 
ATOM   469  S SD  . MET A 1 64  ? -10.914 -0.768  -5.020  1.00 33.09  ? 68  MET A SD  1 
ATOM   470  C CE  . MET A 1 64  ? -11.489 0.824   -5.145  1.00 31.81  ? 68  MET A CE  1 
ATOM   471  N N   . ASP A 1 65  ? -8.113  -2.048  -9.404  1.00 45.58  ? 69  ASP A N   1 
ATOM   472  C CA  . ASP A 1 65  ? -6.660  -1.982  -9.549  1.00 47.80  ? 69  ASP A CA  1 
ATOM   473  C C   . ASP A 1 65  ? -6.030  -1.013  -8.535  1.00 46.64  ? 69  ASP A C   1 
ATOM   474  O O   . ASP A 1 65  ? -6.741  -0.279  -7.855  1.00 50.45  ? 69  ASP A O   1 
ATOM   475  C CB  . ASP A 1 65  ? -6.260  -1.668  -11.006 1.00 50.74  ? 69  ASP A CB  1 
ATOM   476  C CG  . ASP A 1 65  ? -6.901  -0.404  -11.536 1.00 56.49  ? 69  ASP A CG  1 
ATOM   477  O OD1 . ASP A 1 65  ? -6.346  0.684   -11.302 1.00 54.62  ? 69  ASP A OD1 1 
ATOM   478  O OD2 . ASP A 1 65  ? -7.955  -0.500  -12.202 1.00 68.51  ? 69  ASP A OD2 1 
ATOM   479  N N   . GLY A 1 66  ? -4.702  -1.021  -8.432  1.00 44.10  ? 70  GLY A N   1 
ATOM   480  C CA  . GLY A 1 66  ? -3.983  -0.198  -7.459  1.00 38.48  ? 70  GLY A CA  1 
ATOM   481  C C   . GLY A 1 66  ? -4.129  1.305   -7.587  1.00 39.21  ? 70  GLY A C   1 
ATOM   482  O O   . GLY A 1 66  ? -4.000  2.020   -6.595  1.00 37.17  ? 70  GLY A O   1 
ATOM   483  N N   . TYR A 1 67  ? -4.381  1.789   -8.807  1.00 40.14  ? 71  TYR A N   1 
ATOM   484  C CA  . TYR A 1 67  ? -4.659  3.206   -9.034  1.00 34.82  ? 71  TYR A CA  1 
ATOM   485  C C   . TYR A 1 67  ? -5.987  3.565   -8.404  1.00 33.74  ? 71  TYR A C   1 
ATOM   486  O O   . TYR A 1 67  ? -6.086  4.560   -7.692  1.00 36.93  ? 71  TYR A O   1 
ATOM   487  C CB  . TYR A 1 67  ? -4.722  3.539   -10.518 1.00 33.07  ? 71  TYR A CB  1 
ATOM   488  C CG  . TYR A 1 67  ? -3.467  3.273   -11.320 1.00 38.87  ? 71  TYR A CG  1 
ATOM   489  C CD1 . TYR A 1 67  ? -2.221  3.761   -10.912 1.00 32.82  ? 71  TYR A CD1 1 
ATOM   490  C CD2 . TYR A 1 67  ? -3.536  2.568   -12.524 1.00 41.23  ? 71  TYR A CD2 1 
ATOM   491  C CE1 . TYR A 1 67  ? -1.072  3.517   -11.675 1.00 29.32  ? 71  TYR A CE1 1 
ATOM   492  C CE2 . TYR A 1 67  ? -2.401  2.330   -13.290 1.00 37.34  ? 71  TYR A CE2 1 
ATOM   493  C CZ  . TYR A 1 67  ? -1.176  2.805   -12.860 1.00 33.97  ? 71  TYR A CZ  1 
ATOM   494  O OH  . TYR A 1 67  ? -0.059  2.554   -13.625 1.00 42.90  ? 71  TYR A OH  1 
ATOM   495  N N   . ALA A 1 68  ? -6.993  2.734   -8.667  1.00 34.04  ? 72  ALA A N   1 
ATOM   496  C CA  . ALA A 1 68  ? -8.350  2.925   -8.169  1.00 32.28  ? 72  ALA A CA  1 
ATOM   497  C C   . ALA A 1 68  ? -8.428  2.816   -6.643  1.00 37.85  ? 72  ALA A C   1 
ATOM   498  O O   . ALA A 1 68  ? -9.216  3.516   -6.000  1.00 42.96  ? 72  ALA A O   1 
ATOM   499  C CB  . ALA A 1 68  ? -9.282  1.925   -8.821  1.00 33.02  ? 72  ALA A CB  1 
ATOM   500  N N   . LEU A 1 69  ? -7.602  1.943   -6.073  1.00 36.73  ? 73  LEU A N   1 
ATOM   501  C CA  . LEU A 1 69  ? -7.533  1.777   -4.633  1.00 36.36  ? 73  LEU A CA  1 
ATOM   502  C C   . LEU A 1 69  ? -6.937  3.014   -4.000  1.00 38.16  ? 73  LEU A C   1 
ATOM   503  O O   . LEU A 1 69  ? -7.448  3.478   -2.981  1.00 44.65  ? 73  LEU A O   1 
ATOM   504  C CB  . LEU A 1 69  ? -6.720  0.534   -4.259  1.00 35.71  ? 73  LEU A CB  1 
ATOM   505  C CG  . LEU A 1 69  ? -6.378  0.292   -2.783  1.00 35.54  ? 73  LEU A CG  1 
ATOM   506  C CD1 . LEU A 1 69  ? -7.637  0.164   -1.897  1.00 28.39  ? 73  LEU A CD1 1 
ATOM   507  C CD2 . LEU A 1 69  ? -5.459  -0.922  -2.624  1.00 34.92  ? 73  LEU A CD2 1 
ATOM   508  N N   . CYS A 1 70  ? -5.878  3.552   -4.610  1.00 38.49  ? 74  CYS A N   1 
ATOM   509  C CA  . CYS A 1 70  ? -5.241  4.780   -4.113  1.00 40.12  ? 74  CYS A CA  1 
ATOM   510  C C   . CYS A 1 70  ? -6.180  5.972   -4.118  1.00 41.15  ? 74  CYS A C   1 
ATOM   511  O O   . CYS A 1 70  ? -6.281  6.680   -3.122  1.00 42.23  ? 74  CYS A O   1 
ATOM   512  C CB  . CYS A 1 70  ? -3.997  5.124   -4.915  1.00 41.86  ? 74  CYS A CB  1 
ATOM   513  S SG  . CYS A 1 70  ? -2.579  4.166   -4.468  1.00 44.16  ? 74  CYS A SG  1 
ATOM   514  N N   . ARG A 1 71  ? -6.866  6.175   -5.241  1.00 42.61  ? 75  ARG A N   1 
ATOM   515  C CA  . ARG A 1 71  ? -7.870  7.223   -5.370  1.00 42.75  ? 75  ARG A CA  1 
ATOM   516  C C   . ARG A 1 71  ? -8.947  7.079   -4.310  1.00 41.04  ? 75  ARG A C   1 
ATOM   517  O O   . ARG A 1 71  ? -9.298  8.054   -3.647  1.00 48.84  ? 75  ARG A O   1 
ATOM   518  C CB  . ARG A 1 71  ? -8.471  7.224   -6.776  1.00 44.46  ? 75  ARG A CB  1 
ATOM   519  C CG  . ARG A 1 71  ? -7.604  7.947   -7.790  1.00 51.73  ? 75  ARG A CG  1 
ATOM   520  C CD  . ARG A 1 71  ? -8.199  7.928   -9.188  1.00 65.74  ? 75  ARG A CD  1 
ATOM   521  N NE  . ARG A 1 71  ? -7.797  6.755   -9.971  1.00 74.64  ? 75  ARG A NE  1 
ATOM   522  C CZ  . ARG A 1 71  ? -8.630  5.815   -10.426 1.00 74.56  ? 75  ARG A CZ  1 
ATOM   523  N NH1 . ARG A 1 71  ? -9.932  5.889   -10.184 1.00 75.02  ? 75  ARG A NH1 1 
ATOM   524  N NH2 . ARG A 1 71  ? -8.159  4.792   -11.133 1.00 73.31  ? 75  ARG A NH2 1 
ATOM   525  N N   . TRP A 1 72  ? -9.431  5.855   -4.127  1.00 42.08  ? 76  TRP A N   1 
ATOM   526  C CA  . TRP A 1 72  ? -10.398 5.545   -3.076  1.00 43.54  ? 76  TRP A CA  1 
ATOM   527  C C   . TRP A 1 72  ? -9.896  5.862   -1.666  1.00 43.16  ? 76  TRP A C   1 
ATOM   528  O O   . TRP A 1 72  ? -10.586 6.534   -0.904  1.00 46.34  ? 76  TRP A O   1 
ATOM   529  C CB  . TRP A 1 72  ? -10.815 4.084   -3.156  1.00 42.53  ? 76  TRP A CB  1 
ATOM   530  C CG  . TRP A 1 72  ? -11.883 3.721   -2.191  1.00 43.71  ? 76  TRP A CG  1 
ATOM   531  C CD1 . TRP A 1 72  ? -13.231 3.869   -2.364  1.00 43.47  ? 76  TRP A CD1 1 
ATOM   532  C CD2 . TRP A 1 72  ? -11.701 3.139   -0.895  1.00 42.77  ? 76  TRP A CD2 1 
ATOM   533  N NE1 . TRP A 1 72  ? -13.901 3.414   -1.249  1.00 45.44  ? 76  TRP A NE1 1 
ATOM   534  C CE2 . TRP A 1 72  ? -12.984 2.965   -0.332  1.00 45.91  ? 76  TRP A CE2 1 
ATOM   535  C CE3 . TRP A 1 72  ? -10.577 2.746   -0.155  1.00 39.99  ? 76  TRP A CE3 1 
ATOM   536  C CZ2 . TRP A 1 72  ? -13.173 2.414   0.938   1.00 46.87  ? 76  TRP A CZ2 1 
ATOM   537  C CZ3 . TRP A 1 72  ? -10.761 2.206   1.105   1.00 40.66  ? 76  TRP A CZ3 1 
ATOM   538  C CH2 . TRP A 1 72  ? -12.052 2.039   1.639   1.00 44.35  ? 76  TRP A CH2 1 
ATOM   539  N N   . LEU A 1 73  ? -8.701  5.377   -1.337  1.00 41.24  ? 77  LEU A N   1 
ATOM   540  C CA  . LEU A 1 73  ? -8.082  5.600   -0.030  1.00 39.67  ? 77  LEU A CA  1 
ATOM   541  C C   . LEU A 1 73  ? -7.939  7.075   0.306   1.00 43.23  ? 77  LEU A C   1 
ATOM   542  O O   . LEU A 1 73  ? -8.194  7.493   1.431   1.00 48.06  ? 77  LEU A O   1 
ATOM   543  C CB  . LEU A 1 73  ? -6.703  4.951   0.020   1.00 37.76  ? 77  LEU A CB  1 
ATOM   544  C CG  . LEU A 1 73  ? -6.651  3.468   0.359   1.00 36.39  ? 77  LEU A CG  1 
ATOM   545  C CD1 . LEU A 1 73  ? -5.329  2.895   -0.065  1.00 28.84  ? 77  LEU A CD1 1 
ATOM   546  C CD2 . LEU A 1 73  ? -6.850  3.291   1.842   1.00 41.77  ? 77  LEU A CD2 1 
ATOM   547  N N   . LYS A 1 74  ? -7.547  7.868   -0.681  1.00 45.05  ? 78  LYS A N   1 
ATOM   548  C CA  . LYS A 1 74  ? -7.357  9.292   -0.468  1.00 48.06  ? 78  LYS A CA  1 
ATOM   549  C C   . LYS A 1 74  ? -8.686  10.037  -0.369  1.00 49.90  ? 78  LYS A C   1 
ATOM   550  O O   . LYS A 1 74  ? -8.721  11.194  0.039   1.00 50.20  ? 78  LYS A O   1 
ATOM   551  C CB  . LYS A 1 74  ? -6.456  9.890   -1.555  1.00 47.09  ? 78  LYS A CB  1 
ATOM   552  C CG  . LYS A 1 74  ? -5.039  9.334   -1.545  1.00 43.53  ? 78  LYS A CG  1 
ATOM   553  C CD  . LYS A 1 74  ? -4.494  9.222   -0.133  1.00 31.88  ? 78  LYS A CD  1 
ATOM   554  C CE  . LYS A 1 74  ? -3.137  8.574   -0.123  1.00 36.32  ? 78  LYS A CE  1 
ATOM   555  N NZ  . LYS A 1 74  ? -2.643  8.386   1.269   1.00 38.75  ? 78  LYS A NZ  1 
ATOM   556  N N   . GLY A 1 75  ? -9.771  9.362   -0.738  1.00 49.87  ? 79  GLY A N   1 
ATOM   557  C CA  . GLY A 1 75  ? -11.110 9.913   -0.597  1.00 52.43  ? 79  GLY A CA  1 
ATOM   558  C C   . GLY A 1 75  ? -11.665 9.759   0.805   1.00 54.05  ? 79  GLY A C   1 
ATOM   559  O O   . GLY A 1 75  ? -12.469 10.575  1.239   1.00 61.27  ? 79  GLY A O   1 
ATOM   560  N N   . GLN A 1 76  ? -11.234 8.716   1.513   1.00 54.59  ? 80  GLN A N   1 
ATOM   561  C CA  . GLN A 1 76  ? -11.767 8.387   2.839   1.00 54.13  ? 80  GLN A CA  1 
ATOM   562  C C   . GLN A 1 76  ? -11.108 9.235   3.914   1.00 56.47  ? 80  GLN A C   1 
ATOM   563  O O   . GLN A 1 76  ? -9.882  9.269   3.995   1.00 52.85  ? 80  GLN A O   1 
ATOM   564  C CB  . GLN A 1 76  ? -11.569 6.903   3.163   1.00 53.15  ? 80  GLN A CB  1 
ATOM   565  C CG  . GLN A 1 76  ? -12.056 5.942   2.093   1.00 56.31  ? 80  GLN A CG  1 
ATOM   566  C CD  . GLN A 1 76  ? -13.533 6.102   1.773   1.00 63.68  ? 80  GLN A CD  1 
ATOM   567  O OE1 . GLN A 1 76  ? -13.894 6.574   0.691   1.00 67.33  ? 80  GLN A OE1 1 
ATOM   568  N NE2 . GLN A 1 76  ? -14.396 5.710   2.713   1.00 61.97  ? 80  GLN A NE2 1 
ATOM   569  N N   . PRO A 1 77  ? -11.925 9.900   4.757   1.00 62.07  ? 81  PRO A N   1 
ATOM   570  C CA  . PRO A 1 77  ? -11.471 10.888  5.750   1.00 62.31  ? 81  PRO A CA  1 
ATOM   571  C C   . PRO A 1 77  ? -10.581 10.313  6.857   1.00 63.45  ? 81  PRO A C   1 
ATOM   572  O O   . PRO A 1 77  ? -9.710  11.017  7.367   1.00 62.46  ? 81  PRO A O   1 
ATOM   573  C CB  . PRO A 1 77  ? -12.781 11.417  6.356   1.00 64.68  ? 81  PRO A CB  1 
ATOM   574  C CG  . PRO A 1 77  ? -13.868 10.982  5.420   1.00 64.95  ? 81  PRO A CG  1 
ATOM   575  C CD  . PRO A 1 77  ? -13.389 9.712   4.807   1.00 63.43  ? 81  PRO A CD  1 
ATOM   576  N N   . ASP A 1 78  ? -10.799 9.053   7.220   1.00 64.31  ? 82  ASP A N   1 
ATOM   577  C CA  . ASP A 1 78  ? -9.984  8.397   8.241   1.00 68.85  ? 82  ASP A CA  1 
ATOM   578  C C   . ASP A 1 78  ? -8.818  7.589   7.662   1.00 67.12  ? 82  ASP A C   1 
ATOM   579  O O   . ASP A 1 78  ? -7.855  7.285   8.372   1.00 68.99  ? 82  ASP A O   1 
ATOM   580  C CB  . ASP A 1 78  ? -10.855 7.524   9.161   1.00 75.36  ? 82  ASP A CB  1 
ATOM   581  C CG  . ASP A 1 78  ? -11.646 6.453   8.404   1.00 87.15  ? 82  ASP A CG  1 
ATOM   582  O OD1 . ASP A 1 78  ? -11.880 5.373   8.998   1.00 87.87  ? 82  ASP A OD1 1 
ATOM   583  O OD2 . ASP A 1 78  ? -12.039 6.684   7.232   1.00 92.53  ? 82  ASP A OD2 1 
ATOM   584  N N   . LEU A 1 79  ? -8.897  7.264   6.372   1.00 62.93  ? 83  LEU A N   1 
ATOM   585  C CA  . LEU A 1 79  ? -7.923  6.368   5.728   1.00 56.86  ? 83  LEU A CA  1 
ATOM   586  C C   . LEU A 1 79  ? -6.856  7.077   4.885   1.00 52.91  ? 83  LEU A C   1 
ATOM   587  O O   . LEU A 1 79  ? -5.794  6.510   4.624   1.00 48.71  ? 83  LEU A O   1 
ATOM   588  C CB  . LEU A 1 79  ? -8.649  5.302   4.894   1.00 54.76  ? 83  LEU A CB  1 
ATOM   589  C CG  . LEU A 1 79  ? -9.714  4.449   5.597   1.00 49.70  ? 83  LEU A CG  1 
ATOM   590  C CD1 . LEU A 1 79  ? -10.376 3.535   4.600   1.00 50.31  ? 83  LEU A CD1 1 
ATOM   591  C CD2 . LEU A 1 79  ? -9.138  3.633   6.748   1.00 38.26  ? 83  LEU A CD2 1 
ATOM   592  N N   . ARG A 1 80  ? -7.144  8.315   4.483   1.00 50.51  ? 84  ARG A N   1 
ATOM   593  C CA  . ARG A 1 80  ? -6.248  9.155   3.683   1.00 53.85  ? 84  ARG A CA  1 
ATOM   594  C C   . ARG A 1 80  ? -4.853  9.330   4.303   1.00 50.24  ? 84  ARG A C   1 
ATOM   595  O O   . ARG A 1 80  ? -3.883  9.596   3.596   1.00 48.87  ? 84  ARG A O   1 
ATOM   596  C CB  . ARG A 1 80  ? -6.910  10.523  3.479   1.00 56.76  ? 84  ARG A CB  1 
ATOM   597  C CG  . ARG A 1 80  ? -6.280  11.453  2.427   1.00 68.19  ? 84  ARG A CG  1 
ATOM   598  C CD  . ARG A 1 80  ? -6.968  12.828  2.423   1.00 66.68  ? 84  ARG A CD  1 
ATOM   599  N NE  . ARG A 1 80  ? -8.425  12.704  2.326   1.00 74.14  ? 84  ARG A NE  1 
ATOM   600  C CZ  . ARG A 1 80  ? -9.307  13.636  2.681   1.00 73.26  ? 84  ARG A CZ  1 
ATOM   601  N NH1 . ARG A 1 80  ? -8.909  14.806  3.175   1.00 71.43  ? 84  ARG A NH1 1 
ATOM   602  N NH2 . ARG A 1 80  ? -10.605 13.387  2.542   1.00 69.62  ? 84  ARG A NH2 1 
ATOM   603  N N   . THR A 1 81  ? -4.764  9.165   5.621   1.00 50.34  ? 85  THR A N   1 
ATOM   604  C CA  . THR A 1 81  ? -3.522  9.386   6.374   1.00 51.96  ? 85  THR A CA  1 
ATOM   605  C C   . THR A 1 81  ? -2.521  8.235   6.313   1.00 48.34  ? 85  THR A C   1 
ATOM   606  O O   . THR A 1 81  ? -1.330  8.448   6.540   1.00 49.89  ? 85  THR A O   1 
ATOM   607  C CB  . THR A 1 81  ? -3.810  9.692   7.859   1.00 54.49  ? 85  THR A CB  1 
ATOM   608  O OG1 . THR A 1 81  ? -4.880  8.852   8.327   1.00 66.96  ? 85  THR A OG1 1 
ATOM   609  C CG2 . THR A 1 81  ? -4.194  11.150  8.033   1.00 54.09  ? 85  THR A CG2 1 
ATOM   610  N N   . ILE A 1 82  ? -3.010  7.025   6.028   1.00 45.14  ? 86  ILE A N   1 
ATOM   611  C CA  . ILE A 1 82  ? -2.153  5.840   5.891   1.00 41.44  ? 86  ILE A CA  1 
ATOM   612  C C   . ILE A 1 82  ? -1.322  5.973   4.615   1.00 41.23  ? 86  ILE A C   1 
ATOM   613  O O   . ILE A 1 82  ? -1.893  6.131   3.529   1.00 40.82  ? 86  ILE A O   1 
ATOM   614  C CB  . ILE A 1 82  ? -2.974  4.513   5.807   1.00 39.65  ? 86  ILE A CB  1 
ATOM   615  C CG1 . ILE A 1 82  ? -4.031  4.425   6.914   1.00 39.63  ? 86  ILE A CG1 1 
ATOM   616  C CG2 . ILE A 1 82  ? -2.050  3.299   5.837   1.00 28.99  ? 86  ILE A CG2 1 
ATOM   617  C CD1 . ILE A 1 82  ? -5.002  3.269   6.727   1.00 40.22  ? 86  ILE A CD1 1 
ATOM   618  N N   . PRO A 1 83  ? 0.022   5.949   4.747   1.00 38.61  ? 87  PRO A N   1 
ATOM   619  C CA  . PRO A 1 83  ? 0.924   5.984   3.587   1.00 37.78  ? 87  PRO A CA  1 
ATOM   620  C C   . PRO A 1 83  ? 0.776   4.770   2.639   1.00 38.25  ? 87  PRO A C   1 
ATOM   621  O O   . PRO A 1 83  ? 0.705   3.629   3.100   1.00 38.64  ? 87  PRO A O   1 
ATOM   622  C CB  . PRO A 1 83  ? 2.317   6.033   4.227   1.00 34.92  ? 87  PRO A CB  1 
ATOM   623  C CG  . PRO A 1 83  ? 2.140   5.484   5.595   1.00 33.18  ? 87  PRO A CG  1 
ATOM   624  C CD  . PRO A 1 83  ? 0.772   5.928   6.017   1.00 36.93  ? 87  PRO A CD  1 
ATOM   625  N N   . VAL A 1 84  ? 0.703   5.042   1.332   1.00 36.44  ? 88  VAL A N   1 
ATOM   626  C CA  . VAL A 1 84  ? 0.541   4.016   0.299   1.00 35.20  ? 88  VAL A CA  1 
ATOM   627  C C   . VAL A 1 84  ? 1.748   4.031   -0.618  1.00 36.40  ? 88  VAL A C   1 
ATOM   628  O O   . VAL A 1 84  ? 2.146   5.089   -1.102  1.00 36.60  ? 88  VAL A O   1 
ATOM   629  C CB  . VAL A 1 84  ? -0.716  4.236   -0.607  1.00 34.86  ? 88  VAL A CB  1 
ATOM   630  C CG1 . VAL A 1 84  ? -0.990  2.997   -1.444  1.00 38.10  ? 88  VAL A CG1 1 
ATOM   631  C CG2 . VAL A 1 84  ? -1.938  4.579   0.200   1.00 34.88  ? 88  VAL A CG2 1 
ATOM   632  N N   . ILE A 1 85  ? 2.328   2.859   -0.854  1.00 38.02  ? 89  ILE A N   1 
ATOM   633  C CA  . ILE A 1 85  ? 3.360   2.702   -1.866  1.00 36.65  ? 89  ILE A CA  1 
ATOM   634  C C   . ILE A 1 85  ? 2.745   2.015   -3.072  1.00 37.30  ? 89  ILE A C   1 
ATOM   635  O O   . ILE A 1 85  ? 2.183   0.918   -2.958  1.00 42.12  ? 89  ILE A O   1 
ATOM   636  C CB  . ILE A 1 85  ? 4.546   1.883   -1.338  1.00 35.85  ? 89  ILE A CB  1 
ATOM   637  C CG1 . ILE A 1 85  ? 5.204   2.623   -0.177  1.00 36.00  ? 89  ILE A CG1 1 
ATOM   638  C CG2 . ILE A 1 85  ? 5.562   1.622   -2.440  1.00 38.64  ? 89  ILE A CG2 1 
ATOM   639  C CD1 . ILE A 1 85  ? 6.244   1.812   0.557   1.00 39.12  ? 89  ILE A CD1 1 
ATOM   640  N N   . LEU A 1 86  ? 2.822   2.677   -4.220  1.00 34.02  ? 90  LEU A N   1 
ATOM   641  C CA  . LEU A 1 86  ? 2.386   2.071   -5.457  1.00 34.83  ? 90  LEU A CA  1 
ATOM   642  C C   . LEU A 1 86  ? 3.572   1.421   -6.135  1.00 36.02  ? 90  LEU A C   1 
ATOM   643  O O   . LEU A 1 86  ? 4.567   2.090   -6.425  1.00 38.42  ? 90  LEU A O   1 
ATOM   644  C CB  . LEU A 1 86  ? 1.765   3.104   -6.379  1.00 30.82  ? 90  LEU A CB  1 
ATOM   645  C CG  . LEU A 1 86  ? 0.917   2.491   -7.487  1.00 37.21  ? 90  LEU A CG  1 
ATOM   646  C CD1 . LEU A 1 86  ? -0.296  1.745   -6.937  1.00 33.36  ? 90  LEU A CD1 1 
ATOM   647  C CD2 . LEU A 1 86  ? 0.472   3.587   -8.408  1.00 39.01  ? 90  LEU A CD2 1 
ATOM   648  N N   . LEU A 1 87  ? 3.471   0.107   -6.337  1.00 38.62  ? 91  LEU A N   1 
ATOM   649  C CA  . LEU A 1 87  ? 4.412   -0.645  -7.167  1.00 36.18  ? 91  LEU A CA  1 
ATOM   650  C C   . LEU A 1 87  ? 3.839   -0.652  -8.555  1.00 37.19  ? 91  LEU A C   1 
ATOM   651  O O   . LEU A 1 87  ? 2.744   -1.175  -8.795  1.00 37.69  ? 91  LEU A O   1 
ATOM   652  C CB  . LEU A 1 87  ? 4.600   -2.078  -6.677  1.00 34.53  ? 91  LEU A CB  1 
ATOM   653  C CG  . LEU A 1 87  ? 5.098   -2.301  -5.250  1.00 36.98  ? 91  LEU A CG  1 
ATOM   654  C CD1 . LEU A 1 87  ? 5.044   -3.796  -4.925  1.00 34.51  ? 91  LEU A CD1 1 
ATOM   655  C CD2 . LEU A 1 87  ? 6.498   -1.738  -5.050  1.00 35.04  ? 91  LEU A CD2 1 
ATOM   656  N N   . THR A 1 88  ? 4.579   -0.044  -9.468  1.00 39.76  ? 92  THR A N   1 
ATOM   657  C CA  . THR A 1 88  ? 4.023   0.293   -10.763 1.00 44.25  ? 92  THR A CA  1 
ATOM   658  C C   . THR A 1 88  ? 5.018   -0.040  -11.872 1.00 46.83  ? 92  THR A C   1 
ATOM   659  O O   . THR A 1 88  ? 6.220   -0.117  -11.633 1.00 44.82  ? 92  THR A O   1 
ATOM   660  C CB  . THR A 1 88  ? 3.545   1.796   -10.788 1.00 40.92  ? 92  THR A CB  1 
ATOM   661  O OG1 . THR A 1 88  ? 2.884   2.091   -12.021 1.00 40.58  ? 92  THR A OG1 1 
ATOM   662  C CG2 . THR A 1 88  ? 4.700   2.770   -10.580 1.00 36.90  ? 92  THR A CG2 1 
ATOM   663  N N   . ILE A 1 89  ? 4.509   -0.288  -13.071 1.00 49.46  ? 93  ILE A N   1 
ATOM   664  C CA  . ILE A 1 89  ? 5.374   -0.342  -14.246 1.00 53.95  ? 93  ILE A CA  1 
ATOM   665  C C   . ILE A 1 89  ? 4.987   0.767   -15.253 1.00 49.00  ? 93  ILE A C   1 
ATOM   666  O O   . ILE A 1 89  ? 3.827   0.898   -15.651 1.00 47.34  ? 93  ILE A O   1 
ATOM   667  C CB  . ILE A 1 89  ? 5.520   -1.802  -14.837 1.00 56.99  ? 93  ILE A CB  1 
ATOM   668  C CG1 . ILE A 1 89  ? 5.734   -1.787  -16.362 1.00 60.19  ? 93  ILE A CG1 1 
ATOM   669  C CG2 . ILE A 1 89  ? 4.350   -2.705  -14.414 1.00 56.32  ? 93  ILE A CG2 1 
ATOM   670  C CD1 . ILE A 1 89  ? 6.126   -3.138  -16.964 1.00 61.33  ? 93  ILE A CD1 1 
ATOM   671  N N   . LEU A 1 90  ? 5.966   1.594   -15.607 1.00 44.21  ? 94  LEU A N   1 
ATOM   672  C CA  . LEU A 1 90  ? 5.737   2.729   -16.497 1.00 46.66  ? 94  LEU A CA  1 
ATOM   673  C C   . LEU A 1 90  ? 6.253   2.429   -17.904 1.00 51.70  ? 94  LEU A C   1 
ATOM   674  O O   . LEU A 1 90  ? 7.398   2.754   -18.244 1.00 48.39  ? 94  LEU A O   1 
ATOM   675  C CB  . LEU A 1 90  ? 6.403   3.995   -15.936 1.00 43.55  ? 94  LEU A CB  1 
ATOM   676  C CG  . LEU A 1 90  ? 5.951   4.485   -14.557 1.00 41.14  ? 94  LEU A CG  1 
ATOM   677  C CD1 . LEU A 1 90  ? 6.818   5.627   -14.068 1.00 43.71  ? 94  LEU A CD1 1 
ATOM   678  C CD2 . LEU A 1 90  ? 4.496   4.901   -14.589 1.00 45.07  ? 94  LEU A CD2 1 
ATOM   679  N N   . SER A 1 91  ? 5.401   1.813   -18.721 1.00 55.39  ? 95  SER A N   1 
ATOM   680  C CA  . SER A 1 91  ? 5.821   1.359   -20.047 1.00 62.19  ? 95  SER A CA  1 
ATOM   681  C C   . SER A 1 91  ? 5.242   2.183   -21.205 1.00 65.69  ? 95  SER A C   1 
ATOM   682  O O   . SER A 1 91  ? 5.771   2.135   -22.320 1.00 71.39  ? 95  SER A O   1 
ATOM   683  C CB  . SER A 1 91  ? 5.546   -0.141  -20.225 1.00 60.94  ? 95  SER A CB  1 
ATOM   684  O OG  . SER A 1 91  ? 4.231   -0.463  -19.818 1.00 63.35  ? 95  SER A OG  1 
ATOM   685  N N   . ASP A 1 92  ? 4.184   2.953   -20.936 1.00 65.27  ? 96  ASP A N   1 
ATOM   686  C CA  . ASP A 1 92  ? 3.630   3.912   -21.908 1.00 62.90  ? 96  ASP A CA  1 
ATOM   687  C C   . ASP A 1 92  ? 3.066   5.162   -21.183 1.00 60.12  ? 96  ASP A C   1 
ATOM   688  O O   . ASP A 1 92  ? 2.837   5.104   -19.974 1.00 60.24  ? 96  ASP A O   1 
ATOM   689  C CB  . ASP A 1 92  ? 2.592   3.221   -22.812 1.00 64.44  ? 96  ASP A CB  1 
ATOM   690  C CG  . ASP A 1 92  ? 1.182   3.289   -22.259 1.00 76.60  ? 96  ASP A CG  1 
ATOM   691  O OD1 . ASP A 1 92  ? 0.323   3.926   -22.910 1.00 87.79  ? 96  ASP A OD1 1 
ATOM   692  O OD2 . ASP A 1 92  ? 0.929   2.715   -21.178 1.00 82.61  ? 96  ASP A OD2 1 
ATOM   693  N N   . PRO A 1 93  ? 2.881   6.302   -21.894 1.00 56.56  ? 97  PRO A N   1 
ATOM   694  C CA  . PRO A 1 93  ? 2.329   7.537   -21.304 1.00 53.87  ? 97  PRO A CA  1 
ATOM   695  C C   . PRO A 1 93  ? 1.072   7.426   -20.437 1.00 52.88  ? 97  PRO A C   1 
ATOM   696  O O   . PRO A 1 93  ? 0.945   8.187   -19.478 1.00 53.72  ? 97  PRO A O   1 
ATOM   697  C CB  . PRO A 1 93  ? 2.050   8.405   -22.527 0.50 51.60  ? 97  PRO A CB  1 
ATOM   698  C CG  . PRO A 1 93  ? 3.118   8.034   -23.444 1.00 55.39  ? 97  PRO A CG  1 
ATOM   699  C CD  . PRO A 1 93  ? 3.256   6.538   -23.300 1.00 56.72  ? 97  PRO A CD  1 
ATOM   700  N N   . ARG A 1 94  ? 0.164   6.504   -20.754 1.00 51.42  ? 98  ARG A N   1 
ATOM   701  C CA  . ARG A 1 94  ? -1.019  6.275   -19.912 1.00 56.54  ? 98  ARG A CA  1 
ATOM   702  C C   . ARG A 1 94  ? -0.679  5.761   -18.506 1.00 54.74  ? 98  ARG A C   1 
ATOM   703  O O   . ARG A 1 94  ? -1.403  6.054   -17.557 1.00 56.55  ? 98  ARG A O   1 
ATOM   704  C CB  . ARG A 1 94  ? -1.999  5.300   -20.568 1.00 60.23  ? 98  ARG A CB  1 
ATOM   705  C CG  . ARG A 1 94  ? -2.733  5.832   -21.785 1.00 76.63  ? 98  ARG A CG  1 
ATOM   706  C CD  . ARG A 1 94  ? -4.175  5.311   -21.835 1.00 94.98  ? 98  ARG A CD  1 
ATOM   707  N NE  . ARG A 1 94  ? -4.337  3.983   -21.227 1.00 104.95 ? 98  ARG A NE  1 
ATOM   708  C CZ  . ARG A 1 94  ? -4.423  2.837   -21.900 1.00 108.72 ? 98  ARG A CZ  1 
ATOM   709  N NH1 . ARG A 1 94  ? -4.370  2.823   -23.229 1.00 109.53 ? 98  ARG A NH1 1 
ATOM   710  N NH2 . ARG A 1 94  ? -4.570  1.695   -21.241 1.00 108.48 ? 98  ARG A NH2 1 
ATOM   711  N N   . ASP A 1 95  ? 0.403   4.990   -18.388 1.00 51.55  ? 99  ASP A N   1 
ATOM   712  C CA  . ASP A 1 95  ? 0.894   4.512   -17.092 1.00 51.73  ? 99  ASP A CA  1 
ATOM   713  C C   . ASP A 1 95  ? 1.341   5.691   -16.233 1.00 49.09  ? 99  ASP A C   1 
ATOM   714  O O   . ASP A 1 95  ? 1.051   5.751   -15.038 1.00 48.91  ? 99  ASP A O   1 
ATOM   715  C CB  . ASP A 1 95  ? 2.079   3.545   -17.263 1.00 53.66  ? 99  ASP A CB  1 
ATOM   716  C CG  . ASP A 1 95  ? 1.696   2.233   -17.944 1.00 55.14  ? 99  ASP A CG  1 
ATOM   717  O OD1 . ASP A 1 95  ? 2.611   1.582   -18.503 1.00 54.44  ? 99  ASP A OD1 1 
ATOM   718  O OD2 . ASP A 1 95  ? 0.502   1.846   -17.911 1.00 53.55  ? 99  ASP A OD2 1 
ATOM   719  N N   . VAL A 1 96  ? 2.046   6.621   -16.868 1.00 46.23  ? 100 VAL A N   1 
ATOM   720  C CA  . VAL A 1 96  ? 2.533   7.835   -16.227 1.00 42.74  ? 100 VAL A CA  1 
ATOM   721  C C   . VAL A 1 96  ? 1.371   8.721   -15.761 1.00 38.47  ? 100 VAL A C   1 
ATOM   722  O O   . VAL A 1 96  ? 1.362   9.179   -14.626 1.00 41.64  ? 100 VAL A O   1 
ATOM   723  C CB  . VAL A 1 96  ? 3.499   8.584   -17.174 1.00 40.56  ? 100 VAL A CB  1 
ATOM   724  C CG1 . VAL A 1 96  ? 3.918   9.934   -16.598 1.00 43.43  ? 100 VAL A CG1 1 
ATOM   725  C CG2 . VAL A 1 96  ? 4.715   7.716   -17.445 1.00 34.37  ? 100 VAL A CG2 1 
ATOM   726  N N   . VAL A 1 97  ? 0.383   8.912   -16.626 1.00 37.82  ? 101 VAL A N   1 
ATOM   727  C CA  . VAL A 1 97  ? -0.810  9.698   -16.298 1.00 39.05  ? 101 VAL A CA  1 
ATOM   728  C C   . VAL A 1 97  ? -1.638  9.076   -15.162 1.00 40.16  ? 101 VAL A C   1 
ATOM   729  O O   . VAL A 1 97  ? -2.052  9.772   -14.236 1.00 44.51  ? 101 VAL A O   1 
ATOM   730  C CB  . VAL A 1 97  ? -1.688  9.941   -17.560 1.00 39.53  ? 101 VAL A CB  1 
ATOM   731  C CG1 . VAL A 1 97  ? -3.010  10.603  -17.206 1.00 35.71  ? 101 VAL A CG1 1 
ATOM   732  C CG2 . VAL A 1 97  ? -0.934  10.795  -18.568 1.00 39.32  ? 101 VAL A CG2 1 
ATOM   733  N N   . ARG A 1 98  ? -1.856  7.767   -15.225 1.00 39.67  ? 102 ARG A N   1 
ATOM   734  C CA  . ARG A 1 98  ? -2.610  7.076   -14.194 1.00 38.54  ? 102 ARG A CA  1 
ATOM   735  C C   . ARG A 1 98  ? -1.919  7.136   -12.830 1.00 37.35  ? 102 ARG A C   1 
ATOM   736  O O   . ARG A 1 98  ? -2.582  7.262   -11.802 1.00 40.46  ? 102 ARG A O   1 
ATOM   737  C CB  . ARG A 1 98  ? -2.863  5.628   -14.595 1.00 44.15  ? 102 ARG A CB  1 
ATOM   738  C CG  . ARG A 1 98  ? -4.300  5.320   -15.001 1.00 60.65  ? 102 ARG A CG  1 
ATOM   739  C CD  . ARG A 1 98  ? -4.453  5.034   -16.497 1.00 73.67  ? 102 ARG A CD  1 
ATOM   740  N NE  . ARG A 1 98  ? -4.201  3.631   -16.837 1.00 82.48  ? 102 ARG A NE  1 
ATOM   741  C CZ  . ARG A 1 98  ? -5.110  2.655   -16.793 1.00 88.72  ? 102 ARG A CZ  1 
ATOM   742  N NH1 . ARG A 1 98  ? -4.764  1.416   -17.126 1.00 85.60  ? 102 ARG A NH1 1 
ATOM   743  N NH2 . ARG A 1 98  ? -6.360  2.905   -16.412 1.00 91.95  ? 102 ARG A NH2 1 
ATOM   744  N N   . SER A 1 99  ? -0.592  7.053   -12.831 1.00 36.71  ? 103 SER A N   1 
ATOM   745  C CA  . SER A 1 99  ? 0.207   7.174   -11.610 1.00 35.16  ? 103 SER A CA  1 
ATOM   746  C C   . SER A 1 99  ? 0.122   8.576   -11.031 1.00 36.10  ? 103 SER A C   1 
ATOM   747  O O   . SER A 1 99  ? -0.071  8.738   -9.827  1.00 42.17  ? 103 SER A O   1 
ATOM   748  C CB  . SER A 1 99  ? 1.669   6.823   -11.873 1.00 30.64  ? 103 SER A CB  1 
ATOM   749  O OG  . SER A 1 99  ? 1.806   5.455   -12.177 1.00 36.16  ? 103 SER A OG  1 
ATOM   750  N N   . LEU A 1 100 ? 0.245   9.581   -11.894 1.00 36.60  ? 104 LEU A N   1 
ATOM   751  C CA  . LEU A 1 100 ? 0.238   10.974  -11.467 1.00 35.95  ? 104 LEU A CA  1 
ATOM   752  C C   . LEU A 1 100 ? -1.096  11.403  -10.881 1.00 39.37  ? 104 LEU A C   1 
ATOM   753  O O   . LEU A 1 100 ? -1.146  12.302  -10.043 1.00 46.75  ? 104 LEU A O   1 
ATOM   754  C CB  . LEU A 1 100 ? 0.650   11.897  -12.617 1.00 34.21  ? 104 LEU A CB  1 
ATOM   755  C CG  . LEU A 1 100 ? 2.156   12.001  -12.912 1.00 35.59  ? 104 LEU A CG  1 
ATOM   756  C CD1 . LEU A 1 100 ? 2.392   12.855  -14.138 1.00 30.90  ? 104 LEU A CD1 1 
ATOM   757  C CD2 . LEU A 1 100 ? 2.989   12.512  -11.719 1.00 32.72  ? 104 LEU A CD2 1 
ATOM   758  N N   . GLU A 1 101 ? -2.164  10.730  -11.299 1.00 40.16  ? 105 GLU A N   1 
ATOM   759  C CA  . GLU A 1 101 ? -3.519  11.054  -10.863 1.00 40.82  ? 105 GLU A CA  1 
ATOM   760  C C   . GLU A 1 101 ? -4.025  10.267  -9.647  1.00 40.24  ? 105 GLU A C   1 
ATOM   761  O O   . GLU A 1 101 ? -5.043  10.628  -9.053  1.00 44.28  ? 105 GLU A O   1 
ATOM   762  C CB  . GLU A 1 101 ? -4.481  10.863  -12.033 1.00 39.52  ? 105 GLU A CB  1 
ATOM   763  C CG  . GLU A 1 101 ? -4.283  11.895  -13.134 1.00 47.41  ? 105 GLU A CG  1 
ATOM   764  C CD  . GLU A 1 101 ? -5.207  11.702  -14.322 1.00 48.47  ? 105 GLU A CD  1 
ATOM   765  O OE1 . GLU A 1 101 ? -5.697  10.572  -14.535 1.00 58.30  ? 105 GLU A OE1 1 
ATOM   766  O OE2 . GLU A 1 101 ? -5.431  12.689  -15.050 1.00 57.81  ? 105 GLU A OE2 1 
ATOM   767  N N   . CYS A 1 102 ? -3.326  9.200   -9.273  1.00 38.79  ? 106 CYS A N   1 
ATOM   768  C CA  . CYS A 1 102 ? -3.865  8.277   -8.280  1.00 38.89  ? 106 CYS A CA  1 
ATOM   769  C C   . CYS A 1 102 ? -3.638  8.761   -6.862  1.00 39.38  ? 106 CYS A C   1 
ATOM   770  O O   . CYS A 1 102 ? -4.368  8.380   -5.953  1.00 47.35  ? 106 CYS A O   1 
ATOM   771  C CB  . CYS A 1 102 ? -3.315  6.863   -8.465  1.00 35.22  ? 106 CYS A CB  1 
ATOM   772  S SG  . CYS A 1 102 ? -1.662  6.638   -7.816  1.00 38.96  ? 106 CYS A SG  1 
ATOM   773  N N   . GLY A 1 103 ? -2.630  9.596   -6.669  1.00 37.87  ? 107 GLY A N   1 
ATOM   774  C CA  . GLY A 1 103 ? -2.413  10.210  -5.364  1.00 38.67  ? 107 GLY A CA  1 
ATOM   775  C C   . GLY A 1 103 ? -1.788  9.322   -4.303  1.00 38.98  ? 107 GLY A C   1 
ATOM   776  O O   . GLY A 1 103 ? -2.043  9.506   -3.121  1.00 40.65  ? 107 GLY A O   1 
ATOM   777  N N   . ALA A 1 104 ? -0.958  8.367   -4.720  1.00 37.68  ? 108 ALA A N   1 
ATOM   778  C CA  . ALA A 1 104 ? -0.181  7.552   -3.789  1.00 36.75  ? 108 ALA A CA  1 
ATOM   779  C C   . ALA A 1 104 ? 0.901   8.413   -3.156  1.00 32.61  ? 108 ALA A C   1 
ATOM   780  O O   . ALA A 1 104 ? 1.253   9.459   -3.684  1.00 33.94  ? 108 ALA A O   1 
ATOM   781  C CB  . ALA A 1 104 ? 0.435   6.349   -4.495  1.00 30.17  ? 108 ALA A CB  1 
ATOM   782  N N   . ASP A 1 105 ? 1.414   7.980   -2.016  1.00 34.85  ? 109 ASP A N   1 
ATOM   783  C CA  . ASP A 1 105 ? 2.404   8.770   -1.300  1.00 37.77  ? 109 ASP A CA  1 
ATOM   784  C C   . ASP A 1 105 ? 3.802   8.468   -1.800  1.00 38.73  ? 109 ASP A C   1 
ATOM   785  O O   . ASP A 1 105 ? 4.723   9.251   -1.577  1.00 42.35  ? 109 ASP A O   1 
ATOM   786  C CB  . ASP A 1 105 ? 2.308   8.527   0.210   1.00 40.43  ? 109 ASP A CB  1 
ATOM   787  C CG  . ASP A 1 105 ? 0.959   8.929   0.778   1.00 43.93  ? 109 ASP A CG  1 
ATOM   788  O OD1 . ASP A 1 105 ? 0.808   10.099  1.197   1.00 48.71  ? 109 ASP A OD1 1 
ATOM   789  O OD2 . ASP A 1 105 ? 0.045   8.082   0.776   1.00 41.01  ? 109 ASP A OD2 1 
ATOM   790  N N   . ASP A 1 106 ? 3.944   7.333   -2.486  1.00 36.81  ? 110 ASP A N   1 
ATOM   791  C CA  . ASP A 1 106 ? 5.241   6.831   -2.911  1.00 33.12  ? 110 ASP A CA  1 
ATOM   792  C C   . ASP A 1 106 ? 5.099   5.938   -4.119  1.00 31.38  ? 110 ASP A C   1 
ATOM   793  O O   . ASP A 1 106 ? 4.158   5.157   -4.207  1.00 37.06  ? 110 ASP A O   1 
ATOM   794  C CB  . ASP A 1 106 ? 5.886   6.047   -1.778  1.00 34.70  ? 110 ASP A CB  1 
ATOM   795  C CG  . ASP A 1 106 ? 7.379   5.928   -1.937  1.00 42.01  ? 110 ASP A CG  1 
ATOM   796  O OD1 . ASP A 1 106 ? 8.085   6.954   -1.844  1.00 43.69  ? 110 ASP A OD1 1 
ATOM   797  O OD2 . ASP A 1 106 ? 7.852   4.797   -2.155  1.00 44.84  ? 110 ASP A OD2 1 
ATOM   798  N N   . PHE A 1 107 ? 6.031   6.062   -5.057  1.00 34.40  ? 111 PHE A N   1 
ATOM   799  C CA  . PHE A 1 107 ? 6.033   5.240   -6.267  1.00 34.03  ? 111 PHE A CA  1 
ATOM   800  C C   . PHE A 1 107 ? 7.355   4.492   -6.366  1.00 36.10  ? 111 PHE A C   1 
ATOM   801  O O   . PHE A 1 107 ? 8.423   5.061   -6.136  1.00 37.71  ? 111 PHE A O   1 
ATOM   802  C CB  . PHE A 1 107 ? 5.793   6.093   -7.525  1.00 33.91  ? 111 PHE A CB  1 
ATOM   803  C CG  . PHE A 1 107 ? 4.471   6.836   -7.524  1.00 31.53  ? 111 PHE A CG  1 
ATOM   804  C CD1 . PHE A 1 107 ? 3.332   6.257   -8.073  1.00 31.40  ? 111 PHE A CD1 1 
ATOM   805  C CD2 . PHE A 1 107 ? 4.372   8.108   -6.974  1.00 30.94  ? 111 PHE A CD2 1 
ATOM   806  C CE1 . PHE A 1 107 ? 2.117   6.929   -8.067  1.00 33.20  ? 111 PHE A CE1 1 
ATOM   807  C CE2 . PHE A 1 107 ? 3.167   8.790   -6.965  1.00 28.14  ? 111 PHE A CE2 1 
ATOM   808  C CZ  . PHE A 1 107 ? 2.034   8.201   -7.515  1.00 31.98  ? 111 PHE A CZ  1 
ATOM   809  N N   . ILE A 1 108 ? 7.263   3.202   -6.660  1.00 39.34  ? 112 ILE A N   1 
ATOM   810  C CA  . ILE A 1 108 ? 8.422   2.339   -6.885  1.00 41.41  ? 112 ILE A CA  1 
ATOM   811  C C   . ILE A 1 108 ? 8.133   1.559   -8.170  1.00 42.47  ? 112 ILE A C   1 
ATOM   812  O O   . ILE A 1 108 ? 7.084   0.917   -8.300  1.00 40.76  ? 112 ILE A O   1 
ATOM   813  C CB  . ILE A 1 108 ? 8.649   1.324   -5.715  1.00 43.53  ? 112 ILE A CB  1 
ATOM   814  C CG1 . ILE A 1 108 ? 8.948   2.021   -4.386  1.00 39.34  ? 112 ILE A CG1 1 
ATOM   815  C CG2 . ILE A 1 108 ? 9.771   0.341   -6.046  1.00 44.82  ? 112 ILE A CG2 1 
ATOM   816  C CD1 . ILE A 1 108 ? 10.383  1.969   -3.997  1.00 50.59  ? 112 ILE A CD1 1 
ATOM   817  N N   . THR A 1 109 ? 9.038   1.632   -9.135  1.00 41.05  ? 113 THR A N   1 
ATOM   818  C CA  . THR A 1 109 ? 8.837   0.868   -10.353 1.00 40.47  ? 113 THR A CA  1 
ATOM   819  C C   . THR A 1 109 ? 9.326   -0.556  -10.155 1.00 39.05  ? 113 THR A C   1 
ATOM   820  O O   . THR A 1 109 ? 10.345  -0.777  -9.507  1.00 36.44  ? 113 THR A O   1 
ATOM   821  C CB  . THR A 1 109 ? 9.497   1.516   -11.588 1.00 41.61  ? 113 THR A CB  1 
ATOM   822  O OG1 . THR A 1 109 ? 10.788  2.025   -11.235 1.00 48.71  ? 113 THR A OG1 1 
ATOM   823  C CG2 . THR A 1 109 ? 8.636   2.651   -12.113 1.00 35.13  ? 113 THR A CG2 1 
ATOM   824  N N   . LYS A 1 110 ? 8.573   -1.508  -10.704 1.00 41.20  ? 114 LYS A N   1 
ATOM   825  C CA  . LYS A 1 110 ? 8.937   -2.923  -10.691 1.00 42.66  ? 114 LYS A CA  1 
ATOM   826  C C   . LYS A 1 110 ? 10.144  -3.164  -11.607 1.00 50.55  ? 114 LYS A C   1 
ATOM   827  O O   . LYS A 1 110 ? 10.449  -2.317  -12.443 1.00 58.38  ? 114 LYS A O   1 
ATOM   828  C CB  . LYS A 1 110 ? 7.724   -3.796  -10.989 1.00 42.22  ? 114 LYS A CB  1 
ATOM   829  C CG  . LYS A 1 110 ? 6.804   -3.906  -9.781  1.00 37.41  ? 114 LYS A CG  1 
ATOM   830  C CD  . LYS A 1 110 ? 5.526   -4.624  -10.116 1.00 37.63  ? 114 LYS A CD  1 
ATOM   831  C CE  . LYS A 1 110 ? 5.624   -6.089  -9.784  1.00 42.67  ? 114 LYS A CE  1 
ATOM   832  N NZ  . LYS A 1 110 ? 4.382   -6.787  -10.197 1.00 46.48  ? 114 LYS A NZ  1 
ATOM   833  N N   . PRO A 1 111 ? 10.734  -4.369  -11.576 1.00 50.86  ? 115 PRO A N   1 
ATOM   834  C CA  . PRO A 1 111 ? 11.956  -4.785  -10.937 1.00 45.00  ? 115 PRO A CA  1 
ATOM   835  C C   . PRO A 1 111 ? 12.549  -3.734  -9.995  1.00 43.22  ? 115 PRO A C   1 
ATOM   836  O O   . PRO A 1 111 ? 12.953  -2.655  -10.433 1.00 42.96  ? 115 PRO A O   1 
ATOM   837  C CB  . PRO A 1 111 ? 12.858  -5.103  -12.133 1.00 44.26  ? 115 PRO A CB  1 
ATOM   838  C CG  . PRO A 1 111 ? 11.858  -5.413  -13.292 1.00 45.64  ? 115 PRO A CG  1 
ATOM   839  C CD  . PRO A 1 111 ? 10.469  -5.284  -12.692 1.00 54.42  ? 115 PRO A CD  1 
ATOM   840  N N   . CYS A 1 112 ? 12.584  -4.047  -8.702  1.00 43.90  ? 116 CYS A N   1 
ATOM   841  C CA  . CYS A 1 112 ? 13.241  -3.171  -7.724  1.00 45.05  ? 116 CYS A CA  1 
ATOM   842  C C   . CYS A 1 112 ? 14.171  -3.920  -6.771  1.00 45.80  ? 116 CYS A C   1 
ATOM   843  O O   . CYS A 1 112 ? 14.061  -5.128  -6.597  1.00 47.43  ? 116 CYS A O   1 
ATOM   844  C CB  . CYS A 1 112 ? 12.210  -2.367  -6.924  1.00 42.81  ? 116 CYS A CB  1 
ATOM   845  S SG  . CYS A 1 112 ? 11.260  -3.314  -5.713  1.00 41.90  ? 116 CYS A SG  1 
ATOM   846  N N   . LYS A 1 113 ? 15.093  -3.179  -6.169  1.00 51.74  ? 117 LYS A N   1 
ATOM   847  C CA  . LYS A 1 113 ? 15.931  -3.679  -5.088  1.00 51.48  ? 117 LYS A CA  1 
ATOM   848  C C   . LYS A 1 113 ? 15.144  -3.712  -3.782  1.00 51.04  ? 117 LYS A C   1 
ATOM   849  O O   . LYS A 1 113 ? 14.438  -2.753  -3.438  1.00 51.54  ? 117 LYS A O   1 
ATOM   850  C CB  . LYS A 1 113 ? 17.157  -2.775  -4.910  1.00 53.90  ? 117 LYS A CB  1 
ATOM   851  C CG  . LYS A 1 113 ? 18.355  -3.093  -5.808  1.00 65.19  ? 117 LYS A CG  1 
ATOM   852  C CD  . LYS A 1 113 ? 19.316  -4.079  -5.116  1.00 73.00  ? 117 LYS A CD  1 
ATOM   853  C CE  . LYS A 1 113 ? 20.577  -4.331  -5.934  1.00 67.53  ? 117 LYS A CE  1 
ATOM   854  N NZ  . LYS A 1 113 ? 20.303  -5.190  -7.115  1.00 69.31  ? 117 LYS A NZ  1 
ATOM   855  N N   . ASP A 1 114 ? 15.291  -4.816  -3.053  1.00 49.66  ? 118 ASP A N   1 
ATOM   856  C CA  . ASP A 1 114 ? 14.725  -4.975  -1.713  1.00 52.05  ? 118 ASP A CA  1 
ATOM   857  C C   . ASP A 1 114 ? 15.139  -3.852  -0.763  1.00 52.83  ? 118 ASP A C   1 
ATOM   858  O O   . ASP A 1 114 ? 14.344  -3.413  0.066   1.00 55.34  ? 118 ASP A O   1 
ATOM   859  C CB  . ASP A 1 114 ? 15.135  -6.326  -1.115  1.00 53.51  ? 118 ASP A CB  1 
ATOM   860  C CG  . ASP A 1 114 ? 14.593  -7.505  -1.896  1.00 60.58  ? 118 ASP A CG  1 
ATOM   861  O OD1 . ASP A 1 114 ? 13.613  -7.330  -2.657  1.00 68.96  ? 118 ASP A OD1 1 
ATOM   862  O OD2 . ASP A 1 114 ? 15.147  -8.615  -1.747  1.00 71.52  ? 118 ASP A OD2 1 
ATOM   863  N N   . VAL A 1 115 ? 16.379  -3.394  -0.908  1.00 53.35  ? 119 VAL A N   1 
ATOM   864  C CA  . VAL A 1 115 ? 16.958  -2.331  -0.092  1.00 53.46  ? 119 VAL A CA  1 
ATOM   865  C C   . VAL A 1 115 ? 16.178  -1.028  -0.240  1.00 53.75  ? 119 VAL A C   1 
ATOM   866  O O   . VAL A 1 115 ? 15.990  -0.296  0.733   1.00 54.40  ? 119 VAL A O   1 
ATOM   867  C CB  . VAL A 1 115 ? 18.419  -2.055  -0.507  1.00 52.74  ? 119 VAL A CB  1 
ATOM   868  C CG1 . VAL A 1 115 ? 19.255  -1.707  0.710   1.00 53.26  ? 119 VAL A CG1 1 
ATOM   869  C CG2 . VAL A 1 115 ? 19.006  -3.256  -1.249  1.00 53.21  ? 119 VAL A CG2 1 
ATOM   870  N N   . VAL A 1 116 ? 15.729  -0.758  -1.466  1.00 54.42  ? 120 VAL A N   1 
ATOM   871  C CA  . VAL A 1 116 ? 14.999  0.461   -1.795  1.00 54.79  ? 120 VAL A CA  1 
ATOM   872  C C   . VAL A 1 116 ? 13.589  0.401   -1.216  1.00 53.70  ? 120 VAL A C   1 
ATOM   873  O O   . VAL A 1 116 ? 13.138  1.335   -0.546  1.00 53.66  ? 120 VAL A O   1 
ATOM   874  C CB  . VAL A 1 116 ? 14.961  0.696   -3.316  1.00 56.69  ? 120 VAL A CB  1 
ATOM   875  C CG1 . VAL A 1 116 ? 14.232  1.991   -3.652  1.00 60.43  ? 120 VAL A CG1 1 
ATOM   876  C CG2 . VAL A 1 116 ? 16.371  0.757   -3.861  1.00 62.23  ? 120 VAL A CG2 1 
ATOM   877  N N   . LEU A 1 117 ? 12.913  -0.719  -1.450  1.00 50.02  ? 121 LEU A N   1 
ATOM   878  C CA  . LEU A 1 117 ? 11.629  -0.981  -0.827  1.00 46.61  ? 121 LEU A CA  1 
ATOM   879  C C   . LEU A 1 117 ? 11.700  -0.874  0.694   1.00 47.55  ? 121 LEU A C   1 
ATOM   880  O O   . LEU A 1 117 ? 10.816  -0.304  1.319   1.00 51.32  ? 121 LEU A O   1 
ATOM   881  C CB  . LEU A 1 117 ? 11.134  -2.355  -1.241  1.00 43.75  ? 121 LEU A CB  1 
ATOM   882  C CG  . LEU A 1 117 ? 9.742   -2.783  -0.802  1.00 49.10  ? 121 LEU A CG  1 
ATOM   883  C CD1 . LEU A 1 117 ? 8.662   -1.773  -1.194  1.00 44.28  ? 121 LEU A CD1 1 
ATOM   884  C CD2 . LEU A 1 117 ? 9.499   -4.109  -1.454  1.00 52.67  ? 121 LEU A CD2 1 
ATOM   885  N N   . ALA A 1 118 ? 12.776  -1.395  1.272   1.00 49.67  ? 122 ALA A N   1 
ATOM   886  C CA  . ALA A 1 118 ? 13.001  -1.344  2.711   1.00 49.29  ? 122 ALA A CA  1 
ATOM   887  C C   . ALA A 1 118 ? 13.073  0.076   3.250   1.00 49.34  ? 122 ALA A C   1 
ATOM   888  O O   . ALA A 1 118 ? 12.439  0.387   4.263   1.00 50.72  ? 122 ALA A O   1 
ATOM   889  C CB  . ALA A 1 118 ? 14.278  -2.104  3.072   1.00 55.41  ? 122 ALA A CB  1 
ATOM   890  N N   . SER A 1 119 ? 13.844  0.926   2.571   1.00 49.34  ? 123 SER A N   1 
ATOM   891  C CA  . SER A 1 119 ? 14.100  2.294   3.034   1.00 50.94  ? 123 SER A CA  1 
ATOM   892  C C   . SER A 1 119 ? 12.894  3.197   2.848   1.00 48.60  ? 123 SER A C   1 
ATOM   893  O O   . SER A 1 119 ? 12.696  4.137   3.619   1.00 49.08  ? 123 SER A O   1 
ATOM   894  C CB  . SER A 1 119 ? 15.323  2.898   2.336   1.00 50.37  ? 123 SER A CB  1 
ATOM   895  O OG  . SER A 1 119 ? 15.189  2.835   0.928   1.00 56.19  ? 123 SER A OG  1 
ATOM   896  N N   . HIS A 1 120 ? 12.092  2.890   1.831   1.00 47.85  ? 124 HIS A N   1 
ATOM   897  C CA  . HIS A 1 120 ? 10.868  3.633   1.544   1.00 46.14  ? 124 HIS A CA  1 
ATOM   898  C C   . HIS A 1 120 ? 9.807   3.402   2.610   1.00 42.31  ? 124 HIS A C   1 
ATOM   899  O O   . HIS A 1 120 ? 9.190   4.344   3.090   1.00 43.28  ? 124 HIS A O   1 
ATOM   900  C CB  . HIS A 1 120 ? 10.348  3.282   0.150   1.00 45.21  ? 124 HIS A CB  1 
ATOM   901  C CG  . HIS A 1 120 ? 11.052  4.012   -0.955  1.00 50.94  ? 124 HIS A CG  1 
ATOM   902  N ND1 . HIS A 1 120 ? 10.377  4.708   -1.934  1.00 54.16  ? 124 HIS A ND1 1 
ATOM   903  C CD2 . HIS A 1 120 ? 12.370  4.177   -1.220  1.00 50.45  ? 124 HIS A CD2 1 
ATOM   904  C CE1 . HIS A 1 120 ? 11.246  5.255   -2.763  1.00 56.07  ? 124 HIS A CE1 1 
ATOM   905  N NE2 . HIS A 1 120 ? 12.463  4.945   -2.355  1.00 57.10  ? 124 HIS A NE2 1 
ATOM   906  N N   . VAL A 1 121 ? 9.629   2.141   2.987   1.00 43.00  ? 125 VAL A N   1 
ATOM   907  C CA  . VAL A 1 121 ? 8.729   1.763   4.065   1.00 44.92  ? 125 VAL A CA  1 
ATOM   908  C C   . VAL A 1 121 ? 9.149   2.431   5.380   1.00 48.81  ? 125 VAL A C   1 
ATOM   909  O O   . VAL A 1 121 ? 8.325   3.063   6.047   1.00 48.23  ? 125 VAL A O   1 
ATOM   910  C CB  . VAL A 1 121 ? 8.665   0.222   4.210   1.00 47.66  ? 125 VAL A CB  1 
ATOM   911  C CG1 . VAL A 1 121 ? 7.953   -0.180  5.487   1.00 44.42  ? 125 VAL A CG1 1 
ATOM   912  C CG2 . VAL A 1 121 ? 7.969   -0.399  3.005   1.00 41.90  ? 125 VAL A CG2 1 
ATOM   913  N N   . LYS A 1 122 ? 10.436  2.311   5.712   1.00 52.09  ? 126 LYS A N   1 
ATOM   914  C CA  . LYS A 1 122 ? 11.028  2.927   6.898   1.00 50.89  ? 126 LYS A CA  1 
ATOM   915  C C   . LYS A 1 122 ? 10.774  4.424   6.938   1.00 51.09  ? 126 LYS A C   1 
ATOM   916  O O   . LYS A 1 122 ? 10.248  4.941   7.929   1.00 53.25  ? 126 LYS A O   1 
ATOM   917  C CB  . LYS A 1 122 ? 12.539  2.666   6.939   1.00 54.50  ? 126 LYS A CB  1 
ATOM   918  C CG  . LYS A 1 122 ? 13.261  3.316   8.140   1.00 64.73  ? 126 LYS A CG  1 
ATOM   919  C CD  . LYS A 1 122 ? 14.661  3.860   7.784   1.00 72.39  ? 126 LYS A CD  1 
ATOM   920  C CE  . LYS A 1 122 ? 14.620  5.122   6.886   1.00 71.09  ? 126 LYS A CE  1 
ATOM   921  N NZ  . LYS A 1 122 ? 14.106  6.345   7.579   1.00 62.51  ? 126 LYS A NZ  1 
ATOM   922  N N   . ARG A 1 123 ? 11.140  5.102   5.852   1.00 50.39  ? 127 ARG A N   1 
ATOM   923  C CA  . ARG A 1 123 ? 11.032  6.554   5.753   1.00 53.95  ? 127 ARG A CA  1 
ATOM   924  C C   . ARG A 1 123 ? 9.595   7.043   5.934   1.00 53.60  ? 127 ARG A C   1 
ATOM   925  O O   . ARG A 1 123 ? 9.344   7.990   6.686   1.00 54.27  ? 127 ARG A O   1 
ATOM   926  C CB  . ARG A 1 123 ? 11.592  7.020   4.410   1.00 53.78  ? 127 ARG A CB  1 
ATOM   927  C CG  . ARG A 1 123 ? 11.490  8.511   4.147   1.00 58.98  ? 127 ARG A CG  1 
ATOM   928  C CD  . ARG A 1 123 ? 11.988  8.875   2.740   1.00 60.82  ? 127 ARG A CD  1 
ATOM   929  N NE  . ARG A 1 123 ? 11.426  8.043   1.667   1.00 67.11  ? 127 ARG A NE  1 
ATOM   930  C CZ  . ARG A 1 123 ? 10.206  8.182   1.144   1.00 63.52  ? 127 ARG A CZ  1 
ATOM   931  N NH1 . ARG A 1 123 ? 9.372   9.114   1.590   1.00 61.35  ? 127 ARG A NH1 1 
ATOM   932  N NH2 . ARG A 1 123 ? 9.810   7.375   0.172   1.00 66.76  ? 127 ARG A NH2 1 
ATOM   933  N N   . LEU A 1 124 ? 8.660   6.376   5.260   1.00 54.08  ? 128 LEU A N   1 
ATOM   934  C CA  . LEU A 1 124 ? 7.242   6.724   5.346   1.00 52.21  ? 128 LEU A CA  1 
ATOM   935  C C   . LEU A 1 124 ? 6.653   6.435   6.710   1.00 53.57  ? 128 LEU A C   1 
ATOM   936  O O   . LEU A 1 124 ? 5.719   7.112   7.126   1.00 54.04  ? 128 LEU A O   1 
ATOM   937  C CB  . LEU A 1 124 ? 6.433   5.986   4.283   1.00 49.25  ? 128 LEU A CB  1 
ATOM   938  C CG  . LEU A 1 124 ? 6.582   6.461   2.840   1.00 45.51  ? 128 LEU A CG  1 
ATOM   939  C CD1 . LEU A 1 124 ? 5.959   5.439   1.943   1.00 40.53  ? 128 LEU A CD1 1 
ATOM   940  C CD2 . LEU A 1 124 ? 5.959   7.836   2.626   1.00 39.48  ? 128 LEU A CD2 1 
ATOM   941  N N   . LEU A 1 125 ? 7.207   5.436   7.396   1.00 57.85  ? 129 LEU A N   1 
ATOM   942  C CA  . LEU A 1 125 ? 6.741   5.058   8.727   1.00 62.77  ? 129 LEU A CA  1 
ATOM   943  C C   . LEU A 1 125 ? 7.338   5.888   9.861   1.00 69.97  ? 129 LEU A C   1 
ATOM   944  O O   . LEU A 1 125 ? 6.730   6.011   10.927  1.00 70.81  ? 129 LEU A O   1 
ATOM   945  C CB  . LEU A 1 125 ? 6.944   3.564   8.975   1.00 58.68  ? 129 LEU A CB  1 
ATOM   946  C CG  . LEU A 1 125 ? 5.826   2.698   8.391   1.00 54.33  ? 129 LEU A CG  1 
ATOM   947  C CD1 . LEU A 1 125 ? 6.144   1.231   8.545   1.00 48.43  ? 129 LEU A CD1 1 
ATOM   948  C CD2 . LEU A 1 125 ? 4.480   3.025   9.022   1.00 43.53  ? 129 LEU A CD2 1 
ATOM   949  N N   . SER A 1 126 ? 8.518   6.459   9.633   1.00 77.69  ? 130 SER A N   1 
ATOM   950  C CA  . SER A 1 126 ? 9.083   7.426   10.573  1.00 85.69  ? 130 SER A CA  1 
ATOM   951  C C   . SER A 1 126 ? 8.345   8.765   10.465  1.00 90.67  ? 130 SER A C   1 
ATOM   952  O O   . SER A 1 126 ? 8.282   9.526   11.432  1.00 91.94  ? 130 SER A O   1 
ATOM   953  C CB  . SER A 1 126 ? 10.579  7.618   10.323  1.00 85.24  ? 130 SER A CB  1 
ATOM   954  O OG  . SER A 1 126 ? 10.807  8.280   9.092   1.00 88.66  ? 130 SER A OG  1 
ATOM   955  N N   . GLY A 1 127 ? 7.792   9.034   9.280   1.00 96.42  ? 131 GLY A N   1 
ATOM   956  C CA  . GLY A 1 127 ? 7.011   10.241  9.008   1.00 102.00 ? 131 GLY A CA  1 
ATOM   957  C C   . GLY A 1 127 ? 5.673   10.294  9.725   1.00 107.60 ? 131 GLY A C   1 
ATOM   958  O O   . GLY A 1 127 ? 5.226   11.373  10.121  1.00 107.08 ? 131 GLY A O   1 
ATOM   959  N N   . VAL A 1 128 ? 5.033   9.129   9.883   1.00 113.83 ? 132 VAL A N   1 
ATOM   960  C CA  . VAL A 1 128 ? 3.775   9.012   10.649  1.00 117.80 ? 132 VAL A CA  1 
ATOM   961  C C   . VAL A 1 128 ? 3.984   8.577   12.112  1.00 123.68 ? 132 VAL A C   1 
ATOM   962  O O   . VAL A 1 128 ? 3.153   7.863   12.687  1.00 125.72 ? 132 VAL A O   1 
ATOM   963  C CB  . VAL A 1 128 ? 2.697   8.104   9.957   1.00 114.41 ? 132 VAL A CB  1 
ATOM   964  C CG1 . VAL A 1 128 ? 2.033   8.837   8.805   1.00 111.84 ? 132 VAL A CG1 1 
ATOM   965  C CG2 . VAL A 1 128 ? 3.279   6.767   9.509   1.00 112.32 ? 132 VAL A CG2 1 
ATOM   966  N N   . LYS A 1 129 ? 5.098   9.009   12.703  1.00 128.04 ? 133 LYS A N   1 
ATOM   967  C CA  . LYS A 1 129 ? 5.284   8.930   14.152  1.00 131.35 ? 133 LYS A CA  1 
ATOM   968  C C   . LYS A 1 129 ? 5.137   10.323  14.777  1.00 134.68 ? 133 LYS A C   1 
ATOM   969  O O   . LYS A 1 129 ? 5.728   10.631  15.817  1.00 134.95 ? 133 LYS A O   1 
ATOM   970  C CB  . LYS A 1 129 ? 6.619   8.265   14.519  1.00 130.20 ? 133 LYS A CB  1 
ATOM   971  C CG  . LYS A 1 129 ? 6.679   6.745   14.276  1.00 128.71 ? 133 LYS A CG  1 
ATOM   972  C CD  . LYS A 1 129 ? 5.496   5.973   14.889  1.00 126.01 ? 133 LYS A CD  1 
ATOM   973  C CE  . LYS A 1 129 ? 5.501   5.977   16.418  1.00 125.49 ? 133 LYS A CE  1 
ATOM   974  N NZ  . LYS A 1 129 ? 6.674   5.269   16.991  1.00 125.87 ? 133 LYS A NZ  1 
ATOM   975  N N   . ARG A 1 130 ? 4.330   11.152  14.115  1.00 137.83 ? 134 ARG A N   1 
ATOM   976  C CA  . ARG A 1 130 ? 3.991   12.492  14.580  1.00 140.99 ? 134 ARG A CA  1 
ATOM   977  C C   . ARG A 1 130 ? 2.480   12.650  14.830  1.00 142.69 ? 134 ARG A C   1 
ATOM   978  O O   . ARG A 1 130 ? 1.960   13.771  14.868  1.00 143.32 ? 134 ARG A O   1 
ATOM   979  C CB  . ARG A 1 130 ? 4.523   13.540  13.596  1.00 141.58 ? 134 ARG A CB  1 
ATOM   980  C CG  . ARG A 1 130 ? 5.729   14.312  14.118  1.00 142.87 ? 134 ARG A CG  1 
ATOM   981  C CD  . ARG A 1 130 ? 6.862   14.393  13.099  1.00 143.04 ? 134 ARG A CD  1 
ATOM   982  N NE  . ARG A 1 130 ? 7.856   13.339  13.307  1.00 144.13 ? 134 ARG A NE  1 
ATOM   983  C CZ  . ARG A 1 130 ? 8.903   13.431  14.132  1.00 144.80 ? 134 ARG A CZ  1 
ATOM   984  N NH1 . ARG A 1 130 ? 9.112   14.535  14.841  1.00 144.94 ? 134 ARG A NH1 1 
ATOM   985  N NH2 . ARG A 1 130 ? 9.746   12.413  14.249  1.00 143.56 ? 134 ARG A NH2 1 
ATOM   986  N N   . THR A 1 131 ? 1.791   11.520  15.001  1.00 144.25 ? 135 THR A N   1 
ATOM   987  C CA  . THR A 1 131 ? 0.382   11.493  15.424  1.00 145.18 ? 135 THR A CA  1 
ATOM   988  C C   . THR A 1 131 ? 0.166   10.451  16.526  1.00 144.84 ? 135 THR A C   1 
ATOM   989  O O   . THR A 1 131 ? 0.788   9.384   16.526  1.00 143.53 ? 135 THR A O   1 
ATOM   990  C CB  . THR A 1 131 ? -0.593  11.213  14.245  1.00 145.26 ? 135 THR A CB  1 
ATOM   991  O OG1 . THR A 1 131 ? -0.200  11.971  13.094  1.00 145.53 ? 135 THR A OG1 1 
ATOM   992  C CG2 . THR A 1 131 ? -2.031  11.584  14.626  1.00 143.45 ? 135 THR A CG2 1 
ATOM   993  N N   . GLU A 1 138 ? -6.498  5.950   20.440  1.00 72.26  ? 142 GLU A N   1 
ATOM   994  C CA  . GLU A 1 138 ? -7.836  5.817   21.012  1.00 71.14  ? 142 GLU A CA  1 
ATOM   995  C C   . GLU A 1 138 ? -8.610  4.615   20.462  1.00 66.56  ? 142 GLU A C   1 
ATOM   996  O O   . GLU A 1 138 ? -8.545  4.321   19.267  1.00 66.33  ? 142 GLU A O   1 
ATOM   997  C CB  . GLU A 1 138 ? -8.643  7.103   20.793  1.00 74.72  ? 142 GLU A CB  1 
ATOM   998  C CG  . GLU A 1 138 ? -8.621  8.091   21.973  1.00 85.96  ? 142 GLU A CG  1 
ATOM   999  C CD  . GLU A 1 138 ? -9.457  7.640   23.184  1.00 93.82  ? 142 GLU A CD  1 
ATOM   1000 O OE1 . GLU A 1 138 ? -10.390 6.812   23.028  1.00 94.32  ? 142 GLU A OE1 1 
ATOM   1001 O OE2 . GLU A 1 138 ? -9.180  8.127   24.302  1.00 96.18  ? 142 GLU A OE2 1 
ATOM   1002 N N   . SER A 1 139 ? -9.348  3.937   21.345  1.00 60.77  ? 143 SER A N   1 
ATOM   1003 C CA  . SER A 1 139 ? -10.189 2.786   20.981  1.00 53.67  ? 143 SER A CA  1 
ATOM   1004 C C   . SER A 1 139 ? -11.450 3.222   20.237  1.00 50.06  ? 143 SER A C   1 
ATOM   1005 O O   . SER A 1 139 ? -11.977 2.493   19.392  1.00 47.03  ? 143 SER A O   1 
ATOM   1006 C CB  . SER A 1 139 ? -10.594 2.000   22.232  1.00 53.36  ? 143 SER A CB  1 
ATOM   1007 O OG  . SER A 1 139 ? -9.542  1.932   23.187  1.00 58.15  ? 143 SER A OG  1 
ATOM   1008 N N   . ILE A 1 140 ? -11.936 4.411   20.582  1.00 50.43  ? 144 ILE A N   1 
ATOM   1009 C CA  . ILE A 1 140 ? -13.154 4.965   20.007  1.00 46.82  ? 144 ILE A CA  1 
ATOM   1010 C C   . ILE A 1 140 ? -12.847 6.295   19.320  1.00 48.23  ? 144 ILE A C   1 
ATOM   1011 O O   . ILE A 1 140 ? -12.320 7.226   19.937  1.00 47.31  ? 144 ILE A O   1 
ATOM   1012 C CB  . ILE A 1 140 ? -14.280 5.178   21.078  1.00 46.42  ? 144 ILE A CB  1 
ATOM   1013 C CG1 . ILE A 1 140 ? -14.508 3.914   21.915  1.00 38.87  ? 144 ILE A CG1 1 
ATOM   1014 C CG2 . ILE A 1 140 ? -15.596 5.661   20.416  1.00 43.92  ? 144 ILE A CG2 1 
ATOM   1015 C CD1 . ILE A 1 140 ? -15.420 4.117   23.106  1.00 41.01  ? 144 ILE A CD1 1 
ATOM   1016 N N   . THR A 1 141 ? -13.160 6.358   18.030  1.00 52.00  ? 145 THR A N   1 
ATOM   1017 C CA  . THR A 1 141 ? -13.131 7.612   17.275  1.00 54.23  ? 145 THR A CA  1 
ATOM   1018 C C   . THR A 1 141 ? -14.383 7.780   16.394  1.00 51.63  ? 145 THR A C   1 
ATOM   1019 O O   . THR A 1 141 ? -14.814 6.854   15.712  1.00 50.86  ? 145 THR A O   1 
ATOM   1020 C CB  . THR A 1 141 ? -11.798 7.835   16.478  1.00 57.57  ? 145 THR A CB  1 
ATOM   1021 O OG1 . THR A 1 141 ? -12.100 8.308   15.158  1.00 65.86  ? 145 THR A OG1 1 
ATOM   1022 C CG2 . THR A 1 141 ? -10.941 6.558   16.378  1.00 59.03  ? 145 THR A CG2 1 
ATOM   1023 N N   . LEU A 1 142 ? -14.971 8.969   16.443  1.00 51.74  ? 146 LEU A N   1 
ATOM   1024 C CA  . LEU A 1 142 ? -16.191 9.248   15.704  1.00 53.51  ? 146 LEU A CA  1 
ATOM   1025 C C   . LEU A 1 142 ? -15.882 9.625   14.260  1.00 55.12  ? 146 LEU A C   1 
ATOM   1026 O O   . LEU A 1 142 ? -14.856 10.242  13.969  1.00 52.28  ? 146 LEU A O   1 
ATOM   1027 C CB  . LEU A 1 142 ? -16.992 10.363  16.383  1.00 53.15  ? 146 LEU A CB  1 
ATOM   1028 C CG  . LEU A 1 142 ? -17.796 10.056  17.650  1.00 50.31  ? 146 LEU A CG  1 
ATOM   1029 C CD1 . LEU A 1 142 ? -16.931 10.161  18.893  1.00 56.88  ? 146 LEU A CD1 1 
ATOM   1030 C CD2 . LEU A 1 142 ? -18.944 11.014  17.766  1.00 49.88  ? 146 LEU A CD2 1 
ATOM   1031 N N   . ALA A 1 143 ? -16.781 9.249   13.361  1.00 55.25  ? 147 ALA A N   1 
ATOM   1032 C CA  . ALA A 1 143 ? -16.649 9.599   11.960  1.00 58.43  ? 147 ALA A CA  1 
ATOM   1033 C C   . ALA A 1 143 ? -17.580 10.763  11.601  1.00 61.08  ? 147 ALA A C   1 
ATOM   1034 O O   . ALA A 1 143 ? -18.247 10.741  10.559  1.00 59.13  ? 147 ALA A O   1 
ATOM   1035 C CB  . ALA A 1 143 ? -16.917 8.377   11.084  1.00 58.60  ? 147 ALA A CB  1 
ATOM   1036 N N   . PHE A 1 144 ? -17.626 11.761  12.492  1.00 63.05  ? 148 PHE A N   1 
ATOM   1037 C CA  . PHE A 1 144 ? -18.347 13.033  12.283  1.00 63.85  ? 148 PHE A CA  1 
ATOM   1038 C C   . PHE A 1 144 ? -18.046 14.073  13.367  1.00 63.11  ? 148 PHE A C   1 
ATOM   1039 O O   . PHE A 1 144 ? -17.492 13.757  14.422  1.00 62.98  ? 148 PHE A O   1 
ATOM   1040 C CB  . PHE A 1 144 ? -19.870 12.836  12.118  1.00 63.54  ? 148 PHE A CB  1 
ATOM   1041 C CG  . PHE A 1 144 ? -20.593 12.466  13.387  1.00 68.01  ? 148 PHE A CG  1 
ATOM   1042 C CD1 . PHE A 1 144 ? -21.336 13.418  14.081  1.00 69.77  ? 148 PHE A CD1 1 
ATOM   1043 C CD2 . PHE A 1 144 ? -20.561 11.163  13.873  1.00 67.05  ? 148 PHE A CD2 1 
ATOM   1044 C CE1 . PHE A 1 144 ? -22.019 13.079  15.249  1.00 68.22  ? 148 PHE A CE1 1 
ATOM   1045 C CE2 . PHE A 1 144 ? -21.245 10.816  15.029  1.00 66.77  ? 148 PHE A CE2 1 
ATOM   1046 C CZ  . PHE A 1 144 ? -21.972 11.777  15.722  1.00 65.99  ? 148 PHE A CZ  1 
HETATM 1047 O O   . HOH B 2 .   ? -0.713  -7.528  -8.661  1.00 46.87  ? 1   HOH A O   1 
HETATM 1048 O O   . HOH B 2 .   ? -11.582 4.064   -7.664  1.00 55.50  ? 2   HOH A O   1 
HETATM 1049 O O   . HOH B 2 .   ? -4.111  6.096   2.258   1.00 33.86  ? 3   HOH A O   1 
HETATM 1050 O O   . HOH B 2 .   ? 7.412   9.507   -1.148  1.00 51.50  ? 4   HOH A O   1 
HETATM 1051 O O   . HOH B 2 .   ? 1.700   -10.945 4.165   1.00 41.53  ? 159 HOH A O   1 
HETATM 1052 O O   . HOH B 2 .   ? 2.292   -11.394 1.561   1.00 41.73  ? 160 HOH A O   1 
HETATM 1053 O O   . HOH B 2 .   ? -16.262 -8.340  -2.098  1.00 54.02  ? 161 HOH A O   1 
HETATM 1054 O O   . HOH B 2 .   ? -12.427 -11.049 -4.088  1.00 60.15  ? 162 HOH A O   1 
HETATM 1055 O O   . HOH B 2 .   ? -10.902 -9.035  2.278   1.00 64.95  ? 163 HOH A O   1 
HETATM 1056 O O   . HOH B 2 .   ? -9.536  -7.268  8.356   1.00 46.72  ? 164 HOH A O   1 
HETATM 1057 O O   . HOH B 2 .   ? -13.958 -0.322  3.734   1.00 51.14  ? 165 HOH A O   1 
HETATM 1058 O O   . HOH B 2 .   ? -12.993 1.595   6.282   1.00 56.97  ? 166 HOH A O   1 
HETATM 1059 O O   . HOH B 2 .   ? -9.039  8.723   11.809  1.00 68.06  ? 167 HOH A O   1 
HETATM 1060 O O   . HOH B 2 .   ? 1.582   -3.726  -12.062 1.00 76.54  ? 168 HOH A O   1 
HETATM 1061 O O   . HOH B 2 .   ? 1.955   0.426   -13.576 1.00 61.43  ? 169 HOH A O   1 
HETATM 1062 O O   . HOH B 2 .   ? 8.841   1.459   -15.496 1.00 47.08  ? 170 HOH A O   1 
HETATM 1063 O O   . HOH B 2 .   ? -14.154 -1.563  -8.325  1.00 49.23  ? 171 HOH A O   1 
HETATM 1064 O O   . HOH B 2 .   ? -15.177 -4.090  -8.076  1.00 67.68  ? 172 HOH A O   1 
HETATM 1065 O O   . HOH B 2 .   ? -5.272  7.288   -11.482 1.00 47.93  ? 173 HOH A O   1 
HETATM 1066 O O   . HOH B 2 .   ? 1.076   9.618   5.699   1.00 57.31  ? 174 HOH A O   1 
HETATM 1067 O O   . HOH B 2 .   ? -0.106  5.217   9.532   1.00 47.03  ? 175 HOH A O   1 
HETATM 1068 O O   . HOH B 2 .   ? 7.767   8.377   -5.043  1.00 45.31  ? 176 HOH A O   1 
HETATM 1069 O O   . HOH B 2 .   ? 9.978   7.010   -5.066  1.00 50.07  ? 177 HOH A O   1 
HETATM 1070 O O   . HOH B 2 .   ? 12.540  0.463   -8.617  1.00 33.86  ? 178 HOH A O   1 
HETATM 1071 O O   . HOH B 2 .   ? 12.589  -0.104  -11.718 1.00 51.19  ? 179 HOH A O   1 
HETATM 1072 O O   . HOH B 2 .   ? 9.907   -1.082  -14.630 1.00 49.05  ? 180 HOH A O   1 
HETATM 1073 O O   . HOH B 2 .   ? 14.724  -0.064  -7.062  1.00 48.77  ? 181 HOH A O   1 
HETATM 1074 O O   . HOH B 2 .   ? -13.744 11.166  17.493  1.00 49.93  ? 182 HOH A O   1 
# 
